data_1IKO
# 
_entry.id   1IKO 
# 
_audit_conform.dict_name       mmcif_pdbx.dic 
_audit_conform.dict_version    5.398 
_audit_conform.dict_location   http://mmcif.pdb.org/dictionaries/ascii/mmcif_pdbx.dic 
# 
loop_
_database_2.database_id 
_database_2.database_code 
_database_2.pdbx_database_accession 
_database_2.pdbx_DOI 
PDB   1IKO         pdb_00001iko 10.2210/pdb1iko/pdb 
RCSB  RCSB013368   ?            ?                   
WWPDB D_1000013368 ?            ?                   
# 
loop_
_pdbx_audit_revision_history.ordinal 
_pdbx_audit_revision_history.data_content_type 
_pdbx_audit_revision_history.major_revision 
_pdbx_audit_revision_history.minor_revision 
_pdbx_audit_revision_history.revision_date 
1 'Structure model' 1 0 2002-05-03 
2 'Structure model' 1 1 2008-04-27 
3 'Structure model' 1 2 2011-07-13 
4 'Structure model' 2 0 2020-07-29 
5 'Structure model' 2 1 2024-11-06 
# 
loop_
_pdbx_audit_revision_details.ordinal 
_pdbx_audit_revision_details.revision_ordinal 
_pdbx_audit_revision_details.data_content_type 
_pdbx_audit_revision_details.provider 
_pdbx_audit_revision_details.type 
_pdbx_audit_revision_details.description 
_pdbx_audit_revision_details.details 
1 1 'Structure model' repository 'Initial release' ?                          ? 
2 4 'Structure model' repository Remediation       'Carbohydrate remediation' ? 
# 
loop_
_pdbx_audit_revision_group.ordinal 
_pdbx_audit_revision_group.revision_ordinal 
_pdbx_audit_revision_group.data_content_type 
_pdbx_audit_revision_group.group 
1  2 'Structure model' 'Version format compliance' 
2  3 'Structure model' 'Non-polymer description'   
3  3 'Structure model' 'Version format compliance' 
4  4 'Structure model' Advisory                    
5  4 'Structure model' 'Atomic model'              
6  4 'Structure model' 'Data collection'           
7  4 'Structure model' 'Derived calculations'      
8  4 'Structure model' 'Structure summary'         
9  5 'Structure model' 'Data collection'           
10 5 'Structure model' 'Database references'       
11 5 'Structure model' 'Structure summary'         
# 
loop_
_pdbx_audit_revision_category.ordinal 
_pdbx_audit_revision_category.revision_ordinal 
_pdbx_audit_revision_category.data_content_type 
_pdbx_audit_revision_category.category 
1  4 'Structure model' atom_site                     
2  4 'Structure model' chem_comp                     
3  4 'Structure model' entity                        
4  4 'Structure model' pdbx_branch_scheme            
5  4 'Structure model' pdbx_chem_comp_identifier     
6  4 'Structure model' pdbx_entity_branch            
7  4 'Structure model' pdbx_entity_branch_descriptor 
8  4 'Structure model' pdbx_entity_branch_link       
9  4 'Structure model' pdbx_entity_branch_list       
10 4 'Structure model' pdbx_entity_nonpoly           
11 4 'Structure model' pdbx_nonpoly_scheme           
12 4 'Structure model' pdbx_struct_assembly_gen      
13 4 'Structure model' pdbx_struct_special_symmetry  
14 4 'Structure model' pdbx_validate_close_contact   
15 4 'Structure model' struct_asym                   
16 4 'Structure model' struct_conn                   
17 4 'Structure model' struct_site                   
18 4 'Structure model' struct_site_gen               
19 5 'Structure model' chem_comp                     
20 5 'Structure model' chem_comp_atom                
21 5 'Structure model' chem_comp_bond                
22 5 'Structure model' database_2                    
23 5 'Structure model' pdbx_entry_details            
24 5 'Structure model' pdbx_modification_feature     
# 
loop_
_pdbx_audit_revision_item.ordinal 
_pdbx_audit_revision_item.revision_ordinal 
_pdbx_audit_revision_item.data_content_type 
_pdbx_audit_revision_item.item 
1  4 'Structure model' '_atom_site.auth_asym_id'                     
2  4 'Structure model' '_atom_site.label_asym_id'                    
3  4 'Structure model' '_atom_site.label_entity_id'                  
4  4 'Structure model' '_chem_comp.name'                             
5  4 'Structure model' '_chem_comp.type'                             
6  4 'Structure model' '_pdbx_struct_assembly_gen.asym_id_list'      
7  4 'Structure model' '_pdbx_struct_special_symmetry.label_asym_id' 
8  4 'Structure model' '_pdbx_validate_close_contact.auth_asym_id_1' 
9  4 'Structure model' '_struct_conn.pdbx_leaving_atom_flag'         
10 4 'Structure model' '_struct_conn.pdbx_role'                      
11 4 'Structure model' '_struct_conn.ptnr1_auth_asym_id'             
12 4 'Structure model' '_struct_conn.ptnr1_label_asym_id'            
13 4 'Structure model' '_struct_conn.ptnr2_auth_asym_id'             
14 4 'Structure model' '_struct_conn.ptnr2_label_asym_id'            
15 5 'Structure model' '_chem_comp.pdbx_synonyms'                    
16 5 'Structure model' '_database_2.pdbx_DOI'                        
17 5 'Structure model' '_database_2.pdbx_database_accession'         
# 
_pdbx_database_status.status_code                     REL 
_pdbx_database_status.entry_id                        1IKO 
_pdbx_database_status.recvd_initial_deposition_date   2001-05-03 
_pdbx_database_status.deposit_site                    RCSB 
_pdbx_database_status.process_site                    RCSB 
_pdbx_database_status.SG_entry                        . 
_pdbx_database_status.pdb_format_compatible           Y 
_pdbx_database_status.status_code_mr                  ? 
_pdbx_database_status.status_code_sf                  ? 
_pdbx_database_status.status_code_cs                  ? 
_pdbx_database_status.status_code_nmr_data            ? 
_pdbx_database_status.methods_development_category    ? 
# 
loop_
_audit_author.name 
_audit_author.pdbx_ordinal 
'Toth, J.'       1 
'Cutforth, T.'   2 
'Gelinas, A.D.'  3 
'Bethoney, K.A.' 4 
'Bard, J.'       5 
'Harrison, C.J.' 6 
# 
_citation.id                        primary 
_citation.title                     'Crystal structure of an ephrin ectodomain.' 
_citation.journal_abbrev            Dev.Cell 
_citation.journal_volume            1 
_citation.page_first                83 
_citation.page_last                 92 
_citation.year                      2001 
_citation.journal_id_ASTM           ? 
_citation.country                   US 
_citation.journal_id_ISSN           1534-5807 
_citation.journal_id_CSD            ? 
_citation.book_publisher            ? 
_citation.pdbx_database_id_PubMed   11703926 
_citation.pdbx_database_id_DOI      '10.1016/S1534-5807(01)00002-8' 
# 
loop_
_citation_author.citation_id 
_citation_author.name 
_citation_author.ordinal 
_citation_author.identifier_ORCID 
primary 'Toth, J.'       1 ? 
primary 'Cutforth, T.'   2 ? 
primary 'Gelinas, A.D.'  3 ? 
primary 'Bethoney, K.A.' 4 ? 
primary 'Bard, J.'       5 ? 
primary 'Harrison, C.J.' 6 ? 
# 
loop_
_entity.id 
_entity.type 
_entity.src_method 
_entity.pdbx_description 
_entity.formula_weight 
_entity.pdbx_number_of_molecules 
_entity.pdbx_ec 
_entity.pdbx_mutation 
_entity.pdbx_fragment 
_entity.details 
1 polymer  man EPHRIN-B2 19898.439 1   ? ? 'ECTODOMAIN, RESIDUES 30-207' ? 
2 branched man 
'alpha-D-mannopyranose-(1-4)-2-acetamido-2-deoxy-beta-D-glucopyranose-(1-4)-2-acetamido-2-deoxy-beta-D-glucopyranose' 586.542   1 
? ? ?                             ? 
3 water    nat water 18.015    201 ? ? ?                             ? 
# 
_entity_name_com.entity_id   1 
_entity_name_com.name        'EPH-RELATED RECEPTOR TYROSINE KINASE LIGAND 5, LERK-5, HTK LIGAND, HTK-L, ELF-2' 
# 
_entity_poly.entity_id                      1 
_entity_poly.type                           'polypeptide(L)' 
_entity_poly.nstd_linkage                   no 
_entity_poly.nstd_monomer                   no 
_entity_poly.pdbx_seq_one_letter_code       
;SIVLEPIYWNSSNSKFLPGQGLVLYPQIGDKLDIICPKVDSKTVGQYEYYKVYMVDKDQADRCTIKKENTPLLNCARPDQ
DVKFTIKFQEFSPNLWGLEFQKNKDYYIISTSNGSLEGLDNQEGGVCQTRAMKILMKVGQDASSAGSARNHGPTRRPELE
AGTNGRSSTTSPFVKPNP
;
_entity_poly.pdbx_seq_one_letter_code_can   
;SIVLEPIYWNSSNSKFLPGQGLVLYPQIGDKLDIICPKVDSKTVGQYEYYKVYMVDKDQADRCTIKKENTPLLNCARPDQ
DVKFTIKFQEFSPNLWGLEFQKNKDYYIISTSNGSLEGLDNQEGGVCQTRAMKILMKVGQDASSAGSARNHGPTRRPELE
AGTNGRSSTTSPFVKPNP
;
_entity_poly.pdbx_strand_id                 P 
_entity_poly.pdbx_target_identifier         ? 
# 
_pdbx_entity_nonpoly.entity_id   3 
_pdbx_entity_nonpoly.name        water 
_pdbx_entity_nonpoly.comp_id     HOH 
# 
loop_
_entity_poly_seq.entity_id 
_entity_poly_seq.num 
_entity_poly_seq.mon_id 
_entity_poly_seq.hetero 
1 1   SER n 
1 2   ILE n 
1 3   VAL n 
1 4   LEU n 
1 5   GLU n 
1 6   PRO n 
1 7   ILE n 
1 8   TYR n 
1 9   TRP n 
1 10  ASN n 
1 11  SER n 
1 12  SER n 
1 13  ASN n 
1 14  SER n 
1 15  LYS n 
1 16  PHE n 
1 17  LEU n 
1 18  PRO n 
1 19  GLY n 
1 20  GLN n 
1 21  GLY n 
1 22  LEU n 
1 23  VAL n 
1 24  LEU n 
1 25  TYR n 
1 26  PRO n 
1 27  GLN n 
1 28  ILE n 
1 29  GLY n 
1 30  ASP n 
1 31  LYS n 
1 32  LEU n 
1 33  ASP n 
1 34  ILE n 
1 35  ILE n 
1 36  CYS n 
1 37  PRO n 
1 38  LYS n 
1 39  VAL n 
1 40  ASP n 
1 41  SER n 
1 42  LYS n 
1 43  THR n 
1 44  VAL n 
1 45  GLY n 
1 46  GLN n 
1 47  TYR n 
1 48  GLU n 
1 49  TYR n 
1 50  TYR n 
1 51  LYS n 
1 52  VAL n 
1 53  TYR n 
1 54  MET n 
1 55  VAL n 
1 56  ASP n 
1 57  LYS n 
1 58  ASP n 
1 59  GLN n 
1 60  ALA n 
1 61  ASP n 
1 62  ARG n 
1 63  CYS n 
1 64  THR n 
1 65  ILE n 
1 66  LYS n 
1 67  LYS n 
1 68  GLU n 
1 69  ASN n 
1 70  THR n 
1 71  PRO n 
1 72  LEU n 
1 73  LEU n 
1 74  ASN n 
1 75  CYS n 
1 76  ALA n 
1 77  ARG n 
1 78  PRO n 
1 79  ASP n 
1 80  GLN n 
1 81  ASP n 
1 82  VAL n 
1 83  LYS n 
1 84  PHE n 
1 85  THR n 
1 86  ILE n 
1 87  LYS n 
1 88  PHE n 
1 89  GLN n 
1 90  GLU n 
1 91  PHE n 
1 92  SER n 
1 93  PRO n 
1 94  ASN n 
1 95  LEU n 
1 96  TRP n 
1 97  GLY n 
1 98  LEU n 
1 99  GLU n 
1 100 PHE n 
1 101 GLN n 
1 102 LYS n 
1 103 ASN n 
1 104 LYS n 
1 105 ASP n 
1 106 TYR n 
1 107 TYR n 
1 108 ILE n 
1 109 ILE n 
1 110 SER n 
1 111 THR n 
1 112 SER n 
1 113 ASN n 
1 114 GLY n 
1 115 SER n 
1 116 LEU n 
1 117 GLU n 
1 118 GLY n 
1 119 LEU n 
1 120 ASP n 
1 121 ASN n 
1 122 GLN n 
1 123 GLU n 
1 124 GLY n 
1 125 GLY n 
1 126 VAL n 
1 127 CYS n 
1 128 GLN n 
1 129 THR n 
1 130 ARG n 
1 131 ALA n 
1 132 MET n 
1 133 LYS n 
1 134 ILE n 
1 135 LEU n 
1 136 MET n 
1 137 LYS n 
1 138 VAL n 
1 139 GLY n 
1 140 GLN n 
1 141 ASP n 
1 142 ALA n 
1 143 SER n 
1 144 SER n 
1 145 ALA n 
1 146 GLY n 
1 147 SER n 
1 148 ALA n 
1 149 ARG n 
1 150 ASN n 
1 151 HIS n 
1 152 GLY n 
1 153 PRO n 
1 154 THR n 
1 155 ARG n 
1 156 ARG n 
1 157 PRO n 
1 158 GLU n 
1 159 LEU n 
1 160 GLU n 
1 161 ALA n 
1 162 GLY n 
1 163 THR n 
1 164 ASN n 
1 165 GLY n 
1 166 ARG n 
1 167 SER n 
1 168 SER n 
1 169 THR n 
1 170 THR n 
1 171 SER n 
1 172 PRO n 
1 173 PHE n 
1 174 VAL n 
1 175 LYS n 
1 176 PRO n 
1 177 ASN n 
1 178 PRO n 
# 
_entity_src_gen.entity_id                          1 
_entity_src_gen.pdbx_src_id                        1 
_entity_src_gen.pdbx_alt_source_flag               sample 
_entity_src_gen.pdbx_seq_type                      ? 
_entity_src_gen.pdbx_beg_seq_num                   ? 
_entity_src_gen.pdbx_end_seq_num                   ? 
_entity_src_gen.gene_src_common_name               'house mouse' 
_entity_src_gen.gene_src_genus                     Mus 
_entity_src_gen.pdbx_gene_src_gene                 ephrin-B2 
_entity_src_gen.gene_src_species                   ? 
_entity_src_gen.gene_src_strain                    ? 
_entity_src_gen.gene_src_tissue                    ? 
_entity_src_gen.gene_src_tissue_fraction           ? 
_entity_src_gen.gene_src_details                   ? 
_entity_src_gen.pdbx_gene_src_fragment             ? 
_entity_src_gen.pdbx_gene_src_scientific_name      'Mus musculus' 
_entity_src_gen.pdbx_gene_src_ncbi_taxonomy_id     10090 
_entity_src_gen.pdbx_gene_src_variant              ? 
_entity_src_gen.pdbx_gene_src_cell_line            ? 
_entity_src_gen.pdbx_gene_src_atcc                 ? 
_entity_src_gen.pdbx_gene_src_organ                ? 
_entity_src_gen.pdbx_gene_src_organelle            ? 
_entity_src_gen.pdbx_gene_src_cell                 ? 
_entity_src_gen.pdbx_gene_src_cellular_location    ? 
_entity_src_gen.host_org_common_name               ? 
_entity_src_gen.pdbx_host_org_scientific_name      'Pichia pastoris' 
_entity_src_gen.pdbx_host_org_ncbi_taxonomy_id     4922 
_entity_src_gen.host_org_genus                     Pichia 
_entity_src_gen.pdbx_host_org_gene                 ? 
_entity_src_gen.pdbx_host_org_organ                ? 
_entity_src_gen.host_org_species                   ? 
_entity_src_gen.pdbx_host_org_tissue               ? 
_entity_src_gen.pdbx_host_org_tissue_fraction      ? 
_entity_src_gen.pdbx_host_org_strain               ? 
_entity_src_gen.pdbx_host_org_variant              ? 
_entity_src_gen.pdbx_host_org_cell_line            ? 
_entity_src_gen.pdbx_host_org_atcc                 ? 
_entity_src_gen.pdbx_host_org_culture_collection   ? 
_entity_src_gen.pdbx_host_org_cell                 ? 
_entity_src_gen.pdbx_host_org_organelle            ? 
_entity_src_gen.pdbx_host_org_cellular_location    ? 
_entity_src_gen.pdbx_host_org_vector_type          ? 
_entity_src_gen.pdbx_host_org_vector               plasmid 
_entity_src_gen.host_org_details                   ? 
_entity_src_gen.expression_system_id               ? 
_entity_src_gen.plasmid_name                       PIC-Zalpha 
_entity_src_gen.plasmid_details                    ? 
_entity_src_gen.pdbx_description                   ? 
# 
_pdbx_entity_branch.entity_id   2 
_pdbx_entity_branch.type        oligosaccharide 
# 
loop_
_pdbx_entity_branch_descriptor.ordinal 
_pdbx_entity_branch_descriptor.entity_id 
_pdbx_entity_branch_descriptor.descriptor 
_pdbx_entity_branch_descriptor.type 
_pdbx_entity_branch_descriptor.program 
_pdbx_entity_branch_descriptor.program_version 
1 2 DManpa1-4DGlcpNAcb1-4DGlcpNAcb1-                                             'Glycam Condensed Sequence' GMML       1.0   
2 2 'WURCS=2.0/2,3,2/[a2122h-1b_1-5_2*NCC/3=O][a1122h-1a_1-5]/1-1-2/a4-b1_b4-c1' WURCS                       PDB2Glycan 1.1.0 
3 2 '[]{[(4+1)][b-D-GlcpNAc]{[(4+1)][b-D-GlcpNAc]{[(4+1)][a-D-Manp]{}}}}'        LINUCS                      PDB-CARE   ?     
# 
loop_
_pdbx_entity_branch_link.link_id 
_pdbx_entity_branch_link.entity_id 
_pdbx_entity_branch_link.entity_branch_list_num_1 
_pdbx_entity_branch_link.comp_id_1 
_pdbx_entity_branch_link.atom_id_1 
_pdbx_entity_branch_link.leaving_atom_id_1 
_pdbx_entity_branch_link.entity_branch_list_num_2 
_pdbx_entity_branch_link.comp_id_2 
_pdbx_entity_branch_link.atom_id_2 
_pdbx_entity_branch_link.leaving_atom_id_2 
_pdbx_entity_branch_link.value_order 
_pdbx_entity_branch_link.details 
1 2 2 NAG C1 O1 1 NAG O4 HO4 sing ? 
2 2 3 MAN C1 O1 2 NAG O4 HO4 sing ? 
# 
loop_
_chem_comp.id 
_chem_comp.type 
_chem_comp.mon_nstd_flag 
_chem_comp.name 
_chem_comp.pdbx_synonyms 
_chem_comp.formula 
_chem_comp.formula_weight 
ALA 'L-peptide linking'           y ALANINE                                  ? 'C3 H7 N O2'     89.093  
ARG 'L-peptide linking'           y ARGININE                                 ? 'C6 H15 N4 O2 1' 175.209 
ASN 'L-peptide linking'           y ASPARAGINE                               ? 'C4 H8 N2 O3'    132.118 
ASP 'L-peptide linking'           y 'ASPARTIC ACID'                          ? 'C4 H7 N O4'     133.103 
CYS 'L-peptide linking'           y CYSTEINE                                 ? 'C3 H7 N O2 S'   121.158 
GLN 'L-peptide linking'           y GLUTAMINE                                ? 'C5 H10 N2 O3'   146.144 
GLU 'L-peptide linking'           y 'GLUTAMIC ACID'                          ? 'C5 H9 N O4'     147.129 
GLY 'peptide linking'             y GLYCINE                                  ? 'C2 H5 N O2'     75.067  
HIS 'L-peptide linking'           y HISTIDINE                                ? 'C6 H10 N3 O2 1' 156.162 
HOH non-polymer                   . WATER                                    ? 'H2 O'           18.015  
ILE 'L-peptide linking'           y ISOLEUCINE                               ? 'C6 H13 N O2'    131.173 
LEU 'L-peptide linking'           y LEUCINE                                  ? 'C6 H13 N O2'    131.173 
LYS 'L-peptide linking'           y LYSINE                                   ? 'C6 H15 N2 O2 1' 147.195 
MAN 'D-saccharide, alpha linking' . alpha-D-mannopyranose                    'alpha-D-mannose; D-mannose; mannose' 'C6 H12 O6' 
180.156 
MET 'L-peptide linking'           y METHIONINE                               ? 'C5 H11 N O2 S'  149.211 
NAG 'D-saccharide, beta linking'  . 2-acetamido-2-deoxy-beta-D-glucopyranose 
;N-acetyl-beta-D-glucosamine; 2-acetamido-2-deoxy-beta-D-glucose; 2-acetamido-2-deoxy-D-glucose; 2-acetamido-2-deoxy-glucose; N-ACETYL-D-GLUCOSAMINE
;
'C8 H15 N O6'    221.208 
PHE 'L-peptide linking'           y PHENYLALANINE                            ? 'C9 H11 N O2'    165.189 
PRO 'L-peptide linking'           y PROLINE                                  ? 'C5 H9 N O2'     115.130 
SER 'L-peptide linking'           y SERINE                                   ? 'C3 H7 N O3'     105.093 
THR 'L-peptide linking'           y THREONINE                                ? 'C4 H9 N O3'     119.119 
TRP 'L-peptide linking'           y TRYPTOPHAN                               ? 'C11 H12 N2 O2'  204.225 
TYR 'L-peptide linking'           y TYROSINE                                 ? 'C9 H11 N O3'    181.189 
VAL 'L-peptide linking'           y VALINE                                   ? 'C5 H11 N O2'    117.146 
# 
loop_
_pdbx_chem_comp_identifier.comp_id 
_pdbx_chem_comp_identifier.type 
_pdbx_chem_comp_identifier.program 
_pdbx_chem_comp_identifier.program_version 
_pdbx_chem_comp_identifier.identifier 
MAN 'CONDENSED IUPAC CARBOHYDRATE SYMBOL' GMML     1.0 DManpa                         
MAN 'COMMON NAME'                         GMML     1.0 a-D-mannopyranose              
MAN 'IUPAC CARBOHYDRATE SYMBOL'           PDB-CARE 1.0 a-D-Manp                       
MAN 'SNFG CARBOHYDRATE SYMBOL'            GMML     1.0 Man                            
NAG 'CONDENSED IUPAC CARBOHYDRATE SYMBOL' GMML     1.0 DGlcpNAcb                      
NAG 'COMMON NAME'                         GMML     1.0 N-acetyl-b-D-glucopyranosamine 
NAG 'IUPAC CARBOHYDRATE SYMBOL'           PDB-CARE 1.0 b-D-GlcpNAc                    
NAG 'SNFG CARBOHYDRATE SYMBOL'            GMML     1.0 GlcNAc                         
# 
loop_
_pdbx_poly_seq_scheme.asym_id 
_pdbx_poly_seq_scheme.entity_id 
_pdbx_poly_seq_scheme.seq_id 
_pdbx_poly_seq_scheme.mon_id 
_pdbx_poly_seq_scheme.ndb_seq_num 
_pdbx_poly_seq_scheme.pdb_seq_num 
_pdbx_poly_seq_scheme.auth_seq_num 
_pdbx_poly_seq_scheme.pdb_mon_id 
_pdbx_poly_seq_scheme.auth_mon_id 
_pdbx_poly_seq_scheme.pdb_strand_id 
_pdbx_poly_seq_scheme.pdb_ins_code 
_pdbx_poly_seq_scheme.hetero 
A 1 1   SER 1   30  30  SER SER P . n 
A 1 2   ILE 2   31  31  ILE ILE P . n 
A 1 3   VAL 3   32  32  VAL VAL P . n 
A 1 4   LEU 4   33  33  LEU LEU P . n 
A 1 5   GLU 5   34  34  GLU GLU P . n 
A 1 6   PRO 6   35  35  PRO PRO P . n 
A 1 7   ILE 7   36  36  ILE ILE P . n 
A 1 8   TYR 8   37  37  TYR TYR P . n 
A 1 9   TRP 9   38  38  TRP TRP P . n 
A 1 10  ASN 10  39  39  ASN ASN P . n 
A 1 11  SER 11  40  40  SER SER P . n 
A 1 12  SER 12  41  41  SER SER P . n 
A 1 13  ASN 13  42  42  ASN ASN P . n 
A 1 14  SER 14  43  43  SER SER P . n 
A 1 15  LYS 15  44  44  LYS LYS P . n 
A 1 16  PHE 16  45  45  PHE PHE P . n 
A 1 17  LEU 17  46  46  LEU LEU P . n 
A 1 18  PRO 18  47  47  PRO PRO P . n 
A 1 19  GLY 19  48  48  GLY GLY P . n 
A 1 20  GLN 20  49  49  GLN GLN P . n 
A 1 21  GLY 21  50  50  GLY GLY P . n 
A 1 22  LEU 22  51  51  LEU LEU P . n 
A 1 23  VAL 23  52  52  VAL VAL P . n 
A 1 24  LEU 24  53  53  LEU LEU P . n 
A 1 25  TYR 25  54  54  TYR TYR P . n 
A 1 26  PRO 26  55  55  PRO PRO P . n 
A 1 27  GLN 27  56  56  GLN GLN P . n 
A 1 28  ILE 28  57  57  ILE ILE P . n 
A 1 29  GLY 29  58  58  GLY GLY P . n 
A 1 30  ASP 30  59  59  ASP ASP P . n 
A 1 31  LYS 31  60  60  LYS LYS P . n 
A 1 32  LEU 32  61  61  LEU LEU P . n 
A 1 33  ASP 33  62  62  ASP ASP P . n 
A 1 34  ILE 34  63  63  ILE ILE P . n 
A 1 35  ILE 35  64  64  ILE ILE P . n 
A 1 36  CYS 36  65  65  CYS CYS P . n 
A 1 37  PRO 37  66  66  PRO PRO P . n 
A 1 38  LYS 38  67  67  LYS LYS P . n 
A 1 39  VAL 39  68  68  VAL VAL P . n 
A 1 40  ASP 40  69  69  ASP ASP P . n 
A 1 41  SER 41  70  70  SER SER P . n 
A 1 42  LYS 42  71  71  LYS LYS P . n 
A 1 43  THR 43  72  72  THR THR P . n 
A 1 44  VAL 44  73  73  VAL VAL P . n 
A 1 45  GLY 45  74  74  GLY GLY P . n 
A 1 46  GLN 46  75  75  GLN GLN P . n 
A 1 47  TYR 47  76  76  TYR TYR P . n 
A 1 48  GLU 48  77  77  GLU GLU P . n 
A 1 49  TYR 49  78  78  TYR TYR P . n 
A 1 50  TYR 50  79  79  TYR TYR P . n 
A 1 51  LYS 51  80  80  LYS LYS P . n 
A 1 52  VAL 52  81  81  VAL VAL P . n 
A 1 53  TYR 53  82  82  TYR TYR P . n 
A 1 54  MET 54  83  83  MET MET P . n 
A 1 55  VAL 55  84  84  VAL VAL P . n 
A 1 56  ASP 56  85  85  ASP ASP P . n 
A 1 57  LYS 57  86  86  LYS LYS P . n 
A 1 58  ASP 58  87  87  ASP ASP P . n 
A 1 59  GLN 59  88  88  GLN GLN P . n 
A 1 60  ALA 60  89  89  ALA ALA P . n 
A 1 61  ASP 61  90  90  ASP ASP P . n 
A 1 62  ARG 62  91  91  ARG ARG P . n 
A 1 63  CYS 63  92  92  CYS CYS P . n 
A 1 64  THR 64  93  93  THR THR P . n 
A 1 65  ILE 65  94  94  ILE ILE P . n 
A 1 66  LYS 66  95  95  LYS LYS P . n 
A 1 67  LYS 67  96  96  LYS LYS P . n 
A 1 68  GLU 68  97  97  GLU GLU P . n 
A 1 69  ASN 69  98  98  ASN ASN P . n 
A 1 70  THR 70  99  99  THR THR P . n 
A 1 71  PRO 71  100 100 PRO PRO P . n 
A 1 72  LEU 72  101 101 LEU LEU P . n 
A 1 73  LEU 73  102 102 LEU LEU P . n 
A 1 74  ASN 74  103 103 ASN ASN P . n 
A 1 75  CYS 75  104 104 CYS CYS P . n 
A 1 76  ALA 76  105 105 ALA ALA P . n 
A 1 77  ARG 77  106 106 ARG ARG P . n 
A 1 78  PRO 78  107 107 PRO PRO P . n 
A 1 79  ASP 79  108 108 ASP ASP P . n 
A 1 80  GLN 80  109 109 GLN GLN P . n 
A 1 81  ASP 81  110 110 ASP ASP P . n 
A 1 82  VAL 82  111 111 VAL VAL P . n 
A 1 83  LYS 83  112 112 LYS LYS P . n 
A 1 84  PHE 84  113 113 PHE PHE P . n 
A 1 85  THR 85  114 114 THR THR P . n 
A 1 86  ILE 86  115 115 ILE ILE P . n 
A 1 87  LYS 87  116 116 LYS LYS P . n 
A 1 88  PHE 88  117 117 PHE PHE P . n 
A 1 89  GLN 89  118 118 GLN GLN P . n 
A 1 90  GLU 90  119 119 GLU GLU P . n 
A 1 91  PHE 91  120 120 PHE PHE P . n 
A 1 92  SER 92  121 121 SER SER P . n 
A 1 93  PRO 93  122 122 PRO PRO P . n 
A 1 94  ASN 94  123 123 ASN ASN P . n 
A 1 95  LEU 95  124 124 LEU LEU P . n 
A 1 96  TRP 96  125 125 TRP TRP P . n 
A 1 97  GLY 97  126 126 GLY GLY P . n 
A 1 98  LEU 98  127 127 LEU LEU P . n 
A 1 99  GLU 99  128 128 GLU GLU P . n 
A 1 100 PHE 100 129 129 PHE PHE P . n 
A 1 101 GLN 101 130 130 GLN GLN P . n 
A 1 102 LYS 102 131 131 LYS LYS P . n 
A 1 103 ASN 103 132 132 ASN ASN P . n 
A 1 104 LYS 104 133 133 LYS LYS P . n 
A 1 105 ASP 105 134 134 ASP ASP P . n 
A 1 106 TYR 106 135 135 TYR TYR P . n 
A 1 107 TYR 107 136 136 TYR TYR P . n 
A 1 108 ILE 108 137 137 ILE ILE P . n 
A 1 109 ILE 109 138 138 ILE ILE P . n 
A 1 110 SER 110 139 139 SER SER P . n 
A 1 111 THR 111 140 140 THR THR P . n 
A 1 112 SER 112 141 141 SER SER P . n 
A 1 113 ASN 113 142 142 ASN ASN P . n 
A 1 114 GLY 114 143 143 GLY GLY P . n 
A 1 115 SER 115 144 144 SER SER P . n 
A 1 116 LEU 116 145 145 LEU LEU P . n 
A 1 117 GLU 117 146 146 GLU GLU P . n 
A 1 118 GLY 118 147 147 GLY GLY P . n 
A 1 119 LEU 119 148 148 LEU LEU P . n 
A 1 120 ASP 120 149 149 ASP ASP P . n 
A 1 121 ASN 121 150 150 ASN ASN P . n 
A 1 122 GLN 122 151 151 GLN GLN P . n 
A 1 123 GLU 123 152 152 GLU GLU P . n 
A 1 124 GLY 124 153 153 GLY GLY P . n 
A 1 125 GLY 125 154 154 GLY GLY P . n 
A 1 126 VAL 126 155 155 VAL VAL P . n 
A 1 127 CYS 127 156 156 CYS CYS P . n 
A 1 128 GLN 128 157 157 GLN GLN P . n 
A 1 129 THR 129 158 158 THR THR P . n 
A 1 130 ARG 130 159 159 ARG ARG P . n 
A 1 131 ALA 131 160 160 ALA ALA P . n 
A 1 132 MET 132 161 161 MET MET P . n 
A 1 133 LYS 133 162 162 LYS LYS P . n 
A 1 134 ILE 134 163 163 ILE ILE P . n 
A 1 135 LEU 135 164 164 LEU LEU P . n 
A 1 136 MET 136 165 165 MET MET P . n 
A 1 137 LYS 137 166 166 LYS LYS P . n 
A 1 138 VAL 138 167 167 VAL VAL P . n 
A 1 139 GLY 139 168 168 GLY GLY P . n 
A 1 140 GLN 140 169 169 GLN GLN P . n 
A 1 141 ASP 141 170 170 ASP ASP P . n 
A 1 142 ALA 142 171 ?   ?   ?   P . n 
A 1 143 SER 143 172 ?   ?   ?   P . n 
A 1 144 SER 144 173 ?   ?   ?   P . n 
A 1 145 ALA 145 174 ?   ?   ?   P . n 
A 1 146 GLY 146 175 ?   ?   ?   P . n 
A 1 147 SER 147 176 ?   ?   ?   P . n 
A 1 148 ALA 148 177 ?   ?   ?   P . n 
A 1 149 ARG 149 178 ?   ?   ?   P . n 
A 1 150 ASN 150 179 ?   ?   ?   P . n 
A 1 151 HIS 151 180 ?   ?   ?   P . n 
A 1 152 GLY 152 181 ?   ?   ?   P . n 
A 1 153 PRO 153 182 ?   ?   ?   P . n 
A 1 154 THR 154 183 ?   ?   ?   P . n 
A 1 155 ARG 155 184 ?   ?   ?   P . n 
A 1 156 ARG 156 185 ?   ?   ?   P . n 
A 1 157 PRO 157 186 ?   ?   ?   P . n 
A 1 158 GLU 158 187 ?   ?   ?   P . n 
A 1 159 LEU 159 188 ?   ?   ?   P . n 
A 1 160 GLU 160 189 ?   ?   ?   P . n 
A 1 161 ALA 161 190 ?   ?   ?   P . n 
A 1 162 GLY 162 191 ?   ?   ?   P . n 
A 1 163 THR 163 192 ?   ?   ?   P . n 
A 1 164 ASN 164 193 ?   ?   ?   P . n 
A 1 165 GLY 165 194 ?   ?   ?   P . n 
A 1 166 ARG 166 195 ?   ?   ?   P . n 
A 1 167 SER 167 196 ?   ?   ?   P . n 
A 1 168 SER 168 197 ?   ?   ?   P . n 
A 1 169 THR 169 198 ?   ?   ?   P . n 
A 1 170 THR 170 199 ?   ?   ?   P . n 
A 1 171 SER 171 200 ?   ?   ?   P . n 
A 1 172 PRO 172 201 ?   ?   ?   P . n 
A 1 173 PHE 173 202 ?   ?   ?   P . n 
A 1 174 VAL 174 203 ?   ?   ?   P . n 
A 1 175 LYS 175 204 ?   ?   ?   P . n 
A 1 176 PRO 176 205 ?   ?   ?   P . n 
A 1 177 ASN 177 206 ?   ?   ?   P . n 
A 1 178 PRO 178 207 ?   ?   ?   P . n 
# 
loop_
_pdbx_branch_scheme.asym_id 
_pdbx_branch_scheme.entity_id 
_pdbx_branch_scheme.mon_id 
_pdbx_branch_scheme.num 
_pdbx_branch_scheme.pdb_asym_id 
_pdbx_branch_scheme.pdb_mon_id 
_pdbx_branch_scheme.pdb_seq_num 
_pdbx_branch_scheme.auth_asym_id 
_pdbx_branch_scheme.auth_mon_id 
_pdbx_branch_scheme.auth_seq_num 
_pdbx_branch_scheme.hetero 
B 2 NAG 1 A NAG 1 A NAG 1 n 
B 2 NAG 2 A NAG 2 A NAG 2 n 
B 2 MAN 3 A MAN 3 A MAN 3 n 
# 
loop_
_pdbx_nonpoly_scheme.asym_id 
_pdbx_nonpoly_scheme.entity_id 
_pdbx_nonpoly_scheme.mon_id 
_pdbx_nonpoly_scheme.ndb_seq_num 
_pdbx_nonpoly_scheme.pdb_seq_num 
_pdbx_nonpoly_scheme.auth_seq_num 
_pdbx_nonpoly_scheme.pdb_mon_id 
_pdbx_nonpoly_scheme.auth_mon_id 
_pdbx_nonpoly_scheme.pdb_strand_id 
_pdbx_nonpoly_scheme.pdb_ins_code 
C 3 HOH 1   208 1   HOH WAT P . 
C 3 HOH 2   209 2   HOH WAT P . 
C 3 HOH 3   210 3   HOH WAT P . 
C 3 HOH 4   211 4   HOH WAT P . 
C 3 HOH 5   212 5   HOH WAT P . 
C 3 HOH 6   213 6   HOH WAT P . 
C 3 HOH 7   214 7   HOH WAT P . 
C 3 HOH 8   215 8   HOH WAT P . 
C 3 HOH 9   216 9   HOH WAT P . 
C 3 HOH 10  217 10  HOH WAT P . 
C 3 HOH 11  218 11  HOH WAT P . 
C 3 HOH 12  219 12  HOH WAT P . 
C 3 HOH 13  220 13  HOH WAT P . 
C 3 HOH 14  221 14  HOH WAT P . 
C 3 HOH 15  222 15  HOH WAT P . 
C 3 HOH 16  223 16  HOH WAT P . 
C 3 HOH 17  224 17  HOH WAT P . 
C 3 HOH 18  225 18  HOH WAT P . 
C 3 HOH 19  226 19  HOH WAT P . 
C 3 HOH 20  227 20  HOH WAT P . 
C 3 HOH 21  228 21  HOH WAT P . 
C 3 HOH 22  229 22  HOH WAT P . 
C 3 HOH 23  230 23  HOH WAT P . 
C 3 HOH 24  231 24  HOH WAT P . 
C 3 HOH 25  232 25  HOH WAT P . 
C 3 HOH 26  233 26  HOH WAT P . 
C 3 HOH 27  234 27  HOH WAT P . 
C 3 HOH 28  235 28  HOH WAT P . 
C 3 HOH 29  236 29  HOH WAT P . 
C 3 HOH 30  237 30  HOH WAT P . 
C 3 HOH 31  238 31  HOH WAT P . 
C 3 HOH 32  239 32  HOH WAT P . 
C 3 HOH 33  240 33  HOH WAT P . 
C 3 HOH 34  241 34  HOH WAT P . 
C 3 HOH 35  242 35  HOH WAT P . 
C 3 HOH 36  243 36  HOH WAT P . 
C 3 HOH 37  244 37  HOH WAT P . 
C 3 HOH 38  245 38  HOH WAT P . 
C 3 HOH 39  246 39  HOH WAT P . 
C 3 HOH 40  247 40  HOH WAT P . 
C 3 HOH 41  248 41  HOH WAT P . 
C 3 HOH 42  249 42  HOH WAT P . 
C 3 HOH 43  250 43  HOH WAT P . 
C 3 HOH 44  251 44  HOH WAT P . 
C 3 HOH 45  252 45  HOH WAT P . 
C 3 HOH 46  253 46  HOH WAT P . 
C 3 HOH 47  254 47  HOH WAT P . 
C 3 HOH 48  255 48  HOH WAT P . 
C 3 HOH 49  256 49  HOH WAT P . 
C 3 HOH 50  257 50  HOH WAT P . 
C 3 HOH 51  258 51  HOH WAT P . 
C 3 HOH 52  259 52  HOH WAT P . 
C 3 HOH 53  260 53  HOH WAT P . 
C 3 HOH 54  261 54  HOH WAT P . 
C 3 HOH 55  262 55  HOH WAT P . 
C 3 HOH 56  263 56  HOH WAT P . 
C 3 HOH 57  264 57  HOH WAT P . 
C 3 HOH 58  265 58  HOH WAT P . 
C 3 HOH 59  266 59  HOH WAT P . 
C 3 HOH 60  267 60  HOH WAT P . 
C 3 HOH 61  268 61  HOH WAT P . 
C 3 HOH 62  269 62  HOH WAT P . 
C 3 HOH 63  270 63  HOH WAT P . 
C 3 HOH 64  271 64  HOH WAT P . 
C 3 HOH 65  272 65  HOH WAT P . 
C 3 HOH 66  273 66  HOH WAT P . 
C 3 HOH 67  274 67  HOH WAT P . 
C 3 HOH 68  275 68  HOH WAT P . 
C 3 HOH 69  276 69  HOH WAT P . 
C 3 HOH 70  277 70  HOH WAT P . 
C 3 HOH 71  278 71  HOH WAT P . 
C 3 HOH 72  279 72  HOH WAT P . 
C 3 HOH 73  280 73  HOH WAT P . 
C 3 HOH 74  281 74  HOH WAT P . 
C 3 HOH 75  282 75  HOH WAT P . 
C 3 HOH 76  283 76  HOH WAT P . 
C 3 HOH 77  284 77  HOH WAT P . 
C 3 HOH 78  285 78  HOH WAT P . 
C 3 HOH 79  286 79  HOH WAT P . 
C 3 HOH 80  287 80  HOH WAT P . 
C 3 HOH 81  288 81  HOH WAT P . 
C 3 HOH 82  289 82  HOH WAT P . 
C 3 HOH 83  290 83  HOH WAT P . 
C 3 HOH 84  291 84  HOH WAT P . 
C 3 HOH 85  292 85  HOH WAT P . 
C 3 HOH 86  293 86  HOH WAT P . 
C 3 HOH 87  294 87  HOH WAT P . 
C 3 HOH 88  295 88  HOH WAT P . 
C 3 HOH 89  296 89  HOH WAT P . 
C 3 HOH 90  297 90  HOH WAT P . 
C 3 HOH 91  298 91  HOH WAT P . 
C 3 HOH 92  299 92  HOH WAT P . 
C 3 HOH 93  300 93  HOH WAT P . 
C 3 HOH 94  301 94  HOH WAT P . 
C 3 HOH 95  302 95  HOH WAT P . 
C 3 HOH 96  303 96  HOH WAT P . 
C 3 HOH 97  304 97  HOH WAT P . 
C 3 HOH 98  305 98  HOH WAT P . 
C 3 HOH 99  306 99  HOH WAT P . 
C 3 HOH 100 307 100 HOH WAT P . 
C 3 HOH 101 308 101 HOH WAT P . 
C 3 HOH 102 309 102 HOH WAT P . 
C 3 HOH 103 310 103 HOH WAT P . 
C 3 HOH 104 311 104 HOH WAT P . 
C 3 HOH 105 312 105 HOH WAT P . 
C 3 HOH 106 313 106 HOH WAT P . 
C 3 HOH 107 314 107 HOH WAT P . 
C 3 HOH 108 315 108 HOH WAT P . 
C 3 HOH 109 316 109 HOH WAT P . 
C 3 HOH 110 317 110 HOH WAT P . 
C 3 HOH 111 318 111 HOH WAT P . 
C 3 HOH 112 319 112 HOH WAT P . 
C 3 HOH 113 320 113 HOH WAT P . 
C 3 HOH 114 321 115 HOH WAT P . 
C 3 HOH 115 322 116 HOH WAT P . 
C 3 HOH 116 323 117 HOH WAT P . 
C 3 HOH 117 324 118 HOH WAT P . 
C 3 HOH 118 325 119 HOH WAT P . 
C 3 HOH 119 326 120 HOH WAT P . 
C 3 HOH 120 327 121 HOH WAT P . 
C 3 HOH 121 328 122 HOH WAT P . 
C 3 HOH 122 329 123 HOH WAT P . 
C 3 HOH 123 330 124 HOH WAT P . 
C 3 HOH 124 331 125 HOH WAT P . 
C 3 HOH 125 332 126 HOH WAT P . 
C 3 HOH 126 333 127 HOH WAT P . 
C 3 HOH 127 334 128 HOH WAT P . 
C 3 HOH 128 335 129 HOH WAT P . 
C 3 HOH 129 336 130 HOH WAT P . 
C 3 HOH 130 337 131 HOH WAT P . 
C 3 HOH 131 338 132 HOH WAT P . 
C 3 HOH 132 339 133 HOH WAT P . 
C 3 HOH 133 340 134 HOH WAT P . 
C 3 HOH 134 341 135 HOH WAT P . 
C 3 HOH 135 342 136 HOH WAT P . 
C 3 HOH 136 343 137 HOH WAT P . 
C 3 HOH 137 344 138 HOH WAT P . 
C 3 HOH 138 345 139 HOH WAT P . 
C 3 HOH 139 346 140 HOH WAT P . 
C 3 HOH 140 347 141 HOH WAT P . 
C 3 HOH 141 348 142 HOH WAT P . 
C 3 HOH 142 349 143 HOH WAT P . 
C 3 HOH 143 350 144 HOH WAT P . 
C 3 HOH 144 351 145 HOH WAT P . 
C 3 HOH 145 352 146 HOH WAT P . 
C 3 HOH 146 353 147 HOH WAT P . 
C 3 HOH 147 354 148 HOH WAT P . 
C 3 HOH 148 355 149 HOH WAT P . 
C 3 HOH 149 356 150 HOH WAT P . 
C 3 HOH 150 357 151 HOH WAT P . 
C 3 HOH 151 358 152 HOH WAT P . 
C 3 HOH 152 359 153 HOH WAT P . 
C 3 HOH 153 360 154 HOH WAT P . 
C 3 HOH 154 361 155 HOH WAT P . 
C 3 HOH 155 362 156 HOH WAT P . 
C 3 HOH 156 363 157 HOH WAT P . 
C 3 HOH 157 364 158 HOH WAT P . 
C 3 HOH 158 365 159 HOH WAT P . 
C 3 HOH 159 366 160 HOH WAT P . 
C 3 HOH 160 367 161 HOH WAT P . 
C 3 HOH 161 368 162 HOH WAT P . 
C 3 HOH 162 369 163 HOH WAT P . 
C 3 HOH 163 370 164 HOH WAT P . 
C 3 HOH 164 371 165 HOH WAT P . 
C 3 HOH 165 372 166 HOH WAT P . 
C 3 HOH 166 373 167 HOH WAT P . 
C 3 HOH 167 374 168 HOH WAT P . 
C 3 HOH 168 375 169 HOH WAT P . 
C 3 HOH 169 376 170 HOH WAT P . 
C 3 HOH 170 377 171 HOH WAT P . 
C 3 HOH 171 378 172 HOH WAT P . 
C 3 HOH 172 379 173 HOH WAT P . 
C 3 HOH 173 380 174 HOH WAT P . 
C 3 HOH 174 381 175 HOH WAT P . 
C 3 HOH 175 382 176 HOH WAT P . 
C 3 HOH 176 383 177 HOH WAT P . 
C 3 HOH 177 384 178 HOH WAT P . 
C 3 HOH 178 385 179 HOH WAT P . 
C 3 HOH 179 386 180 HOH WAT P . 
C 3 HOH 180 387 181 HOH WAT P . 
C 3 HOH 181 388 182 HOH WAT P . 
C 3 HOH 182 389 183 HOH WAT P . 
C 3 HOH 183 390 184 HOH WAT P . 
C 3 HOH 184 391 185 HOH WAT P . 
C 3 HOH 185 392 186 HOH WAT P . 
C 3 HOH 186 393 187 HOH WAT P . 
C 3 HOH 187 394 188 HOH WAT P . 
C 3 HOH 188 395 189 HOH WAT P . 
C 3 HOH 189 396 190 HOH WAT P . 
C 3 HOH 190 397 191 HOH WAT P . 
C 3 HOH 191 398 192 HOH WAT P . 
C 3 HOH 192 399 193 HOH WAT P . 
C 3 HOH 193 400 194 HOH WAT P . 
C 3 HOH 194 401 195 HOH WAT P . 
C 3 HOH 195 402 196 HOH WAT P . 
C 3 HOH 196 403 197 HOH WAT P . 
C 3 HOH 197 404 198 HOH WAT P . 
C 3 HOH 198 405 199 HOH WAT P . 
C 3 HOH 199 406 200 HOH WAT P . 
C 3 HOH 200 407 201 HOH WAT P . 
C 3 HOH 201 408 202 HOH WAT P . 
# 
loop_
_pdbx_unobs_or_zero_occ_atoms.id 
_pdbx_unobs_or_zero_occ_atoms.PDB_model_num 
_pdbx_unobs_or_zero_occ_atoms.polymer_flag 
_pdbx_unobs_or_zero_occ_atoms.occupancy_flag 
_pdbx_unobs_or_zero_occ_atoms.auth_asym_id 
_pdbx_unobs_or_zero_occ_atoms.auth_comp_id 
_pdbx_unobs_or_zero_occ_atoms.auth_seq_id 
_pdbx_unobs_or_zero_occ_atoms.PDB_ins_code 
_pdbx_unobs_or_zero_occ_atoms.auth_atom_id 
_pdbx_unobs_or_zero_occ_atoms.label_alt_id 
_pdbx_unobs_or_zero_occ_atoms.label_asym_id 
_pdbx_unobs_or_zero_occ_atoms.label_comp_id 
_pdbx_unobs_or_zero_occ_atoms.label_seq_id 
_pdbx_unobs_or_zero_occ_atoms.label_atom_id 
1  1 Y 1 P LYS 95  ? CD ? A LYS 66  CD 
2  1 Y 1 P LYS 95  ? CE ? A LYS 66  CE 
3  1 Y 1 P LYS 95  ? NZ ? A LYS 66  NZ 
4  1 Y 1 P LYS 96  ? CB ? A LYS 67  CB 
5  1 Y 1 P LYS 96  ? CG ? A LYS 67  CG 
6  1 Y 1 P LYS 96  ? CD ? A LYS 67  CD 
7  1 Y 1 P LYS 96  ? CE ? A LYS 67  CE 
8  1 Y 1 P LYS 96  ? NZ ? A LYS 67  NZ 
9  1 Y 1 P LYS 133 ? CE ? A LYS 104 CE 
10 1 Y 1 P LYS 133 ? NZ ? A LYS 104 NZ 
# 
loop_
_software.name 
_software.classification 
_software.version 
_software.citation_id 
_software.pdbx_ordinal 
HKL-2000 'data collection' . ? 1 
HKL-2000 'data reduction'  . ? 2 
SHARP    phasing           . ? 3 
CNS      refinement        . ? 4 
HKL-2000 'data scaling'    . ? 5 
# 
_cell.entry_id           1IKO 
_cell.length_a           59.283 
_cell.length_b           59.283 
_cell.length_c           168.868 
_cell.angle_alpha        90 
_cell.angle_beta         90 
_cell.angle_gamma        120 
_cell.Z_PDB              12 
_cell.pdbx_unique_axis   ? 
# 
_symmetry.entry_id                         1IKO 
_symmetry.space_group_name_H-M             'P 65 2 2' 
_symmetry.pdbx_full_space_group_name_H-M   ? 
_symmetry.cell_setting                     ? 
_symmetry.Int_Tables_number                179 
# 
_exptl.entry_id          1IKO 
_exptl.method            'X-RAY DIFFRACTION' 
_exptl.crystals_number   1 
# 
_exptl_crystal.id                    1 
_exptl_crystal.density_meas          ? 
_exptl_crystal.density_Matthews      2.16 
_exptl_crystal.density_percent_sol   43 
_exptl_crystal.description           ? 
# 
_exptl_crystal_grow.crystal_id      1 
_exptl_crystal_grow.method          'VAPOR DIFFUSION, HANGING DROP' 
_exptl_crystal_grow.temp            277.0 
_exptl_crystal_grow.temp_details    ? 
_exptl_crystal_grow.pH              8.5 
_exptl_crystal_grow.pdbx_details    
'magnesium chloride, PEG 4000, trishydroxyethylmethane, pH 8.5, VAPOR DIFFUSION, HANGING DROP, temperature 277.0K' 
_exptl_crystal_grow.pdbx_pH_range   ? 
# 
_diffrn.id                     1 
_diffrn.ambient_temp           100 
_diffrn.ambient_temp_details   ? 
_diffrn.crystal_id             1 
# 
_diffrn_detector.diffrn_id              1 
_diffrn_detector.detector               CCD 
_diffrn_detector.type                   SBC-2 
_diffrn_detector.pdbx_collection_date   2000-02-02 
_diffrn_detector.details                'double mirrors' 
# 
_diffrn_radiation.diffrn_id                        1 
_diffrn_radiation.wavelength_id                    1 
_diffrn_radiation.pdbx_monochromatic_or_laue_m_l   M 
_diffrn_radiation.monochromator                    'Two Rosenbaum-Rock monochromators double crystal' 
_diffrn_radiation.pdbx_diffrn_protocol             'SINGLE WAVELENGTH' 
_diffrn_radiation.pdbx_scattering_type             x-ray 
# 
_diffrn_radiation_wavelength.id           1 
_diffrn_radiation_wavelength.wavelength   1.033 
_diffrn_radiation_wavelength.wt           1.0 
# 
_diffrn_source.diffrn_id                   1 
_diffrn_source.source                      SYNCHROTRON 
_diffrn_source.type                        'APS BEAMLINE 19-ID' 
_diffrn_source.pdbx_synchrotron_site       APS 
_diffrn_source.pdbx_synchrotron_beamline   19-ID 
_diffrn_source.pdbx_wavelength             ? 
_diffrn_source.pdbx_wavelength_list        1.033 
# 
_reflns.entry_id                     1IKO 
_reflns.observed_criterion_sigma_I   0 
_reflns.observed_criterion_sigma_F   0 
_reflns.d_resolution_low             19.41 
_reflns.d_resolution_high            1.92 
_reflns.number_obs                   13862 
_reflns.number_all                   13862 
_reflns.percent_possible_obs         99.5 
_reflns.pdbx_Rmerge_I_obs            ? 
_reflns.pdbx_Rsym_value              0.042 
_reflns.pdbx_netI_over_sigmaI        48.0 
_reflns.B_iso_Wilson_estimate        20.0 
_reflns.pdbx_redundancy              22 
_reflns.R_free_details               ? 
_reflns.limit_h_max                  ? 
_reflns.limit_h_min                  ? 
_reflns.limit_k_max                  ? 
_reflns.limit_k_min                  ? 
_reflns.limit_l_max                  ? 
_reflns.limit_l_min                  ? 
_reflns.observed_criterion_F_max     ? 
_reflns.observed_criterion_F_min     ? 
_reflns.pdbx_ordinal                 1 
_reflns.pdbx_diffrn_id               1 
# 
_reflns_shell.d_res_high             1.92 
_reflns_shell.d_res_low              1.99 
_reflns_shell.percent_possible_all   99.8 
_reflns_shell.Rmerge_I_obs           ? 
_reflns_shell.pdbx_Rsym_value        0.219 
_reflns_shell.meanI_over_sigI_obs    18.0 
_reflns_shell.pdbx_redundancy        10 
_reflns_shell.percent_possible_obs   ? 
_reflns_shell.number_unique_all      ? 
_reflns_shell.pdbx_ordinal           1 
_reflns_shell.pdbx_diffrn_id         1 
# 
_refine.entry_id                                 1IKO 
_refine.ls_number_reflns_obs                     13862 
_refine.ls_number_reflns_all                     14067 
_refine.pdbx_ls_sigma_I                          0 
_refine.pdbx_ls_sigma_F                          2 
_refine.pdbx_data_cutoff_high_absF               ? 
_refine.pdbx_data_cutoff_low_absF                ? 
_refine.pdbx_data_cutoff_high_rms_absF           10000 
_refine.ls_d_res_low                             19.41 
_refine.ls_d_res_high                            1.92 
_refine.ls_percent_reflns_obs                    97.7 
_refine.ls_R_factor_obs                          0.216 
_refine.ls_R_factor_all                          ? 
_refine.ls_R_factor_R_work                       0.216 
_refine.ls_R_factor_R_free                       0.249 
_refine.ls_R_factor_R_free_error                 ? 
_refine.ls_R_factor_R_free_error_details         ? 
_refine.ls_percent_reflns_R_free                 ? 
_refine.ls_number_reflns_R_free                  1410 
_refine.ls_number_parameters                     ? 
_refine.ls_number_restraints                     ? 
_refine.occupancy_min                            ? 
_refine.occupancy_max                            ? 
_refine.B_iso_mean                               37.4 
_refine.aniso_B[1][1]                            3.32 
_refine.aniso_B[2][2]                            3.32 
_refine.aniso_B[3][3]                            -6.64 
_refine.aniso_B[1][2]                            2.93 
_refine.aniso_B[1][3]                            .00 
_refine.aniso_B[2][3]                            .00 
_refine.solvent_model_details                    ? 
_refine.solvent_model_param_ksol                 ? 
_refine.solvent_model_param_bsol                 ? 
_refine.pdbx_ls_cross_valid_method               THROUGHOUT 
_refine.details                                  ? 
_refine.pdbx_starting_model                      ? 
_refine.pdbx_method_to_determine_struct          SIRAS 
_refine.pdbx_isotropic_thermal_model             restrained 
_refine.pdbx_stereochemistry_target_values       'MAXIMUM LIKELIHOOD FUNCTION' 
_refine.pdbx_stereochem_target_val_spec_case     ? 
_refine.pdbx_R_Free_selection_details            random 
_refine.pdbx_overall_ESU_R                       ? 
_refine.pdbx_overall_ESU_R_Free                  ? 
_refine.overall_SU_ML                            ? 
_refine.overall_SU_B                             ? 
_refine.ls_redundancy_reflns_obs                 ? 
_refine.B_iso_min                                ? 
_refine.B_iso_max                                ? 
_refine.correlation_coeff_Fo_to_Fc               ? 
_refine.overall_SU_R_Cruickshank_DPI             ? 
_refine.overall_SU_R_free                        ? 
_refine.correlation_coeff_Fo_to_Fc_free          ? 
_refine.pdbx_solvent_vdw_probe_radii             ? 
_refine.pdbx_solvent_ion_probe_radii             ? 
_refine.pdbx_solvent_shrinkage_radii             ? 
_refine.pdbx_refine_id                           'X-RAY DIFFRACTION' 
_refine.pdbx_diffrn_id                           1 
_refine.pdbx_TLS_residual_ADP_flag               ? 
_refine.pdbx_overall_phase_error                 ? 
_refine.pdbx_overall_SU_R_free_Cruickshank_DPI   ? 
_refine.pdbx_overall_SU_R_Blow_DPI               ? 
_refine.pdbx_overall_SU_R_free_Blow_DPI          ? 
# 
_refine_analyze.entry_id                        1IKO 
_refine_analyze.Luzzati_coordinate_error_obs    0.25 
_refine_analyze.Luzzati_sigma_a_obs             0.20 
_refine_analyze.Luzzati_d_res_low_obs           6.0 
_refine_analyze.Luzzati_coordinate_error_free   0.30 
_refine_analyze.Luzzati_sigma_a_free            0.24 
_refine_analyze.Luzzati_d_res_low_free          ? 
_refine_analyze.number_disordered_residues      ? 
_refine_analyze.occupancy_sum_hydrogen          ? 
_refine_analyze.occupancy_sum_non_hydrogen      ? 
_refine_analyze.pdbx_Luzzati_d_res_high_obs     ? 
_refine_analyze.pdbx_refine_id                  'X-RAY DIFFRACTION' 
# 
_refine_hist.pdbx_refine_id                   'X-RAY DIFFRACTION' 
_refine_hist.cycle_id                         LAST 
_refine_hist.pdbx_number_atoms_protein        1120 
_refine_hist.pdbx_number_atoms_nucleic_acid   0 
_refine_hist.pdbx_number_atoms_ligand         39 
_refine_hist.number_atoms_solvent             201 
_refine_hist.number_atoms_total               1360 
_refine_hist.d_res_high                       1.92 
_refine_hist.d_res_low                        19.41 
# 
loop_
_refine_ls_restr.type 
_refine_ls_restr.dev_ideal 
_refine_ls_restr.dev_ideal_target 
_refine_ls_restr.weight 
_refine_ls_restr.number 
_refine_ls_restr.pdbx_refine_id 
_refine_ls_restr.pdbx_restraint_function 
c_bond_d                0.011 ? ? ? 'X-RAY DIFFRACTION' ? 
c_bond_d_na             ?     ? ? ? 'X-RAY DIFFRACTION' ? 
c_bond_d_prot           ?     ? ? ? 'X-RAY DIFFRACTION' ? 
c_angle_d               ?     ? ? ? 'X-RAY DIFFRACTION' ? 
c_angle_d_na            ?     ? ? ? 'X-RAY DIFFRACTION' ? 
c_angle_d_prot          ?     ? ? ? 'X-RAY DIFFRACTION' ? 
c_angle_deg             1.62  ? ? ? 'X-RAY DIFFRACTION' ? 
c_angle_deg_na          ?     ? ? ? 'X-RAY DIFFRACTION' ? 
c_angle_deg_prot        ?     ? ? ? 'X-RAY DIFFRACTION' ? 
c_dihedral_angle_d      26    ? ? ? 'X-RAY DIFFRACTION' ? 
c_dihedral_angle_d_na   ?     ? ? ? 'X-RAY DIFFRACTION' ? 
c_dihedral_angle_d_prot ?     ? ? ? 'X-RAY DIFFRACTION' ? 
c_improper_angle_d      1.06  ? ? ? 'X-RAY DIFFRACTION' ? 
c_improper_angle_d_na   ?     ? ? ? 'X-RAY DIFFRACTION' ? 
c_improper_angle_d_prot ?     ? ? ? 'X-RAY DIFFRACTION' ? 
c_mcbond_it             ?     ? ? ? 'X-RAY DIFFRACTION' ? 
c_mcangle_it            ?     ? ? ? 'X-RAY DIFFRACTION' ? 
c_scbond_it             ?     ? ? ? 'X-RAY DIFFRACTION' ? 
c_scangle_it            ?     ? ? ? 'X-RAY DIFFRACTION' ? 
# 
_refine_ls_shell.pdbx_total_number_of_bins_used   28 
_refine_ls_shell.d_res_high                       1.92 
_refine_ls_shell.d_res_low                        1.99 
_refine_ls_shell.number_reflns_R_work             399 
_refine_ls_shell.R_factor_R_work                  0.2487 
_refine_ls_shell.percent_reflns_obs               90.64 
_refine_ls_shell.R_factor_R_free                  0.2925 
_refine_ls_shell.R_factor_R_free_error            ? 
_refine_ls_shell.percent_reflns_R_free            7.69 
_refine_ls_shell.number_reflns_R_free             37 
_refine_ls_shell.redundancy_reflns_obs            ? 
_refine_ls_shell.number_reflns_all                ? 
_refine_ls_shell.number_reflns_obs                ? 
_refine_ls_shell.pdbx_refine_id                   'X-RAY DIFFRACTION' 
_refine_ls_shell.R_factor_all                     ? 
# 
_struct.entry_id                  1IKO 
_struct.title                     'CRYSTAL STRUCTURE OF THE MURINE EPHRIN-B2 ECTODOMAIN' 
_struct.pdbx_model_details        ? 
_struct.pdbx_CASP_flag            ? 
_struct.pdbx_model_type_details   ? 
# 
_struct_keywords.entry_id        1IKO 
_struct_keywords.pdbx_keywords   'SIGNALING PROTEIN' 
_struct_keywords.text            'GREEK KEY, GLYCOSYLATION, SIGNALING PROTEIN' 
# 
loop_
_struct_asym.id 
_struct_asym.pdbx_blank_PDB_chainid_flag 
_struct_asym.pdbx_modified 
_struct_asym.entity_id 
_struct_asym.details 
A N N 1 ? 
B N N 2 ? 
C N N 3 ? 
# 
_struct_ref.id                         1 
_struct_ref.db_name                    UNP 
_struct_ref.db_code                    EFB2_MOUSE 
_struct_ref.entity_id                  1 
_struct_ref.pdbx_seq_one_letter_code   
;MAMARSRRDSVWKYCWGLLMVLCRTAISRSIVLEPIYWNSSNSKFLPGQGLVLYPQIGDKLDIICPKVDSKTVGQYEYYK
VYMVDKDQADRCTIKKENTPLLNCARPDQDVKFTIKFQEFSPNLWGLEFQKNKDYYIISTSNGSLEGLDNQEGGVCQTRA
MKILMKVGQDASSAGSARNHGPTRRPELEAGTNGRSSTTSPFVKPNPGSSTDGNSAGHSGNNLLGSEVALFAGIASGCII
FIVIIITLVVLLLKYRRRHRKHSPQHTTTLSLSTLATPKRGGNNNGSEPSDVIIPLRTADSVFCPHYEKVSGDYGHPVYI
VQEMPPQSPANIYYKV
;
_struct_ref.pdbx_align_begin           1 
_struct_ref.pdbx_db_accession          P52800 
_struct_ref.pdbx_db_isoform            ? 
# 
_struct_ref_seq.align_id                      1 
_struct_ref_seq.ref_id                        1 
_struct_ref_seq.pdbx_PDB_id_code              1IKO 
_struct_ref_seq.pdbx_strand_id                P 
_struct_ref_seq.seq_align_beg                 1 
_struct_ref_seq.pdbx_seq_align_beg_ins_code   ? 
_struct_ref_seq.seq_align_end                 178 
_struct_ref_seq.pdbx_seq_align_end_ins_code   ? 
_struct_ref_seq.pdbx_db_accession             P52800 
_struct_ref_seq.db_align_beg                  30 
_struct_ref_seq.pdbx_db_align_beg_ins_code    ? 
_struct_ref_seq.db_align_end                  207 
_struct_ref_seq.pdbx_db_align_end_ins_code    ? 
_struct_ref_seq.pdbx_auth_seq_align_beg       30 
_struct_ref_seq.pdbx_auth_seq_align_end       207 
# 
_pdbx_struct_assembly.id                   1 
_pdbx_struct_assembly.details              author_defined_assembly 
_pdbx_struct_assembly.method_details       ? 
_pdbx_struct_assembly.oligomeric_details   monomeric 
_pdbx_struct_assembly.oligomeric_count     1 
# 
_pdbx_struct_assembly_gen.assembly_id       1 
_pdbx_struct_assembly_gen.oper_expression   1 
_pdbx_struct_assembly_gen.asym_id_list      A,B,C 
# 
_pdbx_struct_oper_list.id                   1 
_pdbx_struct_oper_list.type                 'identity operation' 
_pdbx_struct_oper_list.name                 1_555 
_pdbx_struct_oper_list.symmetry_operation   x,y,z 
_pdbx_struct_oper_list.matrix[1][1]         1.0000000000 
_pdbx_struct_oper_list.matrix[1][2]         0.0000000000 
_pdbx_struct_oper_list.matrix[1][3]         0.0000000000 
_pdbx_struct_oper_list.vector[1]            0.0000000000 
_pdbx_struct_oper_list.matrix[2][1]         0.0000000000 
_pdbx_struct_oper_list.matrix[2][2]         1.0000000000 
_pdbx_struct_oper_list.matrix[2][3]         0.0000000000 
_pdbx_struct_oper_list.vector[2]            0.0000000000 
_pdbx_struct_oper_list.matrix[3][1]         0.0000000000 
_pdbx_struct_oper_list.matrix[3][2]         0.0000000000 
_pdbx_struct_oper_list.matrix[3][3]         1.0000000000 
_pdbx_struct_oper_list.vector[3]            0.0000000000 
# 
_struct_biol.id                    1 
_struct_biol.pdbx_parent_biol_id   ? 
_struct_biol.details               ? 
# 
loop_
_struct_conf.conf_type_id 
_struct_conf.id 
_struct_conf.pdbx_PDB_helix_id 
_struct_conf.beg_label_comp_id 
_struct_conf.beg_label_asym_id 
_struct_conf.beg_label_seq_id 
_struct_conf.pdbx_beg_PDB_ins_code 
_struct_conf.end_label_comp_id 
_struct_conf.end_label_asym_id 
_struct_conf.end_label_seq_id 
_struct_conf.pdbx_end_PDB_ins_code 
_struct_conf.beg_auth_comp_id 
_struct_conf.beg_auth_asym_id 
_struct_conf.beg_auth_seq_id 
_struct_conf.end_auth_comp_id 
_struct_conf.end_auth_asym_id 
_struct_conf.end_auth_seq_id 
_struct_conf.pdbx_PDB_helix_class 
_struct_conf.details 
_struct_conf.pdbx_PDB_helix_length 
HELX_P HELX_P1 1 ASP A 56  ? CYS A 63  ? ASP P 85  CYS P 92  1 ? 8 
HELX_P HELX_P2 2 SER A 115 ? LEU A 119 ? SER P 144 LEU P 148 5 ? 5 
HELX_P HELX_P3 3 GLY A 124 ? ARG A 130 ? GLY P 153 ARG P 159 1 ? 7 
# 
_struct_conf_type.id          HELX_P 
_struct_conf_type.criteria    ? 
_struct_conf_type.reference   ? 
# 
loop_
_struct_conn.id 
_struct_conn.conn_type_id 
_struct_conn.pdbx_leaving_atom_flag 
_struct_conn.pdbx_PDB_id 
_struct_conn.ptnr1_label_asym_id 
_struct_conn.ptnr1_label_comp_id 
_struct_conn.ptnr1_label_seq_id 
_struct_conn.ptnr1_label_atom_id 
_struct_conn.pdbx_ptnr1_label_alt_id 
_struct_conn.pdbx_ptnr1_PDB_ins_code 
_struct_conn.pdbx_ptnr1_standard_comp_id 
_struct_conn.ptnr1_symmetry 
_struct_conn.ptnr2_label_asym_id 
_struct_conn.ptnr2_label_comp_id 
_struct_conn.ptnr2_label_seq_id 
_struct_conn.ptnr2_label_atom_id 
_struct_conn.pdbx_ptnr2_label_alt_id 
_struct_conn.pdbx_ptnr2_PDB_ins_code 
_struct_conn.ptnr1_auth_asym_id 
_struct_conn.ptnr1_auth_comp_id 
_struct_conn.ptnr1_auth_seq_id 
_struct_conn.ptnr2_auth_asym_id 
_struct_conn.ptnr2_auth_comp_id 
_struct_conn.ptnr2_auth_seq_id 
_struct_conn.ptnr2_symmetry 
_struct_conn.pdbx_ptnr3_label_atom_id 
_struct_conn.pdbx_ptnr3_label_seq_id 
_struct_conn.pdbx_ptnr3_label_comp_id 
_struct_conn.pdbx_ptnr3_label_asym_id 
_struct_conn.pdbx_ptnr3_label_alt_id 
_struct_conn.pdbx_ptnr3_PDB_ins_code 
_struct_conn.details 
_struct_conn.pdbx_dist_value 
_struct_conn.pdbx_value_order 
_struct_conn.pdbx_role 
disulf1 disulf ?    ? A CYS 36 SG  ? ? ? 1_555 A CYS 75  SG ? ? P CYS 65 P CYS 104 1_555 ? ? ? ? ? ? ? 2.039 ? ?               
disulf2 disulf ?    ? A CYS 63 SG  ? ? ? 1_555 A CYS 127 SG ? ? P CYS 92 P CYS 156 1_555 ? ? ? ? ? ? ? 2.065 ? ?               
covale1 covale one  ? A ASN 10 ND2 ? ? ? 1_555 B NAG .   C1 ? ? P ASN 39 A NAG 1   1_555 ? ? ? ? ? ? ? 1.450 ? N-Glycosylation 
covale2 covale both ? B NAG .  O4  ? ? ? 1_555 B NAG .   C1 ? ? A NAG 1  A NAG 2   1_555 ? ? ? ? ? ? ? 1.383 ? ?               
covale3 covale both ? B NAG .  O4  ? ? ? 1_555 B MAN .   C1 ? ? A NAG 2  A MAN 3   1_555 ? ? ? ? ? ? ? 1.376 ? ?               
# 
loop_
_struct_conn_type.id 
_struct_conn_type.criteria 
_struct_conn_type.reference 
disulf ? ? 
covale ? ? 
# 
loop_
_pdbx_modification_feature.ordinal 
_pdbx_modification_feature.label_comp_id 
_pdbx_modification_feature.label_asym_id 
_pdbx_modification_feature.label_seq_id 
_pdbx_modification_feature.label_alt_id 
_pdbx_modification_feature.modified_residue_label_comp_id 
_pdbx_modification_feature.modified_residue_label_asym_id 
_pdbx_modification_feature.modified_residue_label_seq_id 
_pdbx_modification_feature.modified_residue_label_alt_id 
_pdbx_modification_feature.auth_comp_id 
_pdbx_modification_feature.auth_asym_id 
_pdbx_modification_feature.auth_seq_id 
_pdbx_modification_feature.PDB_ins_code 
_pdbx_modification_feature.symmetry 
_pdbx_modification_feature.modified_residue_auth_comp_id 
_pdbx_modification_feature.modified_residue_auth_asym_id 
_pdbx_modification_feature.modified_residue_auth_seq_id 
_pdbx_modification_feature.modified_residue_PDB_ins_code 
_pdbx_modification_feature.modified_residue_symmetry 
_pdbx_modification_feature.comp_id_linking_atom 
_pdbx_modification_feature.modified_residue_id_linking_atom 
_pdbx_modification_feature.modified_residue_id 
_pdbx_modification_feature.ref_pcm_id 
_pdbx_modification_feature.ref_comp_id 
_pdbx_modification_feature.type 
_pdbx_modification_feature.category 
1 NAG B .  ? ASN A 10  ? NAG A 1  ? 1_555 ASN P 39  ? 1_555 C1 ND2 ASN 1 NAG N-Glycosylation Carbohydrate       
2 CYS A 36 ? CYS A 75  ? CYS P 65 ? 1_555 CYS P 104 ? 1_555 SG SG  .   . .   None            'Disulfide bridge' 
3 CYS A 63 ? CYS A 127 ? CYS P 92 ? 1_555 CYS P 156 ? 1_555 SG SG  .   . .   None            'Disulfide bridge' 
# 
loop_
_struct_sheet.id 
_struct_sheet.type 
_struct_sheet.number_strands 
_struct_sheet.details 
A ? 3 ? 
B ? 5 ? 
# 
loop_
_struct_sheet_order.sheet_id 
_struct_sheet_order.range_id_1 
_struct_sheet_order.range_id_2 
_struct_sheet_order.offset 
_struct_sheet_order.sense 
A 1 2 ? parallel      
A 2 3 ? anti-parallel 
B 1 2 ? parallel      
B 2 3 ? anti-parallel 
B 3 4 ? anti-parallel 
B 4 5 ? anti-parallel 
# 
loop_
_struct_sheet_range.sheet_id 
_struct_sheet_range.id 
_struct_sheet_range.beg_label_comp_id 
_struct_sheet_range.beg_label_asym_id 
_struct_sheet_range.beg_label_seq_id 
_struct_sheet_range.pdbx_beg_PDB_ins_code 
_struct_sheet_range.end_label_comp_id 
_struct_sheet_range.end_label_asym_id 
_struct_sheet_range.end_label_seq_id 
_struct_sheet_range.pdbx_end_PDB_ins_code 
_struct_sheet_range.beg_auth_comp_id 
_struct_sheet_range.beg_auth_asym_id 
_struct_sheet_range.beg_auth_seq_id 
_struct_sheet_range.end_auth_comp_id 
_struct_sheet_range.end_auth_asym_id 
_struct_sheet_range.end_auth_seq_id 
A 1 ILE A 7   ? TYR A 8   ? ILE P 36  TYR P 37  
A 2 LYS A 31  ? ILE A 35  ? LYS P 60  ILE P 64  
A 3 LYS A 83  ? LYS A 87  ? LYS P 112 LYS P 116 
B 1 LEU A 22  ? LEU A 24  ? LEU P 51  LEU P 53  
B 2 LYS A 133 ? VAL A 138 ? LYS P 162 VAL P 167 
B 3 LYS A 104 ? ILE A 109 ? LYS P 133 ILE P 138 
B 4 TYR A 50  ? VAL A 55  ? TYR P 79  VAL P 84  
B 5 LEU A 73  ? CYS A 75  ? LEU P 102 CYS P 104 
# 
loop_
_pdbx_struct_sheet_hbond.sheet_id 
_pdbx_struct_sheet_hbond.range_id_1 
_pdbx_struct_sheet_hbond.range_id_2 
_pdbx_struct_sheet_hbond.range_1_label_atom_id 
_pdbx_struct_sheet_hbond.range_1_label_comp_id 
_pdbx_struct_sheet_hbond.range_1_label_asym_id 
_pdbx_struct_sheet_hbond.range_1_label_seq_id 
_pdbx_struct_sheet_hbond.range_1_PDB_ins_code 
_pdbx_struct_sheet_hbond.range_1_auth_atom_id 
_pdbx_struct_sheet_hbond.range_1_auth_comp_id 
_pdbx_struct_sheet_hbond.range_1_auth_asym_id 
_pdbx_struct_sheet_hbond.range_1_auth_seq_id 
_pdbx_struct_sheet_hbond.range_2_label_atom_id 
_pdbx_struct_sheet_hbond.range_2_label_comp_id 
_pdbx_struct_sheet_hbond.range_2_label_asym_id 
_pdbx_struct_sheet_hbond.range_2_label_seq_id 
_pdbx_struct_sheet_hbond.range_2_PDB_ins_code 
_pdbx_struct_sheet_hbond.range_2_auth_atom_id 
_pdbx_struct_sheet_hbond.range_2_auth_comp_id 
_pdbx_struct_sheet_hbond.range_2_auth_asym_id 
_pdbx_struct_sheet_hbond.range_2_auth_seq_id 
A 1 2 N ILE A 7   ? N ILE P 36  O ASP A 33  ? O ASP P 62  
A 2 3 O ILE A 34  ? O ILE P 63  N PHE A 84  ? N PHE P 113 
B 1 2 N LEU A 22  ? N LEU P 51  O LYS A 133 ? O LYS P 162 
B 2 3 N VAL A 138 ? N VAL P 167 O LYS A 104 ? O LYS P 133 
B 3 4 O ILE A 109 ? O ILE P 138 N TYR A 53  ? N TYR P 82  
B 4 5 N VAL A 52  ? N VAL P 81  O LEU A 73  ? O LEU P 102 
# 
_pdbx_entry_details.entry_id                   1IKO 
_pdbx_entry_details.compound_details           ? 
_pdbx_entry_details.source_details             ? 
_pdbx_entry_details.nonpolymer_details         ? 
_pdbx_entry_details.sequence_details           ? 
_pdbx_entry_details.has_ligand_of_interest     ? 
_pdbx_entry_details.has_protein_modification   Y 
# 
loop_
_pdbx_validate_close_contact.id 
_pdbx_validate_close_contact.PDB_model_num 
_pdbx_validate_close_contact.auth_atom_id_1 
_pdbx_validate_close_contact.auth_asym_id_1 
_pdbx_validate_close_contact.auth_comp_id_1 
_pdbx_validate_close_contact.auth_seq_id_1 
_pdbx_validate_close_contact.PDB_ins_code_1 
_pdbx_validate_close_contact.label_alt_id_1 
_pdbx_validate_close_contact.auth_atom_id_2 
_pdbx_validate_close_contact.auth_asym_id_2 
_pdbx_validate_close_contact.auth_comp_id_2 
_pdbx_validate_close_contact.auth_seq_id_2 
_pdbx_validate_close_contact.PDB_ins_code_2 
_pdbx_validate_close_contact.label_alt_id_2 
_pdbx_validate_close_contact.dist 
1 1 O  P HOH 387 ? ? O P HOH 403 ? ? 1.88 
2 1 OG P SER 30  ? ? O P HOH 381 ? ? 2.11 
3 1 O  P HOH 313 ? ? O P HOH 408 ? ? 2.12 
4 1 O  P HOH 377 ? ? O P HOH 378 ? ? 2.17 
5 1 O  P HOH 345 ? ? O P HOH 347 ? ? 2.19 
6 1 O4 A MAN 3   ? ? O P HOH 386 ? ? 2.19 
# 
_pdbx_validate_torsion.id              1 
_pdbx_validate_torsion.PDB_model_num   1 
_pdbx_validate_torsion.auth_comp_id    ASP 
_pdbx_validate_torsion.auth_asym_id    P 
_pdbx_validate_torsion.auth_seq_id     69 
_pdbx_validate_torsion.PDB_ins_code    ? 
_pdbx_validate_torsion.label_alt_id    ? 
_pdbx_validate_torsion.phi             -125.41 
_pdbx_validate_torsion.psi             -113.02 
# 
_pdbx_struct_mod_residue.id               1 
_pdbx_struct_mod_residue.label_asym_id    A 
_pdbx_struct_mod_residue.label_comp_id    ASN 
_pdbx_struct_mod_residue.label_seq_id     10 
_pdbx_struct_mod_residue.auth_asym_id     P 
_pdbx_struct_mod_residue.auth_comp_id     ASN 
_pdbx_struct_mod_residue.auth_seq_id      39 
_pdbx_struct_mod_residue.PDB_ins_code     ? 
_pdbx_struct_mod_residue.parent_comp_id   ASN 
_pdbx_struct_mod_residue.details          'GLYCOSYLATION SITE' 
# 
loop_
_pdbx_struct_special_symmetry.id 
_pdbx_struct_special_symmetry.PDB_model_num 
_pdbx_struct_special_symmetry.auth_asym_id 
_pdbx_struct_special_symmetry.auth_comp_id 
_pdbx_struct_special_symmetry.auth_seq_id 
_pdbx_struct_special_symmetry.PDB_ins_code 
_pdbx_struct_special_symmetry.label_asym_id 
_pdbx_struct_special_symmetry.label_comp_id 
_pdbx_struct_special_symmetry.label_seq_id 
1 1 P HOH 293 ? C HOH . 
2 1 P HOH 299 ? C HOH . 
3 1 P HOH 326 ? C HOH . 
4 1 P HOH 395 ? C HOH . 
# 
_pdbx_database_remark.id     999 
_pdbx_database_remark.text   
;SEQUENCE
SOME AMBIGUITY IN THE EXACT C-TERMINUS SEQUENCE EXISTS
DUE TO A GLU-C DIGEST.
;
# 
loop_
_pdbx_unobs_or_zero_occ_residues.id 
_pdbx_unobs_or_zero_occ_residues.PDB_model_num 
_pdbx_unobs_or_zero_occ_residues.polymer_flag 
_pdbx_unobs_or_zero_occ_residues.occupancy_flag 
_pdbx_unobs_or_zero_occ_residues.auth_asym_id 
_pdbx_unobs_or_zero_occ_residues.auth_comp_id 
_pdbx_unobs_or_zero_occ_residues.auth_seq_id 
_pdbx_unobs_or_zero_occ_residues.PDB_ins_code 
_pdbx_unobs_or_zero_occ_residues.label_asym_id 
_pdbx_unobs_or_zero_occ_residues.label_comp_id 
_pdbx_unobs_or_zero_occ_residues.label_seq_id 
1  1 Y 1 P ALA 171 ? A ALA 142 
2  1 Y 1 P SER 172 ? A SER 143 
3  1 Y 1 P SER 173 ? A SER 144 
4  1 Y 1 P ALA 174 ? A ALA 145 
5  1 Y 1 P GLY 175 ? A GLY 146 
6  1 Y 1 P SER 176 ? A SER 147 
7  1 Y 1 P ALA 177 ? A ALA 148 
8  1 Y 1 P ARG 178 ? A ARG 149 
9  1 Y 1 P ASN 179 ? A ASN 150 
10 1 Y 1 P HIS 180 ? A HIS 151 
11 1 Y 1 P GLY 181 ? A GLY 152 
12 1 Y 1 P PRO 182 ? A PRO 153 
13 1 Y 1 P THR 183 ? A THR 154 
14 1 Y 1 P ARG 184 ? A ARG 155 
15 1 Y 1 P ARG 185 ? A ARG 156 
16 1 Y 1 P PRO 186 ? A PRO 157 
17 1 Y 1 P GLU 187 ? A GLU 158 
18 1 Y 1 P LEU 188 ? A LEU 159 
19 1 Y 1 P GLU 189 ? A GLU 160 
20 1 Y 1 P ALA 190 ? A ALA 161 
21 1 Y 1 P GLY 191 ? A GLY 162 
22 1 Y 1 P THR 192 ? A THR 163 
23 1 Y 1 P ASN 193 ? A ASN 164 
24 1 Y 1 P GLY 194 ? A GLY 165 
25 1 Y 1 P ARG 195 ? A ARG 166 
26 1 Y 1 P SER 196 ? A SER 167 
27 1 Y 1 P SER 197 ? A SER 168 
28 1 Y 1 P THR 198 ? A THR 169 
29 1 Y 1 P THR 199 ? A THR 170 
30 1 Y 1 P SER 200 ? A SER 171 
31 1 Y 1 P PRO 201 ? A PRO 172 
32 1 Y 1 P PHE 202 ? A PHE 173 
33 1 Y 1 P VAL 203 ? A VAL 174 
34 1 Y 1 P LYS 204 ? A LYS 175 
35 1 Y 1 P PRO 205 ? A PRO 176 
36 1 Y 1 P ASN 206 ? A ASN 177 
37 1 Y 1 P PRO 207 ? A PRO 178 
# 
loop_
_chem_comp_atom.comp_id 
_chem_comp_atom.atom_id 
_chem_comp_atom.type_symbol 
_chem_comp_atom.pdbx_aromatic_flag 
_chem_comp_atom.pdbx_stereo_config 
_chem_comp_atom.pdbx_ordinal 
ALA N    N N N 1   
ALA CA   C N S 2   
ALA C    C N N 3   
ALA O    O N N 4   
ALA CB   C N N 5   
ALA OXT  O N N 6   
ALA H    H N N 7   
ALA H2   H N N 8   
ALA HA   H N N 9   
ALA HB1  H N N 10  
ALA HB2  H N N 11  
ALA HB3  H N N 12  
ALA HXT  H N N 13  
ARG N    N N N 14  
ARG CA   C N S 15  
ARG C    C N N 16  
ARG O    O N N 17  
ARG CB   C N N 18  
ARG CG   C N N 19  
ARG CD   C N N 20  
ARG NE   N N N 21  
ARG CZ   C N N 22  
ARG NH1  N N N 23  
ARG NH2  N N N 24  
ARG OXT  O N N 25  
ARG H    H N N 26  
ARG H2   H N N 27  
ARG HA   H N N 28  
ARG HB2  H N N 29  
ARG HB3  H N N 30  
ARG HG2  H N N 31  
ARG HG3  H N N 32  
ARG HD2  H N N 33  
ARG HD3  H N N 34  
ARG HE   H N N 35  
ARG HH11 H N N 36  
ARG HH12 H N N 37  
ARG HH21 H N N 38  
ARG HH22 H N N 39  
ARG HXT  H N N 40  
ASN N    N N N 41  
ASN CA   C N S 42  
ASN C    C N N 43  
ASN O    O N N 44  
ASN CB   C N N 45  
ASN CG   C N N 46  
ASN OD1  O N N 47  
ASN ND2  N N N 48  
ASN OXT  O N N 49  
ASN H    H N N 50  
ASN H2   H N N 51  
ASN HA   H N N 52  
ASN HB2  H N N 53  
ASN HB3  H N N 54  
ASN HD21 H N N 55  
ASN HD22 H N N 56  
ASN HXT  H N N 57  
ASP N    N N N 58  
ASP CA   C N S 59  
ASP C    C N N 60  
ASP O    O N N 61  
ASP CB   C N N 62  
ASP CG   C N N 63  
ASP OD1  O N N 64  
ASP OD2  O N N 65  
ASP OXT  O N N 66  
ASP H    H N N 67  
ASP H2   H N N 68  
ASP HA   H N N 69  
ASP HB2  H N N 70  
ASP HB3  H N N 71  
ASP HD2  H N N 72  
ASP HXT  H N N 73  
CYS N    N N N 74  
CYS CA   C N R 75  
CYS C    C N N 76  
CYS O    O N N 77  
CYS CB   C N N 78  
CYS SG   S N N 79  
CYS OXT  O N N 80  
CYS H    H N N 81  
CYS H2   H N N 82  
CYS HA   H N N 83  
CYS HB2  H N N 84  
CYS HB3  H N N 85  
CYS HG   H N N 86  
CYS HXT  H N N 87  
GLN N    N N N 88  
GLN CA   C N S 89  
GLN C    C N N 90  
GLN O    O N N 91  
GLN CB   C N N 92  
GLN CG   C N N 93  
GLN CD   C N N 94  
GLN OE1  O N N 95  
GLN NE2  N N N 96  
GLN OXT  O N N 97  
GLN H    H N N 98  
GLN H2   H N N 99  
GLN HA   H N N 100 
GLN HB2  H N N 101 
GLN HB3  H N N 102 
GLN HG2  H N N 103 
GLN HG3  H N N 104 
GLN HE21 H N N 105 
GLN HE22 H N N 106 
GLN HXT  H N N 107 
GLU N    N N N 108 
GLU CA   C N S 109 
GLU C    C N N 110 
GLU O    O N N 111 
GLU CB   C N N 112 
GLU CG   C N N 113 
GLU CD   C N N 114 
GLU OE1  O N N 115 
GLU OE2  O N N 116 
GLU OXT  O N N 117 
GLU H    H N N 118 
GLU H2   H N N 119 
GLU HA   H N N 120 
GLU HB2  H N N 121 
GLU HB3  H N N 122 
GLU HG2  H N N 123 
GLU HG3  H N N 124 
GLU HE2  H N N 125 
GLU HXT  H N N 126 
GLY N    N N N 127 
GLY CA   C N N 128 
GLY C    C N N 129 
GLY O    O N N 130 
GLY OXT  O N N 131 
GLY H    H N N 132 
GLY H2   H N N 133 
GLY HA2  H N N 134 
GLY HA3  H N N 135 
GLY HXT  H N N 136 
HIS N    N N N 137 
HIS CA   C N S 138 
HIS C    C N N 139 
HIS O    O N N 140 
HIS CB   C N N 141 
HIS CG   C Y N 142 
HIS ND1  N Y N 143 
HIS CD2  C Y N 144 
HIS CE1  C Y N 145 
HIS NE2  N Y N 146 
HIS OXT  O N N 147 
HIS H    H N N 148 
HIS H2   H N N 149 
HIS HA   H N N 150 
HIS HB2  H N N 151 
HIS HB3  H N N 152 
HIS HD1  H N N 153 
HIS HD2  H N N 154 
HIS HE1  H N N 155 
HIS HE2  H N N 156 
HIS HXT  H N N 157 
HOH O    O N N 158 
HOH H1   H N N 159 
HOH H2   H N N 160 
ILE N    N N N 161 
ILE CA   C N S 162 
ILE C    C N N 163 
ILE O    O N N 164 
ILE CB   C N S 165 
ILE CG1  C N N 166 
ILE CG2  C N N 167 
ILE CD1  C N N 168 
ILE OXT  O N N 169 
ILE H    H N N 170 
ILE H2   H N N 171 
ILE HA   H N N 172 
ILE HB   H N N 173 
ILE HG12 H N N 174 
ILE HG13 H N N 175 
ILE HG21 H N N 176 
ILE HG22 H N N 177 
ILE HG23 H N N 178 
ILE HD11 H N N 179 
ILE HD12 H N N 180 
ILE HD13 H N N 181 
ILE HXT  H N N 182 
LEU N    N N N 183 
LEU CA   C N S 184 
LEU C    C N N 185 
LEU O    O N N 186 
LEU CB   C N N 187 
LEU CG   C N N 188 
LEU CD1  C N N 189 
LEU CD2  C N N 190 
LEU OXT  O N N 191 
LEU H    H N N 192 
LEU H2   H N N 193 
LEU HA   H N N 194 
LEU HB2  H N N 195 
LEU HB3  H N N 196 
LEU HG   H N N 197 
LEU HD11 H N N 198 
LEU HD12 H N N 199 
LEU HD13 H N N 200 
LEU HD21 H N N 201 
LEU HD22 H N N 202 
LEU HD23 H N N 203 
LEU HXT  H N N 204 
LYS N    N N N 205 
LYS CA   C N S 206 
LYS C    C N N 207 
LYS O    O N N 208 
LYS CB   C N N 209 
LYS CG   C N N 210 
LYS CD   C N N 211 
LYS CE   C N N 212 
LYS NZ   N N N 213 
LYS OXT  O N N 214 
LYS H    H N N 215 
LYS H2   H N N 216 
LYS HA   H N N 217 
LYS HB2  H N N 218 
LYS HB3  H N N 219 
LYS HG2  H N N 220 
LYS HG3  H N N 221 
LYS HD2  H N N 222 
LYS HD3  H N N 223 
LYS HE2  H N N 224 
LYS HE3  H N N 225 
LYS HZ1  H N N 226 
LYS HZ2  H N N 227 
LYS HZ3  H N N 228 
LYS HXT  H N N 229 
MAN C1   C N S 230 
MAN C2   C N S 231 
MAN C3   C N S 232 
MAN C4   C N S 233 
MAN C5   C N R 234 
MAN C6   C N N 235 
MAN O1   O N N 236 
MAN O2   O N N 237 
MAN O3   O N N 238 
MAN O4   O N N 239 
MAN O5   O N N 240 
MAN O6   O N N 241 
MAN H1   H N N 242 
MAN H2   H N N 243 
MAN H3   H N N 244 
MAN H4   H N N 245 
MAN H5   H N N 246 
MAN H61  H N N 247 
MAN H62  H N N 248 
MAN HO1  H N N 249 
MAN HO2  H N N 250 
MAN HO3  H N N 251 
MAN HO4  H N N 252 
MAN HO6  H N N 253 
MET N    N N N 254 
MET CA   C N S 255 
MET C    C N N 256 
MET O    O N N 257 
MET CB   C N N 258 
MET CG   C N N 259 
MET SD   S N N 260 
MET CE   C N N 261 
MET OXT  O N N 262 
MET H    H N N 263 
MET H2   H N N 264 
MET HA   H N N 265 
MET HB2  H N N 266 
MET HB3  H N N 267 
MET HG2  H N N 268 
MET HG3  H N N 269 
MET HE1  H N N 270 
MET HE2  H N N 271 
MET HE3  H N N 272 
MET HXT  H N N 273 
NAG C1   C N R 274 
NAG C2   C N R 275 
NAG C3   C N R 276 
NAG C4   C N S 277 
NAG C5   C N R 278 
NAG C6   C N N 279 
NAG C7   C N N 280 
NAG C8   C N N 281 
NAG N2   N N N 282 
NAG O1   O N N 283 
NAG O3   O N N 284 
NAG O4   O N N 285 
NAG O5   O N N 286 
NAG O6   O N N 287 
NAG O7   O N N 288 
NAG H1   H N N 289 
NAG H2   H N N 290 
NAG H3   H N N 291 
NAG H4   H N N 292 
NAG H5   H N N 293 
NAG H61  H N N 294 
NAG H62  H N N 295 
NAG H81  H N N 296 
NAG H82  H N N 297 
NAG H83  H N N 298 
NAG HN2  H N N 299 
NAG HO1  H N N 300 
NAG HO3  H N N 301 
NAG HO4  H N N 302 
NAG HO6  H N N 303 
PHE N    N N N 304 
PHE CA   C N S 305 
PHE C    C N N 306 
PHE O    O N N 307 
PHE CB   C N N 308 
PHE CG   C Y N 309 
PHE CD1  C Y N 310 
PHE CD2  C Y N 311 
PHE CE1  C Y N 312 
PHE CE2  C Y N 313 
PHE CZ   C Y N 314 
PHE OXT  O N N 315 
PHE H    H N N 316 
PHE H2   H N N 317 
PHE HA   H N N 318 
PHE HB2  H N N 319 
PHE HB3  H N N 320 
PHE HD1  H N N 321 
PHE HD2  H N N 322 
PHE HE1  H N N 323 
PHE HE2  H N N 324 
PHE HZ   H N N 325 
PHE HXT  H N N 326 
PRO N    N N N 327 
PRO CA   C N S 328 
PRO C    C N N 329 
PRO O    O N N 330 
PRO CB   C N N 331 
PRO CG   C N N 332 
PRO CD   C N N 333 
PRO OXT  O N N 334 
PRO H    H N N 335 
PRO HA   H N N 336 
PRO HB2  H N N 337 
PRO HB3  H N N 338 
PRO HG2  H N N 339 
PRO HG3  H N N 340 
PRO HD2  H N N 341 
PRO HD3  H N N 342 
PRO HXT  H N N 343 
SER N    N N N 344 
SER CA   C N S 345 
SER C    C N N 346 
SER O    O N N 347 
SER CB   C N N 348 
SER OG   O N N 349 
SER OXT  O N N 350 
SER H    H N N 351 
SER H2   H N N 352 
SER HA   H N N 353 
SER HB2  H N N 354 
SER HB3  H N N 355 
SER HG   H N N 356 
SER HXT  H N N 357 
THR N    N N N 358 
THR CA   C N S 359 
THR C    C N N 360 
THR O    O N N 361 
THR CB   C N R 362 
THR OG1  O N N 363 
THR CG2  C N N 364 
THR OXT  O N N 365 
THR H    H N N 366 
THR H2   H N N 367 
THR HA   H N N 368 
THR HB   H N N 369 
THR HG1  H N N 370 
THR HG21 H N N 371 
THR HG22 H N N 372 
THR HG23 H N N 373 
THR HXT  H N N 374 
TRP N    N N N 375 
TRP CA   C N S 376 
TRP C    C N N 377 
TRP O    O N N 378 
TRP CB   C N N 379 
TRP CG   C Y N 380 
TRP CD1  C Y N 381 
TRP CD2  C Y N 382 
TRP NE1  N Y N 383 
TRP CE2  C Y N 384 
TRP CE3  C Y N 385 
TRP CZ2  C Y N 386 
TRP CZ3  C Y N 387 
TRP CH2  C Y N 388 
TRP OXT  O N N 389 
TRP H    H N N 390 
TRP H2   H N N 391 
TRP HA   H N N 392 
TRP HB2  H N N 393 
TRP HB3  H N N 394 
TRP HD1  H N N 395 
TRP HE1  H N N 396 
TRP HE3  H N N 397 
TRP HZ2  H N N 398 
TRP HZ3  H N N 399 
TRP HH2  H N N 400 
TRP HXT  H N N 401 
TYR N    N N N 402 
TYR CA   C N S 403 
TYR C    C N N 404 
TYR O    O N N 405 
TYR CB   C N N 406 
TYR CG   C Y N 407 
TYR CD1  C Y N 408 
TYR CD2  C Y N 409 
TYR CE1  C Y N 410 
TYR CE2  C Y N 411 
TYR CZ   C Y N 412 
TYR OH   O N N 413 
TYR OXT  O N N 414 
TYR H    H N N 415 
TYR H2   H N N 416 
TYR HA   H N N 417 
TYR HB2  H N N 418 
TYR HB3  H N N 419 
TYR HD1  H N N 420 
TYR HD2  H N N 421 
TYR HE1  H N N 422 
TYR HE2  H N N 423 
TYR HH   H N N 424 
TYR HXT  H N N 425 
VAL N    N N N 426 
VAL CA   C N S 427 
VAL C    C N N 428 
VAL O    O N N 429 
VAL CB   C N N 430 
VAL CG1  C N N 431 
VAL CG2  C N N 432 
VAL OXT  O N N 433 
VAL H    H N N 434 
VAL H2   H N N 435 
VAL HA   H N N 436 
VAL HB   H N N 437 
VAL HG11 H N N 438 
VAL HG12 H N N 439 
VAL HG13 H N N 440 
VAL HG21 H N N 441 
VAL HG22 H N N 442 
VAL HG23 H N N 443 
VAL HXT  H N N 444 
# 
loop_
_chem_comp_bond.comp_id 
_chem_comp_bond.atom_id_1 
_chem_comp_bond.atom_id_2 
_chem_comp_bond.value_order 
_chem_comp_bond.pdbx_aromatic_flag 
_chem_comp_bond.pdbx_stereo_config 
_chem_comp_bond.pdbx_ordinal 
ALA N   CA   sing N N 1   
ALA N   H    sing N N 2   
ALA N   H2   sing N N 3   
ALA CA  C    sing N N 4   
ALA CA  CB   sing N N 5   
ALA CA  HA   sing N N 6   
ALA C   O    doub N N 7   
ALA C   OXT  sing N N 8   
ALA CB  HB1  sing N N 9   
ALA CB  HB2  sing N N 10  
ALA CB  HB3  sing N N 11  
ALA OXT HXT  sing N N 12  
ARG N   CA   sing N N 13  
ARG N   H    sing N N 14  
ARG N   H2   sing N N 15  
ARG CA  C    sing N N 16  
ARG CA  CB   sing N N 17  
ARG CA  HA   sing N N 18  
ARG C   O    doub N N 19  
ARG C   OXT  sing N N 20  
ARG CB  CG   sing N N 21  
ARG CB  HB2  sing N N 22  
ARG CB  HB3  sing N N 23  
ARG CG  CD   sing N N 24  
ARG CG  HG2  sing N N 25  
ARG CG  HG3  sing N N 26  
ARG CD  NE   sing N N 27  
ARG CD  HD2  sing N N 28  
ARG CD  HD3  sing N N 29  
ARG NE  CZ   sing N N 30  
ARG NE  HE   sing N N 31  
ARG CZ  NH1  sing N N 32  
ARG CZ  NH2  doub N N 33  
ARG NH1 HH11 sing N N 34  
ARG NH1 HH12 sing N N 35  
ARG NH2 HH21 sing N N 36  
ARG NH2 HH22 sing N N 37  
ARG OXT HXT  sing N N 38  
ASN N   CA   sing N N 39  
ASN N   H    sing N N 40  
ASN N   H2   sing N N 41  
ASN CA  C    sing N N 42  
ASN CA  CB   sing N N 43  
ASN CA  HA   sing N N 44  
ASN C   O    doub N N 45  
ASN C   OXT  sing N N 46  
ASN CB  CG   sing N N 47  
ASN CB  HB2  sing N N 48  
ASN CB  HB3  sing N N 49  
ASN CG  OD1  doub N N 50  
ASN CG  ND2  sing N N 51  
ASN ND2 HD21 sing N N 52  
ASN ND2 HD22 sing N N 53  
ASN OXT HXT  sing N N 54  
ASP N   CA   sing N N 55  
ASP N   H    sing N N 56  
ASP N   H2   sing N N 57  
ASP CA  C    sing N N 58  
ASP CA  CB   sing N N 59  
ASP CA  HA   sing N N 60  
ASP C   O    doub N N 61  
ASP C   OXT  sing N N 62  
ASP CB  CG   sing N N 63  
ASP CB  HB2  sing N N 64  
ASP CB  HB3  sing N N 65  
ASP CG  OD1  doub N N 66  
ASP CG  OD2  sing N N 67  
ASP OD2 HD2  sing N N 68  
ASP OXT HXT  sing N N 69  
CYS N   CA   sing N N 70  
CYS N   H    sing N N 71  
CYS N   H2   sing N N 72  
CYS CA  C    sing N N 73  
CYS CA  CB   sing N N 74  
CYS CA  HA   sing N N 75  
CYS C   O    doub N N 76  
CYS C   OXT  sing N N 77  
CYS CB  SG   sing N N 78  
CYS CB  HB2  sing N N 79  
CYS CB  HB3  sing N N 80  
CYS SG  HG   sing N N 81  
CYS OXT HXT  sing N N 82  
GLN N   CA   sing N N 83  
GLN N   H    sing N N 84  
GLN N   H2   sing N N 85  
GLN CA  C    sing N N 86  
GLN CA  CB   sing N N 87  
GLN CA  HA   sing N N 88  
GLN C   O    doub N N 89  
GLN C   OXT  sing N N 90  
GLN CB  CG   sing N N 91  
GLN CB  HB2  sing N N 92  
GLN CB  HB3  sing N N 93  
GLN CG  CD   sing N N 94  
GLN CG  HG2  sing N N 95  
GLN CG  HG3  sing N N 96  
GLN CD  OE1  doub N N 97  
GLN CD  NE2  sing N N 98  
GLN NE2 HE21 sing N N 99  
GLN NE2 HE22 sing N N 100 
GLN OXT HXT  sing N N 101 
GLU N   CA   sing N N 102 
GLU N   H    sing N N 103 
GLU N   H2   sing N N 104 
GLU CA  C    sing N N 105 
GLU CA  CB   sing N N 106 
GLU CA  HA   sing N N 107 
GLU C   O    doub N N 108 
GLU C   OXT  sing N N 109 
GLU CB  CG   sing N N 110 
GLU CB  HB2  sing N N 111 
GLU CB  HB3  sing N N 112 
GLU CG  CD   sing N N 113 
GLU CG  HG2  sing N N 114 
GLU CG  HG3  sing N N 115 
GLU CD  OE1  doub N N 116 
GLU CD  OE2  sing N N 117 
GLU OE2 HE2  sing N N 118 
GLU OXT HXT  sing N N 119 
GLY N   CA   sing N N 120 
GLY N   H    sing N N 121 
GLY N   H2   sing N N 122 
GLY CA  C    sing N N 123 
GLY CA  HA2  sing N N 124 
GLY CA  HA3  sing N N 125 
GLY C   O    doub N N 126 
GLY C   OXT  sing N N 127 
GLY OXT HXT  sing N N 128 
HIS N   CA   sing N N 129 
HIS N   H    sing N N 130 
HIS N   H2   sing N N 131 
HIS CA  C    sing N N 132 
HIS CA  CB   sing N N 133 
HIS CA  HA   sing N N 134 
HIS C   O    doub N N 135 
HIS C   OXT  sing N N 136 
HIS CB  CG   sing N N 137 
HIS CB  HB2  sing N N 138 
HIS CB  HB3  sing N N 139 
HIS CG  ND1  sing Y N 140 
HIS CG  CD2  doub Y N 141 
HIS ND1 CE1  doub Y N 142 
HIS ND1 HD1  sing N N 143 
HIS CD2 NE2  sing Y N 144 
HIS CD2 HD2  sing N N 145 
HIS CE1 NE2  sing Y N 146 
HIS CE1 HE1  sing N N 147 
HIS NE2 HE2  sing N N 148 
HIS OXT HXT  sing N N 149 
HOH O   H1   sing N N 150 
HOH O   H2   sing N N 151 
ILE N   CA   sing N N 152 
ILE N   H    sing N N 153 
ILE N   H2   sing N N 154 
ILE CA  C    sing N N 155 
ILE CA  CB   sing N N 156 
ILE CA  HA   sing N N 157 
ILE C   O    doub N N 158 
ILE C   OXT  sing N N 159 
ILE CB  CG1  sing N N 160 
ILE CB  CG2  sing N N 161 
ILE CB  HB   sing N N 162 
ILE CG1 CD1  sing N N 163 
ILE CG1 HG12 sing N N 164 
ILE CG1 HG13 sing N N 165 
ILE CG2 HG21 sing N N 166 
ILE CG2 HG22 sing N N 167 
ILE CG2 HG23 sing N N 168 
ILE CD1 HD11 sing N N 169 
ILE CD1 HD12 sing N N 170 
ILE CD1 HD13 sing N N 171 
ILE OXT HXT  sing N N 172 
LEU N   CA   sing N N 173 
LEU N   H    sing N N 174 
LEU N   H2   sing N N 175 
LEU CA  C    sing N N 176 
LEU CA  CB   sing N N 177 
LEU CA  HA   sing N N 178 
LEU C   O    doub N N 179 
LEU C   OXT  sing N N 180 
LEU CB  CG   sing N N 181 
LEU CB  HB2  sing N N 182 
LEU CB  HB3  sing N N 183 
LEU CG  CD1  sing N N 184 
LEU CG  CD2  sing N N 185 
LEU CG  HG   sing N N 186 
LEU CD1 HD11 sing N N 187 
LEU CD1 HD12 sing N N 188 
LEU CD1 HD13 sing N N 189 
LEU CD2 HD21 sing N N 190 
LEU CD2 HD22 sing N N 191 
LEU CD2 HD23 sing N N 192 
LEU OXT HXT  sing N N 193 
LYS N   CA   sing N N 194 
LYS N   H    sing N N 195 
LYS N   H2   sing N N 196 
LYS CA  C    sing N N 197 
LYS CA  CB   sing N N 198 
LYS CA  HA   sing N N 199 
LYS C   O    doub N N 200 
LYS C   OXT  sing N N 201 
LYS CB  CG   sing N N 202 
LYS CB  HB2  sing N N 203 
LYS CB  HB3  sing N N 204 
LYS CG  CD   sing N N 205 
LYS CG  HG2  sing N N 206 
LYS CG  HG3  sing N N 207 
LYS CD  CE   sing N N 208 
LYS CD  HD2  sing N N 209 
LYS CD  HD3  sing N N 210 
LYS CE  NZ   sing N N 211 
LYS CE  HE2  sing N N 212 
LYS CE  HE3  sing N N 213 
LYS NZ  HZ1  sing N N 214 
LYS NZ  HZ2  sing N N 215 
LYS NZ  HZ3  sing N N 216 
LYS OXT HXT  sing N N 217 
MAN C1  C2   sing N N 218 
MAN C1  O1   sing N N 219 
MAN C1  O5   sing N N 220 
MAN C1  H1   sing N N 221 
MAN C2  C3   sing N N 222 
MAN C2  O2   sing N N 223 
MAN C2  H2   sing N N 224 
MAN C3  C4   sing N N 225 
MAN C3  O3   sing N N 226 
MAN C3  H3   sing N N 227 
MAN C4  C5   sing N N 228 
MAN C4  O4   sing N N 229 
MAN C4  H4   sing N N 230 
MAN C5  C6   sing N N 231 
MAN C5  O5   sing N N 232 
MAN C5  H5   sing N N 233 
MAN C6  O6   sing N N 234 
MAN C6  H61  sing N N 235 
MAN C6  H62  sing N N 236 
MAN O1  HO1  sing N N 237 
MAN O2  HO2  sing N N 238 
MAN O3  HO3  sing N N 239 
MAN O4  HO4  sing N N 240 
MAN O6  HO6  sing N N 241 
MET N   CA   sing N N 242 
MET N   H    sing N N 243 
MET N   H2   sing N N 244 
MET CA  C    sing N N 245 
MET CA  CB   sing N N 246 
MET CA  HA   sing N N 247 
MET C   O    doub N N 248 
MET C   OXT  sing N N 249 
MET CB  CG   sing N N 250 
MET CB  HB2  sing N N 251 
MET CB  HB3  sing N N 252 
MET CG  SD   sing N N 253 
MET CG  HG2  sing N N 254 
MET CG  HG3  sing N N 255 
MET SD  CE   sing N N 256 
MET CE  HE1  sing N N 257 
MET CE  HE2  sing N N 258 
MET CE  HE3  sing N N 259 
MET OXT HXT  sing N N 260 
NAG C1  C2   sing N N 261 
NAG C1  O1   sing N N 262 
NAG C1  O5   sing N N 263 
NAG C1  H1   sing N N 264 
NAG C2  C3   sing N N 265 
NAG C2  N2   sing N N 266 
NAG C2  H2   sing N N 267 
NAG C3  C4   sing N N 268 
NAG C3  O3   sing N N 269 
NAG C3  H3   sing N N 270 
NAG C4  C5   sing N N 271 
NAG C4  O4   sing N N 272 
NAG C4  H4   sing N N 273 
NAG C5  C6   sing N N 274 
NAG C5  O5   sing N N 275 
NAG C5  H5   sing N N 276 
NAG C6  O6   sing N N 277 
NAG C6  H61  sing N N 278 
NAG C6  H62  sing N N 279 
NAG C7  C8   sing N N 280 
NAG C7  N2   sing N N 281 
NAG C7  O7   doub N N 282 
NAG C8  H81  sing N N 283 
NAG C8  H82  sing N N 284 
NAG C8  H83  sing N N 285 
NAG N2  HN2  sing N N 286 
NAG O1  HO1  sing N N 287 
NAG O3  HO3  sing N N 288 
NAG O4  HO4  sing N N 289 
NAG O6  HO6  sing N N 290 
PHE N   CA   sing N N 291 
PHE N   H    sing N N 292 
PHE N   H2   sing N N 293 
PHE CA  C    sing N N 294 
PHE CA  CB   sing N N 295 
PHE CA  HA   sing N N 296 
PHE C   O    doub N N 297 
PHE C   OXT  sing N N 298 
PHE CB  CG   sing N N 299 
PHE CB  HB2  sing N N 300 
PHE CB  HB3  sing N N 301 
PHE CG  CD1  doub Y N 302 
PHE CG  CD2  sing Y N 303 
PHE CD1 CE1  sing Y N 304 
PHE CD1 HD1  sing N N 305 
PHE CD2 CE2  doub Y N 306 
PHE CD2 HD2  sing N N 307 
PHE CE1 CZ   doub Y N 308 
PHE CE1 HE1  sing N N 309 
PHE CE2 CZ   sing Y N 310 
PHE CE2 HE2  sing N N 311 
PHE CZ  HZ   sing N N 312 
PHE OXT HXT  sing N N 313 
PRO N   CA   sing N N 314 
PRO N   CD   sing N N 315 
PRO N   H    sing N N 316 
PRO CA  C    sing N N 317 
PRO CA  CB   sing N N 318 
PRO CA  HA   sing N N 319 
PRO C   O    doub N N 320 
PRO C   OXT  sing N N 321 
PRO CB  CG   sing N N 322 
PRO CB  HB2  sing N N 323 
PRO CB  HB3  sing N N 324 
PRO CG  CD   sing N N 325 
PRO CG  HG2  sing N N 326 
PRO CG  HG3  sing N N 327 
PRO CD  HD2  sing N N 328 
PRO CD  HD3  sing N N 329 
PRO OXT HXT  sing N N 330 
SER N   CA   sing N N 331 
SER N   H    sing N N 332 
SER N   H2   sing N N 333 
SER CA  C    sing N N 334 
SER CA  CB   sing N N 335 
SER CA  HA   sing N N 336 
SER C   O    doub N N 337 
SER C   OXT  sing N N 338 
SER CB  OG   sing N N 339 
SER CB  HB2  sing N N 340 
SER CB  HB3  sing N N 341 
SER OG  HG   sing N N 342 
SER OXT HXT  sing N N 343 
THR N   CA   sing N N 344 
THR N   H    sing N N 345 
THR N   H2   sing N N 346 
THR CA  C    sing N N 347 
THR CA  CB   sing N N 348 
THR CA  HA   sing N N 349 
THR C   O    doub N N 350 
THR C   OXT  sing N N 351 
THR CB  OG1  sing N N 352 
THR CB  CG2  sing N N 353 
THR CB  HB   sing N N 354 
THR OG1 HG1  sing N N 355 
THR CG2 HG21 sing N N 356 
THR CG2 HG22 sing N N 357 
THR CG2 HG23 sing N N 358 
THR OXT HXT  sing N N 359 
TRP N   CA   sing N N 360 
TRP N   H    sing N N 361 
TRP N   H2   sing N N 362 
TRP CA  C    sing N N 363 
TRP CA  CB   sing N N 364 
TRP CA  HA   sing N N 365 
TRP C   O    doub N N 366 
TRP C   OXT  sing N N 367 
TRP CB  CG   sing N N 368 
TRP CB  HB2  sing N N 369 
TRP CB  HB3  sing N N 370 
TRP CG  CD1  doub Y N 371 
TRP CG  CD2  sing Y N 372 
TRP CD1 NE1  sing Y N 373 
TRP CD1 HD1  sing N N 374 
TRP CD2 CE2  doub Y N 375 
TRP CD2 CE3  sing Y N 376 
TRP NE1 CE2  sing Y N 377 
TRP NE1 HE1  sing N N 378 
TRP CE2 CZ2  sing Y N 379 
TRP CE3 CZ3  doub Y N 380 
TRP CE3 HE3  sing N N 381 
TRP CZ2 CH2  doub Y N 382 
TRP CZ2 HZ2  sing N N 383 
TRP CZ3 CH2  sing Y N 384 
TRP CZ3 HZ3  sing N N 385 
TRP CH2 HH2  sing N N 386 
TRP OXT HXT  sing N N 387 
TYR N   CA   sing N N 388 
TYR N   H    sing N N 389 
TYR N   H2   sing N N 390 
TYR CA  C    sing N N 391 
TYR CA  CB   sing N N 392 
TYR CA  HA   sing N N 393 
TYR C   O    doub N N 394 
TYR C   OXT  sing N N 395 
TYR CB  CG   sing N N 396 
TYR CB  HB2  sing N N 397 
TYR CB  HB3  sing N N 398 
TYR CG  CD1  doub Y N 399 
TYR CG  CD2  sing Y N 400 
TYR CD1 CE1  sing Y N 401 
TYR CD1 HD1  sing N N 402 
TYR CD2 CE2  doub Y N 403 
TYR CD2 HD2  sing N N 404 
TYR CE1 CZ   doub Y N 405 
TYR CE1 HE1  sing N N 406 
TYR CE2 CZ   sing Y N 407 
TYR CE2 HE2  sing N N 408 
TYR CZ  OH   sing N N 409 
TYR OH  HH   sing N N 410 
TYR OXT HXT  sing N N 411 
VAL N   CA   sing N N 412 
VAL N   H    sing N N 413 
VAL N   H2   sing N N 414 
VAL CA  C    sing N N 415 
VAL CA  CB   sing N N 416 
VAL CA  HA   sing N N 417 
VAL C   O    doub N N 418 
VAL C   OXT  sing N N 419 
VAL CB  CG1  sing N N 420 
VAL CB  CG2  sing N N 421 
VAL CB  HB   sing N N 422 
VAL CG1 HG11 sing N N 423 
VAL CG1 HG12 sing N N 424 
VAL CG1 HG13 sing N N 425 
VAL CG2 HG21 sing N N 426 
VAL CG2 HG22 sing N N 427 
VAL CG2 HG23 sing N N 428 
VAL OXT HXT  sing N N 429 
# 
loop_
_pdbx_entity_branch_list.entity_id 
_pdbx_entity_branch_list.comp_id 
_pdbx_entity_branch_list.num 
_pdbx_entity_branch_list.hetero 
2 NAG 1 n 
2 NAG 2 n 
2 MAN 3 n 
# 
_atom_sites.entry_id                    1IKO 
_atom_sites.fract_transf_matrix[1][1]   0.00309499 
_atom_sites.fract_transf_matrix[1][2]   0.00591859 
_atom_sites.fract_transf_matrix[1][3]   -0.01829669 
_atom_sites.fract_transf_matrix[2][1]   -0.01508026 
_atom_sites.fract_transf_matrix[2][2]   0.00288324 
_atom_sites.fract_transf_matrix[2][3]   -0.01198604 
_atom_sites.fract_transf_matrix[3][1]   -0.00032780 
_atom_sites.fract_transf_matrix[3][2]   0.00564191 
_atom_sites.fract_transf_matrix[3][3]   0.00176959 
_atom_sites.fract_transf_vector[1]      0.662525 
_atom_sites.fract_transf_vector[2]      0.681939 
_atom_sites.fract_transf_vector[3]      0.523388 
# 
loop_
_atom_type.symbol 
C 
N 
O 
S 
# 
loop_
_atom_site.group_PDB 
_atom_site.id 
_atom_site.type_symbol 
_atom_site.label_atom_id 
_atom_site.label_alt_id 
_atom_site.label_comp_id 
_atom_site.label_asym_id 
_atom_site.label_entity_id 
_atom_site.label_seq_id 
_atom_site.pdbx_PDB_ins_code 
_atom_site.Cartn_x 
_atom_site.Cartn_y 
_atom_site.Cartn_z 
_atom_site.occupancy 
_atom_site.B_iso_or_equiv 
_atom_site.pdbx_formal_charge 
_atom_site.auth_seq_id 
_atom_site.auth_comp_id 
_atom_site.auth_asym_id 
_atom_site.auth_atom_id 
_atom_site.pdbx_PDB_model_num 
ATOM   1    N N   . SER A 1 1   ? 17.918  -0.057  10.344  1.00 58.91 ? 30  SER P N   1 
ATOM   2    C CA  . SER A 1 1   ? 19.152  -0.623  9.740   1.00 58.87 ? 30  SER P CA  1 
ATOM   3    C C   . SER A 1 1   ? 19.248  -0.217  8.256   1.00 57.83 ? 30  SER P C   1 
ATOM   4    O O   . SER A 1 1   ? 20.362  -0.042  7.747   1.00 59.22 ? 30  SER P O   1 
ATOM   5    C CB  . SER A 1 1   ? 19.163  -2.139  9.929   1.00 59.47 ? 30  SER P CB  1 
ATOM   6    O OG  . SER A 1 1   ? 20.464  -2.662  9.762   1.00 61.87 ? 30  SER P OG  1 
ATOM   7    N N   . ILE A 1 2   ? 18.102  -0.077  7.567   1.00 54.90 ? 31  ILE P N   1 
ATOM   8    C CA  . ILE A 1 2   ? 18.074  0.420   6.167   1.00 51.78 ? 31  ILE P CA  1 
ATOM   9    C C   . ILE A 1 2   ? 16.712  0.955   5.677   1.00 48.57 ? 31  ILE P C   1 
ATOM   10   O O   . ILE A 1 2   ? 15.652  0.413   5.990   1.00 47.15 ? 31  ILE P O   1 
ATOM   11   C CB  . ILE A 1 2   ? 18.545  -0.601  5.078   1.00 52.34 ? 31  ILE P CB  1 
ATOM   12   C CG1 . ILE A 1 2   ? 17.496  -1.673  4.867   1.00 53.89 ? 31  ILE P CG1 1 
ATOM   13   C CG2 . ILE A 1 2   ? 19.868  -1.216  5.448   1.00 53.87 ? 31  ILE P CG2 1 
ATOM   14   C CD1 . ILE A 1 2   ? 17.831  -2.577  3.689   1.00 54.65 ? 31  ILE P CD1 1 
ATOM   15   N N   . VAL A 1 3   ? 16.768  2.035   4.906   1.00 44.79 ? 32  VAL P N   1 
ATOM   16   C CA  . VAL A 1 3   ? 15.579  2.649   4.332   1.00 41.98 ? 32  VAL P CA  1 
ATOM   17   C C   . VAL A 1 3   ? 15.377  2.037   2.956   1.00 40.05 ? 32  VAL P C   1 
ATOM   18   O O   . VAL A 1 3   ? 16.128  2.331   2.035   1.00 39.98 ? 32  VAL P O   1 
ATOM   19   C CB  . VAL A 1 3   ? 15.756  4.172   4.158   1.00 41.28 ? 32  VAL P CB  1 
ATOM   20   C CG1 . VAL A 1 3   ? 14.466  4.798   3.621   1.00 40.62 ? 32  VAL P CG1 1 
ATOM   21   C CG2 . VAL A 1 3   ? 16.126  4.800   5.484   1.00 40.46 ? 32  VAL P CG2 1 
ATOM   22   N N   . LEU A 1 4   ? 14.370  1.184   2.826   1.00 38.17 ? 33  LEU P N   1 
ATOM   23   C CA  . LEU A 1 4   ? 14.064  0.525   1.558   1.00 36.57 ? 33  LEU P CA  1 
ATOM   24   C C   . LEU A 1 4   ? 13.617  1.578   0.538   1.00 35.23 ? 33  LEU P C   1 
ATOM   25   O O   . LEU A 1 4   ? 13.208  2.670   0.922   1.00 34.68 ? 33  LEU P O   1 
ATOM   26   C CB  . LEU A 1 4   ? 12.971  -0.522  1.789   1.00 36.95 ? 33  LEU P CB  1 
ATOM   27   C CG  . LEU A 1 4   ? 13.377  -1.538  2.872   1.00 38.75 ? 33  LEU P CG  1 
ATOM   28   C CD1 . LEU A 1 4   ? 12.197  -2.377  3.361   1.00 39.40 ? 33  LEU P CD1 1 
ATOM   29   C CD2 . LEU A 1 4   ? 14.437  -2.438  2.292   1.00 39.07 ? 33  LEU P CD2 1 
ATOM   30   N N   . GLU A 1 5   ? 13.734  1.266   -0.751  1.00 33.42 ? 34  GLU P N   1 
ATOM   31   C CA  . GLU A 1 5   ? 13.327  2.208   -1.800  1.00 32.14 ? 34  GLU P CA  1 
ATOM   32   C C   . GLU A 1 5   ? 11.841  2.472   -1.622  1.00 27.68 ? 34  GLU P C   1 
ATOM   33   O O   . GLU A 1 5   ? 11.072  1.556   -1.390  1.00 28.61 ? 34  GLU P O   1 
ATOM   34   C CB  . GLU A 1 5   ? 13.544  1.601   -3.180  1.00 36.79 ? 34  GLU P CB  1 
ATOM   35   C CG  . GLU A 1 5   ? 14.952  1.080   -3.395  1.00 43.55 ? 34  GLU P CG  1 
ATOM   36   C CD  . GLU A 1 5   ? 15.024  0.041   -4.514  1.00 48.73 ? 34  GLU P CD  1 
ATOM   37   O OE1 . GLU A 1 5   ? 16.063  -0.666  -4.600  1.00 50.89 ? 34  GLU P OE1 1 
ATOM   38   O OE2 . GLU A 1 5   ? 14.045  -0.066  -5.304  1.00 51.23 ? 34  GLU P OE2 1 
ATOM   39   N N   . PRO A 1 6   ? 11.420  3.718   -1.744  1.00 26.16 ? 35  PRO P N   1 
ATOM   40   C CA  . PRO A 1 6   ? 9.999   4.016   -1.575  1.00 26.42 ? 35  PRO P CA  1 
ATOM   41   C C   . PRO A 1 6   ? 9.117   3.430   -2.657  1.00 25.89 ? 35  PRO P C   1 
ATOM   42   O O   . PRO A 1 6   ? 9.546   3.223   -3.800  1.00 26.85 ? 35  PRO P O   1 
ATOM   43   C CB  . PRO A 1 6   ? 9.972   5.532   -1.573  1.00 26.07 ? 35  PRO P CB  1 
ATOM   44   C CG  . PRO A 1 6   ? 11.126  5.862   -2.507  1.00 27.62 ? 35  PRO P CG  1 
ATOM   45   C CD  . PRO A 1 6   ? 12.183  4.944   -2.004  1.00 26.51 ? 35  PRO P CD  1 
ATOM   46   N N   . ILE A 1 7   ? 7.870   3.177   -2.295  1.00 24.58 ? 36  ILE P N   1 
ATOM   47   C CA  . ILE A 1 7   ? 6.931   2.634   -3.245  1.00 24.73 ? 36  ILE P CA  1 
ATOM   48   C C   . ILE A 1 7   ? 5.925   3.699   -3.626  1.00 24.97 ? 36  ILE P C   1 
ATOM   49   O O   . ILE A 1 7   ? 5.169   4.180   -2.776  1.00 24.36 ? 36  ILE P O   1 
ATOM   50   C CB  . ILE A 1 7   ? 6.238   1.452   -2.624  1.00 25.78 ? 36  ILE P CB  1 
ATOM   51   C CG1 . ILE A 1 7   ? 7.303   0.374   -2.402  1.00 25.32 ? 36  ILE P CG1 1 
ATOM   52   C CG2 . ILE A 1 7   ? 5.067   0.974   -3.510  1.00 25.30 ? 36  ILE P CG2 1 
ATOM   53   C CD1 . ILE A 1 7   ? 6.851   -0.767  -1.593  1.00 29.47 ? 36  ILE P CD1 1 
ATOM   54   N N   . TYR A 1 8   ? 5.946   4.101   -4.893  1.00 24.14 ? 37  TYR P N   1 
ATOM   55   C CA  . TYR A 1 8   ? 5.010   5.094   -5.392  1.00 23.08 ? 37  TYR P CA  1 
ATOM   56   C C   . TYR A 1 8   ? 3.726   4.365   -5.750  1.00 22.68 ? 37  TYR P C   1 
ATOM   57   O O   . TYR A 1 8   ? 3.703   3.565   -6.677  1.00 22.60 ? 37  TYR P O   1 
ATOM   58   C CB  . TYR A 1 8   ? 5.602   5.788   -6.609  1.00 25.48 ? 37  TYR P CB  1 
ATOM   59   C CG  . TYR A 1 8   ? 6.666   6.774   -6.219  1.00 27.27 ? 37  TYR P CG  1 
ATOM   60   C CD1 . TYR A 1 8   ? 7.992   6.369   -6.013  1.00 27.14 ? 37  TYR P CD1 1 
ATOM   61   C CD2 . TYR A 1 8   ? 6.343   8.108   -6.010  1.00 26.88 ? 37  TYR P CD2 1 
ATOM   62   C CE1 . TYR A 1 8   ? 8.961   7.278   -5.615  1.00 29.75 ? 37  TYR P CE1 1 
ATOM   63   C CE2 . TYR A 1 8   ? 7.306   9.027   -5.610  1.00 29.97 ? 37  TYR P CE2 1 
ATOM   64   C CZ  . TYR A 1 8   ? 8.609   8.608   -5.416  1.00 30.97 ? 37  TYR P CZ  1 
ATOM   65   O OH  . TYR A 1 8   ? 9.558   9.536   -5.020  1.00 33.36 ? 37  TYR P OH  1 
ATOM   66   N N   . TRP A 1 9   ? 2.669   4.635   -4.998  1.00 19.98 ? 38  TRP P N   1 
ATOM   67   C CA  . TRP A 1 9   ? 1.416   3.965   -5.204  1.00 21.87 ? 38  TRP P CA  1 
ATOM   68   C C   . TRP A 1 9   ? 0.586   4.575   -6.314  1.00 22.22 ? 38  TRP P C   1 
ATOM   69   O O   . TRP A 1 9   ? -0.315  5.382   -6.061  1.00 22.32 ? 38  TRP P O   1 
ATOM   70   C CB  . TRP A 1 9   ? 0.602   3.955   -3.925  1.00 20.66 ? 38  TRP P CB  1 
ATOM   71   C CG  . TRP A 1 9   ? -0.581  2.986   -3.982  1.00 19.31 ? 38  TRP P CG  1 
ATOM   72   C CD1 . TRP A 1 9   ? -1.826  3.240   -4.462  1.00 20.25 ? 38  TRP P CD1 1 
ATOM   73   C CD2 . TRP A 1 9   ? -0.579  1.608   -3.570  1.00 20.41 ? 38  TRP P CD2 1 
ATOM   74   N NE1 . TRP A 1 9   ? -2.609  2.112   -4.377  1.00 20.34 ? 38  TRP P NE1 1 
ATOM   75   C CE2 . TRP A 1 9   ? -1.871  1.094   -3.838  1.00 20.06 ? 38  TRP P CE2 1 
ATOM   76   C CE3 . TRP A 1 9   ? 0.387   0.766   -3.002  1.00 19.16 ? 38  TRP P CE3 1 
ATOM   77   C CZ2 . TRP A 1 9   ? -2.226  -0.236  -3.555  1.00 20.30 ? 38  TRP P CZ2 1 
ATOM   78   C CZ3 . TRP A 1 9   ? 0.044   -0.553  -2.722  1.00 21.71 ? 38  TRP P CZ3 1 
ATOM   79   C CH2 . TRP A 1 9   ? -1.258  -1.043  -2.999  1.00 21.66 ? 38  TRP P CH2 1 
ATOM   80   N N   . ASN A 1 10  ? 0.928   4.246   -7.554  1.00 24.33 ? 39  ASN P N   1 
ATOM   81   C CA  . ASN A 1 10  ? 0.122   4.742   -8.675  1.00 24.93 ? 39  ASN P CA  1 
ATOM   82   C C   . ASN A 1 10  ? 0.101   3.741   -9.828  1.00 26.32 ? 39  ASN P C   1 
ATOM   83   O O   . ASN A 1 10  ? 0.954   2.853   -9.908  1.00 24.30 ? 39  ASN P O   1 
ATOM   84   C CB  . ASN A 1 10  ? 0.552   6.151   -9.125  1.00 24.17 ? 39  ASN P CB  1 
ATOM   85   C CG  . ASN A 1 10  ? 1.885   6.189   -9.819  1.00 29.17 ? 39  ASN P CG  1 
ATOM   86   O OD1 . ASN A 1 10  ? 2.090   5.545   -10.871 1.00 30.50 ? 39  ASN P OD1 1 
ATOM   87   N ND2 . ASN A 1 10  ? 2.800   6.980   -9.263  1.00 28.35 ? 39  ASN P ND2 1 
ATOM   88   N N   . SER A 1 11  ? -0.896  3.889   -10.708 1.00 28.45 ? 40  SER P N   1 
ATOM   89   C CA  . SER A 1 11  ? -1.081  2.959   -11.821 1.00 27.92 ? 40  SER P CA  1 
ATOM   90   C C   . SER A 1 11  ? 0.033   2.918   -12.872 1.00 28.82 ? 40  SER P C   1 
ATOM   91   O O   . SER A 1 11  ? 0.065   2.001   -13.696 1.00 28.83 ? 40  SER P O   1 
ATOM   92   C CB  . SER A 1 11  ? -2.427  3.225   -12.488 1.00 26.05 ? 40  SER P CB  1 
ATOM   93   O OG  . SER A 1 11  ? -2.465  4.559   -12.976 1.00 26.90 ? 40  SER P OG  1 
ATOM   94   N N   . SER A 1 12  ? 0.956   3.877   -12.856 1.00 28.55 ? 41  SER P N   1 
ATOM   95   C CA  . SER A 1 12  ? 2.029   3.830   -13.847 1.00 29.92 ? 41  SER P CA  1 
ATOM   96   C C   . SER A 1 12  ? 3.336   3.236   -13.301 1.00 29.82 ? 41  SER P C   1 
ATOM   97   O O   . SER A 1 12  ? 4.340   3.200   -14.008 1.00 31.88 ? 41  SER P O   1 
ATOM   98   C CB  . SER A 1 12  ? 2.321   5.223   -14.404 1.00 30.68 ? 41  SER P CB  1 
ATOM   99   O OG  . SER A 1 12  ? 3.157   5.951   -13.522 1.00 32.18 ? 41  SER P OG  1 
ATOM   100  N N   . ASN A 1 13  ? 3.327   2.749   -12.067 1.00 27.98 ? 42  ASN P N   1 
ATOM   101  C CA  . ASN A 1 13  ? 4.543   2.182   -11.447 1.00 27.05 ? 42  ASN P CA  1 
ATOM   102  C C   . ASN A 1 13  ? 4.712   0.713   -11.829 1.00 26.91 ? 42  ASN P C   1 
ATOM   103  O O   . ASN A 1 13  ? 3.891   -0.129  -11.474 1.00 26.37 ? 42  ASN P O   1 
ATOM   104  C CB  . ASN A 1 13  ? 4.456   2.307   -9.916  1.00 25.20 ? 42  ASN P CB  1 
ATOM   105  C CG  . ASN A 1 13  ? 5.721   1.853   -9.209  1.00 24.73 ? 42  ASN P CG  1 
ATOM   106  O OD1 . ASN A 1 13  ? 6.625   1.281   -9.809  1.00 25.56 ? 42  ASN P OD1 1 
ATOM   107  N ND2 . ASN A 1 13  ? 5.770   2.090   -7.905  1.00 24.28 ? 42  ASN P ND2 1 
ATOM   108  N N   . SER A 1 14  ? 5.806   0.413   -12.514 1.00 26.39 ? 43  SER P N   1 
ATOM   109  C CA  . SER A 1 14  ? 6.098   -0.932  -12.991 1.00 28.08 ? 43  SER P CA  1 
ATOM   110  C C   . SER A 1 14  ? 6.552   -1.947  -11.970 1.00 28.08 ? 43  SER P C   1 
ATOM   111  O O   . SER A 1 14  ? 6.708   -3.124  -12.305 1.00 27.49 ? 43  SER P O   1 
ATOM   112  C CB  . SER A 1 14  ? 7.146   -0.855  -14.108 1.00 28.82 ? 43  SER P CB  1 
ATOM   113  O OG  . SER A 1 14  ? 8.387   -0.398  -13.595 1.00 26.87 ? 43  SER P OG  1 
ATOM   114  N N   . LYS A 1 15  ? 6.798   -1.509  -10.735 1.00 28.35 ? 44  LYS P N   1 
ATOM   115  C CA  . LYS A 1 15  ? 7.212   -2.438  -9.700  1.00 27.78 ? 44  LYS P CA  1 
ATOM   116  C C   . LYS A 1 15  ? 6.084   -3.413  -9.405  1.00 26.75 ? 44  LYS P C   1 
ATOM   117  O O   . LYS A 1 15  ? 6.299   -4.494  -8.852  1.00 25.81 ? 44  LYS P O   1 
ATOM   118  C CB  . LYS A 1 15  ? 7.636   -1.671  -8.425  1.00 29.25 ? 44  LYS P CB  1 
ATOM   119  C CG  . LYS A 1 15  ? 9.023   -1.079  -8.569  1.00 34.14 ? 44  LYS P CG  1 
ATOM   120  C CD  . LYS A 1 15  ? 9.395   -0.191  -7.386  1.00 39.28 ? 44  LYS P CD  1 
ATOM   121  C CE  . LYS A 1 15  ? 10.896  0.126   -7.371  1.00 40.82 ? 44  LYS P CE  1 
ATOM   122  N NZ  . LYS A 1 15  ? 11.694  -1.041  -6.915  1.00 43.75 ? 44  LYS P NZ  1 
ATOM   123  N N   . PHE A 1 16  ? 4.866   -3.023  -9.755  1.00 24.13 ? 45  PHE P N   1 
ATOM   124  C CA  . PHE A 1 16  ? 3.734   -3.899  -9.559  1.00 23.25 ? 45  PHE P CA  1 
ATOM   125  C C   . PHE A 1 16  ? 3.675   -4.821  -10.793 1.00 25.33 ? 45  PHE P C   1 
ATOM   126  O O   . PHE A 1 16  ? 3.271   -4.394  -11.876 1.00 23.21 ? 45  PHE P O   1 
ATOM   127  C CB  . PHE A 1 16  ? 2.465   -3.066  -9.447  1.00 24.67 ? 45  PHE P CB  1 
ATOM   128  C CG  . PHE A 1 16  ? 2.393   -2.233  -8.197  1.00 23.66 ? 45  PHE P CG  1 
ATOM   129  C CD1 . PHE A 1 16  ? 2.078   -2.827  -6.977  1.00 22.58 ? 45  PHE P CD1 1 
ATOM   130  C CD2 . PHE A 1 16  ? 2.643   -0.872  -8.238  1.00 24.12 ? 45  PHE P CD2 1 
ATOM   131  C CE1 . PHE A 1 16  ? 2.011   -2.066  -5.793  1.00 25.13 ? 45  PHE P CE1 1 
ATOM   132  C CE2 . PHE A 1 16  ? 2.579   -0.095  -7.061  1.00 26.00 ? 45  PHE P CE2 1 
ATOM   133  C CZ  . PHE A 1 16  ? 2.263   -0.702  -5.838  1.00 24.14 ? 45  PHE P CZ  1 
ATOM   134  N N   . LEU A 1 17  ? 4.108   -6.063  -10.638 1.00 24.27 ? 46  LEU P N   1 
ATOM   135  C CA  . LEU A 1 17  ? 4.087   -7.015  -11.753 1.00 26.05 ? 46  LEU P CA  1 
ATOM   136  C C   . LEU A 1 17  ? 2.684   -7.435  -12.124 1.00 26.70 ? 46  LEU P C   1 
ATOM   137  O O   . LEU A 1 17  ? 1.806   -7.535  -11.262 1.00 25.83 ? 46  LEU P O   1 
ATOM   138  C CB  . LEU A 1 17  ? 4.851   -8.278  -11.388 1.00 26.30 ? 46  LEU P CB  1 
ATOM   139  C CG  . LEU A 1 17  ? 6.388   -8.209  -11.291 1.00 29.61 ? 46  LEU P CG  1 
ATOM   140  C CD1 . LEU A 1 17  ? 6.901   -9.513  -10.670 1.00 30.94 ? 46  LEU P CD1 1 
ATOM   141  C CD2 . LEU A 1 17  ? 7.008   -8.032  -12.645 1.00 29.77 ? 46  LEU P CD2 1 
ATOM   142  N N   . PRO A 1 18  ? 2.440   -7.682  -13.420 1.00 26.36 ? 47  PRO P N   1 
ATOM   143  C CA  . PRO A 1 18  ? 1.098   -8.112  -13.812 1.00 27.30 ? 47  PRO P CA  1 
ATOM   144  C C   . PRO A 1 18  ? 0.732   -9.357  -13.016 1.00 26.71 ? 47  PRO P C   1 
ATOM   145  O O   . PRO A 1 18  ? 1.563   -10.249 -12.803 1.00 26.97 ? 47  PRO P O   1 
ATOM   146  C CB  . PRO A 1 18  ? 1.261   -8.402  -15.297 1.00 27.60 ? 47  PRO P CB  1 
ATOM   147  C CG  . PRO A 1 18  ? 2.193   -7.314  -15.705 1.00 28.37 ? 47  PRO P CG  1 
ATOM   148  C CD  . PRO A 1 18  ? 3.254   -7.375  -14.600 1.00 26.29 ? 47  PRO P CD  1 
ATOM   149  N N   . GLY A 1 19  ? -0.498  -9.385  -12.524 1.00 26.86 ? 48  GLY P N   1 
ATOM   150  C CA  . GLY A 1 19  ? -0.955  -10.529 -11.772 1.00 27.00 ? 48  GLY P CA  1 
ATOM   151  C C   . GLY A 1 19  ? -0.432  -10.693 -10.366 1.00 28.43 ? 48  GLY P C   1 
ATOM   152  O O   . GLY A 1 19  ? -1.213  -10.834 -9.445  1.00 31.64 ? 48  GLY P O   1 
ATOM   153  N N   . GLN A 1 20  ? 0.883   -10.647 -10.185 1.00 29.75 ? 49  GLN P N   1 
ATOM   154  C CA  . GLN A 1 20  ? 1.498   -10.858 -8.871  1.00 28.70 ? 49  GLN P CA  1 
ATOM   155  C C   . GLN A 1 20  ? 1.665   -9.660  -7.940  1.00 29.92 ? 49  GLN P C   1 
ATOM   156  O O   . GLN A 1 20  ? 1.707   -9.830  -6.710  1.00 29.10 ? 49  GLN P O   1 
ATOM   157  C CB  . GLN A 1 20  ? 2.864   -11.488 -9.063  1.00 30.95 ? 49  GLN P CB  1 
ATOM   158  C CG  . GLN A 1 20  ? 2.841   -12.692 -9.984  1.00 32.45 ? 49  GLN P CG  1 
ATOM   159  C CD  . GLN A 1 20  ? 4.171   -13.400 -9.987  1.00 36.86 ? 49  GLN P CD  1 
ATOM   160  O OE1 . GLN A 1 20  ? 4.462   -14.209 -9.085  1.00 38.09 ? 49  GLN P OE1 1 
ATOM   161  N NE2 . GLN A 1 20  ? 5.009   -13.085 -10.978 1.00 34.41 ? 49  GLN P NE2 1 
ATOM   162  N N   . GLY A 1 21  ? 1.786   -8.469  -8.518  1.00 27.65 ? 50  GLY P N   1 
ATOM   163  C CA  . GLY A 1 21  ? 1.974   -7.276  -7.722  1.00 28.04 ? 50  GLY P CA  1 
ATOM   164  C C   . GLY A 1 21  ? 3.426   -7.159  -7.315  1.00 28.56 ? 50  GLY P C   1 
ATOM   165  O O   . GLY A 1 21  ? 4.325   -7.672  -8.009  1.00 25.30 ? 50  GLY P O   1 
ATOM   166  N N   . LEU A 1 22  ? 3.656   -6.509  -6.178  1.00 27.64 ? 51  LEU P N   1 
ATOM   167  C CA  . LEU A 1 22  ? 5.008   -6.304  -5.664  1.00 28.14 ? 51  LEU P CA  1 
ATOM   168  C C   . LEU A 1 22  ? 5.282   -7.199  -4.452  1.00 29.14 ? 51  LEU P C   1 
ATOM   169  O O   . LEU A 1 22  ? 4.406   -7.373  -3.600  1.00 28.26 ? 51  LEU P O   1 
ATOM   170  C CB  . LEU A 1 22  ? 5.172   -4.828  -5.306  1.00 28.61 ? 51  LEU P CB  1 
ATOM   171  C CG  . LEU A 1 22  ? 6.450   -4.362  -4.628  1.00 31.34 ? 51  LEU P CG  1 
ATOM   172  C CD1 . LEU A 1 22  ? 7.681   -4.771  -5.469  1.00 31.83 ? 51  LEU P CD1 1 
ATOM   173  C CD2 . LEU A 1 22  ? 6.375   -2.864  -4.456  1.00 32.76 ? 51  LEU P CD2 1 
ATOM   174  N N   . VAL A 1 23  ? 6.476   -7.799  -4.390  1.00 29.50 ? 52  VAL P N   1 
ATOM   175  C CA  . VAL A 1 23  ? 6.847   -8.662  -3.264  1.00 30.35 ? 52  VAL P CA  1 
ATOM   176  C C   . VAL A 1 23  ? 8.141   -8.132  -2.665  1.00 30.99 ? 52  VAL P C   1 
ATOM   177  O O   . VAL A 1 23  ? 9.103   -7.905  -3.397  1.00 29.86 ? 52  VAL P O   1 
ATOM   178  C CB  . VAL A 1 23  ? 7.074   -10.130 -3.694  1.00 31.55 ? 52  VAL P CB  1 
ATOM   179  C CG1 . VAL A 1 23  ? 7.537   -10.955 -2.472  1.00 33.24 ? 52  VAL P CG1 1 
ATOM   180  C CG2 . VAL A 1 23  ? 5.809   -10.705 -4.252  1.00 31.93 ? 52  VAL P CG2 1 
ATOM   181  N N   . LEU A 1 24  ? 8.163   -7.950  -1.341  1.00 30.05 ? 53  LEU P N   1 
ATOM   182  C CA  . LEU A 1 24  ? 9.327   -7.393  -0.635  1.00 30.65 ? 53  LEU P CA  1 
ATOM   183  C C   . LEU A 1 24  ? 9.789   -8.256  0.529   1.00 30.31 ? 53  LEU P C   1 
ATOM   184  O O   . LEU A 1 24  ? 9.026   -9.081  1.043   1.00 30.15 ? 53  LEU P O   1 
ATOM   185  C CB  . LEU A 1 24  ? 8.988   -6.001  -0.085  1.00 32.03 ? 53  LEU P CB  1 
ATOM   186  C CG  . LEU A 1 24  ? 8.470   -4.950  -1.063  1.00 32.47 ? 53  LEU P CG  1 
ATOM   187  C CD1 . LEU A 1 24  ? 8.001   -3.701  -0.294  1.00 33.63 ? 53  LEU P CD1 1 
ATOM   188  C CD2 . LEU A 1 24  ? 9.609   -4.597  -2.034  1.00 30.98 ? 53  LEU P CD2 1 
ATOM   189  N N   . TYR A 1 25  ? 11.022  -8.020  0.972   1.00 31.94 ? 54  TYR P N   1 
ATOM   190  C CA  . TYR A 1 25  ? 11.622  -8.780  2.075   1.00 34.49 ? 54  TYR P CA  1 
ATOM   191  C C   . TYR A 1 25  ? 12.248  -7.846  3.111   1.00 35.21 ? 54  TYR P C   1 
ATOM   192  O O   . TYR A 1 25  ? 13.476  -7.854  3.336   1.00 35.19 ? 54  TYR P O   1 
ATOM   193  C CB  . TYR A 1 25  ? 12.691  -9.733  1.517   1.00 36.62 ? 54  TYR P CB  1 
ATOM   194  C CG  . TYR A 1 25  ? 12.133  -10.721 0.517   1.00 38.80 ? 54  TYR P CG  1 
ATOM   195  C CD1 . TYR A 1 25  ? 11.863  -10.340 -0.796  1.00 41.55 ? 54  TYR P CD1 1 
ATOM   196  C CD2 . TYR A 1 25  ? 11.812  -12.015 0.901   1.00 40.89 ? 54  TYR P CD2 1 
ATOM   197  C CE1 . TYR A 1 25  ? 11.280  -11.225 -1.702  1.00 42.94 ? 54  TYR P CE1 1 
ATOM   198  C CE2 . TYR A 1 25  ? 11.224  -12.910 0.003   1.00 43.00 ? 54  TYR P CE2 1 
ATOM   199  C CZ  . TYR A 1 25  ? 10.963  -12.500 -1.297  1.00 43.48 ? 54  TYR P CZ  1 
ATOM   200  O OH  . TYR A 1 25  ? 10.380  -13.373 -2.191  1.00 46.19 ? 54  TYR P OH  1 
ATOM   201  N N   . PRO A 1 26  ? 11.417  -7.013  3.759   1.00 33.79 ? 55  PRO P N   1 
ATOM   202  C CA  . PRO A 1 26  ? 11.978  -6.101  4.752   1.00 34.45 ? 55  PRO P CA  1 
ATOM   203  C C   . PRO A 1 26  ? 12.416  -6.827  6.026   1.00 34.71 ? 55  PRO P C   1 
ATOM   204  O O   . PRO A 1 26  ? 11.891  -7.895  6.362   1.00 32.65 ? 55  PRO P O   1 
ATOM   205  C CB  . PRO A 1 26  ? 10.828  -5.118  4.995   1.00 34.59 ? 55  PRO P CB  1 
ATOM   206  C CG  . PRO A 1 26  ? 9.633   -5.992  4.858   1.00 33.87 ? 55  PRO P CG  1 
ATOM   207  C CD  . PRO A 1 26  ? 9.952   -6.873  3.664   1.00 33.07 ? 55  PRO P CD  1 
ATOM   208  N N   . GLN A 1 27  ? 13.394  -6.247  6.710   1.00 35.66 ? 56  GLN P N   1 
ATOM   209  C CA  . GLN A 1 27  ? 13.887  -6.821  7.967   1.00 37.74 ? 56  GLN P CA  1 
ATOM   210  C C   . GLN A 1 27  ? 13.415  -5.945  9.128   1.00 37.36 ? 56  GLN P C   1 
ATOM   211  O O   . GLN A 1 27  ? 13.170  -4.750  8.944   1.00 38.54 ? 56  GLN P O   1 
ATOM   212  C CB  . GLN A 1 27  ? 15.419  -6.869  7.976   1.00 38.36 ? 56  GLN P CB  1 
ATOM   213  C CG  . GLN A 1 27  ? 16.008  -7.779  6.922   1.00 41.52 ? 56  GLN P CG  1 
ATOM   214  C CD  . GLN A 1 27  ? 15.348  -9.141  6.926   1.00 44.31 ? 56  GLN P CD  1 
ATOM   215  O OE1 . GLN A 1 27  ? 15.355  -9.844  7.941   1.00 45.96 ? 56  GLN P OE1 1 
ATOM   216  N NE2 . GLN A 1 27  ? 14.764  -9.520  5.790   1.00 43.66 ? 56  GLN P NE2 1 
ATOM   217  N N   . ILE A 1 28  ? 13.276  -6.537  10.314  1.00 35.72 ? 57  ILE P N   1 
ATOM   218  C CA  . ILE A 1 28  ? 12.871  -5.764  11.475  1.00 34.50 ? 57  ILE P CA  1 
ATOM   219  C C   . ILE A 1 28  ? 13.837  -4.597  11.639  1.00 34.23 ? 57  ILE P C   1 
ATOM   220  O O   . ILE A 1 28  ? 15.054  -4.776  11.661  1.00 33.94 ? 57  ILE P O   1 
ATOM   221  C CB  . ILE A 1 28  ? 12.890  -6.627  12.762  1.00 34.90 ? 57  ILE P CB  1 
ATOM   222  C CG1 . ILE A 1 28  ? 11.845  -7.735  12.658  1.00 34.82 ? 57  ILE P CG1 1 
ATOM   223  C CG2 . ILE A 1 28  ? 12.612  -5.763  13.974  1.00 33.64 ? 57  ILE P CG2 1 
ATOM   224  C CD1 . ILE A 1 28  ? 10.431  -7.218  12.466  1.00 34.71 ? 57  ILE P CD1 1 
ATOM   225  N N   . GLY A 1 29  ? 13.290  -3.395  11.732  1.00 33.71 ? 58  GLY P N   1 
ATOM   226  C CA  . GLY A 1 29  ? 14.119  -2.212  11.890  1.00 33.55 ? 58  GLY P CA  1 
ATOM   227  C C   . GLY A 1 29  ? 14.183  -1.355  10.633  1.00 33.65 ? 58  GLY P C   1 
ATOM   228  O O   . GLY A 1 29  ? 14.553  -0.169  10.689  1.00 34.02 ? 58  GLY P O   1 
ATOM   229  N N   . ASP A 1 30  ? 13.835  -1.948  9.492   1.00 32.73 ? 59  ASP P N   1 
ATOM   230  C CA  . ASP A 1 30  ? 13.872  -1.198  8.241   1.00 31.43 ? 59  ASP P CA  1 
ATOM   231  C C   . ASP A 1 30  ? 12.671  -0.259  8.184   1.00 30.96 ? 59  ASP P C   1 
ATOM   232  O O   . ASP A 1 30  ? 11.734  -0.370  8.992   1.00 29.95 ? 59  ASP P O   1 
ATOM   233  C CB  . ASP A 1 30  ? 13.802  -2.129  7.025   1.00 31.87 ? 59  ASP P CB  1 
ATOM   234  C CG  . ASP A 1 30  ? 15.012  -3.024  6.872   1.00 33.15 ? 59  ASP P CG  1 
ATOM   235  O OD1 . ASP A 1 30  ? 16.083  -2.715  7.433   1.00 29.72 ? 59  ASP P OD1 1 
ATOM   236  O OD2 . ASP A 1 30  ? 14.869  -4.038  6.156   1.00 31.48 ? 59  ASP P OD2 1 
ATOM   237  N N   . LYS A 1 31  ? 12.705  0.662   7.218   1.00 29.60 ? 60  LYS P N   1 
ATOM   238  C CA  . LYS A 1 31  ? 11.613  1.603   7.005   1.00 30.28 ? 60  LYS P CA  1 
ATOM   239  C C   . LYS A 1 31  ? 11.304  1.608   5.510   1.00 28.94 ? 60  LYS P C   1 
ATOM   240  O O   . LYS A 1 31  ? 12.174  1.336   4.678   1.00 28.52 ? 60  LYS P O   1 
ATOM   241  C CB  . LYS A 1 31  ? 11.992  3.023   7.421   1.00 32.13 ? 60  LYS P CB  1 
ATOM   242  C CG  . LYS A 1 31  ? 11.984  3.317   8.912   1.00 37.97 ? 60  LYS P CG  1 
ATOM   243  C CD  . LYS A 1 31  ? 12.345  4.791   9.141   1.00 40.42 ? 60  LYS P CD  1 
ATOM   244  C CE  . LYS A 1 31  ? 13.691  5.132   8.502   1.00 44.25 ? 60  LYS P CE  1 
ATOM   245  N NZ  . LYS A 1 31  ? 13.979  6.604   8.407   1.00 46.78 ? 60  LYS P NZ  1 
ATOM   246  N N   . LEU A 1 32  ? 10.066  1.951   5.181   1.00 27.55 ? 61  LEU P N   1 
ATOM   247  C CA  . LEU A 1 32  ? 9.620   1.998   3.793   1.00 26.61 ? 61  LEU P CA  1 
ATOM   248  C C   . LEU A 1 32  ? 8.510   3.044   3.651   1.00 24.66 ? 61  LEU P C   1 
ATOM   249  O O   . LEU A 1 32  ? 7.529   2.991   4.385   1.00 23.83 ? 61  LEU P O   1 
ATOM   250  C CB  . LEU A 1 32  ? 9.057   0.630   3.405   1.00 26.14 ? 61  LEU P CB  1 
ATOM   251  C CG  . LEU A 1 32  ? 8.328   0.551   2.068   1.00 28.06 ? 61  LEU P CG  1 
ATOM   252  C CD1 . LEU A 1 32  ? 9.359   0.673   0.922   1.00 28.11 ? 61  LEU P CD1 1 
ATOM   253  C CD2 . LEU A 1 32  ? 7.604   -0.789  1.979   1.00 29.86 ? 61  LEU P CD2 1 
ATOM   254  N N   . ASP A 1 33  ? 8.655   3.984   2.723   1.00 23.61 ? 62  ASP P N   1 
ATOM   255  C CA  . ASP A 1 33  ? 7.581   4.966   2.510   1.00 22.38 ? 62  ASP P CA  1 
ATOM   256  C C   . ASP A 1 33  ? 6.682   4.499   1.349   1.00 23.39 ? 62  ASP P C   1 
ATOM   257  O O   . ASP A 1 33  ? 7.173   3.931   0.371   1.00 22.50 ? 62  ASP P O   1 
ATOM   258  C CB  . ASP A 1 33  ? 8.111   6.320   2.079   1.00 22.47 ? 62  ASP P CB  1 
ATOM   259  C CG  . ASP A 1 33  ? 8.727   7.106   3.198   1.00 25.38 ? 62  ASP P CG  1 
ATOM   260  O OD1 . ASP A 1 33  ? 8.758   6.623   4.333   1.00 26.79 ? 62  ASP P OD1 1 
ATOM   261  O OD2 . ASP A 1 33  ? 9.189   8.220   2.921   1.00 24.86 ? 62  ASP P OD2 1 
ATOM   262  N N   . ILE A 1 34  ? 5.378   4.759   1.475   1.00 22.65 ? 63  ILE P N   1 
ATOM   263  C CA  . ILE A 1 34  ? 4.398   4.471   0.411   1.00 21.25 ? 63  ILE P CA  1 
ATOM   264  C C   . ILE A 1 34  ? 3.958   5.901   0.123   1.00 20.92 ? 63  ILE P C   1 
ATOM   265  O O   . ILE A 1 34  ? 3.484   6.606   1.028   1.00 20.09 ? 63  ILE P O   1 
ATOM   266  C CB  . ILE A 1 34  ? 3.199   3.605   0.908   1.00 21.62 ? 63  ILE P CB  1 
ATOM   267  C CG1 . ILE A 1 34  ? 3.696   2.236   1.395   1.00 21.09 ? 63  ILE P CG1 1 
ATOM   268  C CG2 . ILE A 1 34  ? 2.179   3.438   -0.228  1.00 21.79 ? 63  ILE P CG2 1 
ATOM   269  C CD1 . ILE A 1 34  ? 2.588   1.244   1.682   1.00 19.41 ? 63  ILE P CD1 1 
ATOM   270  N N   . ILE A 1 35  ? 4.152   6.336   -1.122  1.00 20.71 ? 64  ILE P N   1 
ATOM   271  C CA  . ILE A 1 35  ? 3.891   7.697   -1.564  1.00 20.49 ? 64  ILE P CA  1 
ATOM   272  C C   . ILE A 1 35  ? 2.672   7.805   -2.500  1.00 23.77 ? 64  ILE P C   1 
ATOM   273  O O   . ILE A 1 35  ? 2.608   7.165   -3.557  1.00 22.95 ? 64  ILE P O   1 
ATOM   274  C CB  . ILE A 1 35  ? 5.162   8.226   -2.276  1.00 21.97 ? 64  ILE P CB  1 
ATOM   275  C CG1 . ILE A 1 35  ? 6.364   8.125   -1.319  1.00 20.34 ? 64  ILE P CG1 1 
ATOM   276  C CG2 . ILE A 1 35  ? 4.974   9.653   -2.722  1.00 20.47 ? 64  ILE P CG2 1 
ATOM   277  C CD1 . ILE A 1 35  ? 7.706   8.479   -1.962  1.00 23.62 ? 64  ILE P CD1 1 
ATOM   278  N N   . CYS A 1 36  ? 1.713   8.625   -2.092  1.00 22.67 ? 65  CYS P N   1 
ATOM   279  C CA  . CYS A 1 36  ? 0.484   8.820   -2.843  1.00 24.12 ? 65  CYS P CA  1 
ATOM   280  C C   . CYS A 1 36  ? 0.717   9.473   -4.209  1.00 23.39 ? 65  CYS P C   1 
ATOM   281  O O   . CYS A 1 36  ? 1.679   10.207  -4.409  1.00 23.89 ? 65  CYS P O   1 
ATOM   282  C CB  . CYS A 1 36  ? -0.485  9.681   -2.009  1.00 20.39 ? 65  CYS P CB  1 
ATOM   283  S SG  . CYS A 1 36  ? -1.296  8.862   -0.625  1.00 25.23 ? 65  CYS P SG  1 
ATOM   284  N N   . PRO A 1 37  ? -0.152  9.169   -5.195  1.00 24.62 ? 66  PRO P N   1 
ATOM   285  C CA  . PRO A 1 37  ? 0.018   9.777   -6.518  1.00 25.98 ? 66  PRO P CA  1 
ATOM   286  C C   . PRO A 1 37  ? -0.029  11.288  -6.337  1.00 27.20 ? 66  PRO P C   1 
ATOM   287  O O   . PRO A 1 37  ? -0.897  11.790  -5.619  1.00 27.40 ? 66  PRO P O   1 
ATOM   288  C CB  . PRO A 1 37  ? -1.213  9.301   -7.299  1.00 26.03 ? 66  PRO P CB  1 
ATOM   289  C CG  . PRO A 1 37  ? -1.606  8.046   -6.645  1.00 24.60 ? 66  PRO P CG  1 
ATOM   290  C CD  . PRO A 1 37  ? -1.335  8.299   -5.155  1.00 23.42 ? 66  PRO P CD  1 
ATOM   291  N N   . LYS A 1 38  ? 0.882   12.001  -6.970  1.00 28.85 ? 67  LYS P N   1 
ATOM   292  C CA  . LYS A 1 38  ? 0.874   13.447  -6.859  1.00 35.17 ? 67  LYS P CA  1 
ATOM   293  C C   . LYS A 1 38  ? 1.063   14.070  -8.245  1.00 36.99 ? 67  LYS P C   1 
ATOM   294  O O   . LYS A 1 38  ? 2.005   13.748  -8.934  1.00 37.07 ? 67  LYS P O   1 
ATOM   295  C CB  . LYS A 1 38  ? 2.002   13.906  -5.926  1.00 36.64 ? 67  LYS P CB  1 
ATOM   296  C CG  . LYS A 1 38  ? 2.161   15.413  -5.800  1.00 38.98 ? 67  LYS P CG  1 
ATOM   297  C CD  . LYS A 1 38  ? 3.525   15.766  -5.174  1.00 39.74 ? 67  LYS P CD  1 
ATOM   298  C CE  . LYS A 1 38  ? 3.748   17.269  -5.149  1.00 42.42 ? 67  LYS P CE  1 
ATOM   299  N NZ  . LYS A 1 38  ? 5.054   17.635  -4.521  1.00 42.60 ? 67  LYS P NZ  1 
ATOM   300  N N   . VAL A 1 39  ? 0.149   14.930  -8.677  1.00 40.05 ? 68  VAL P N   1 
ATOM   301  C CA  . VAL A 1 39  ? 0.343   15.572  -9.971  1.00 45.91 ? 68  VAL P CA  1 
ATOM   302  C C   . VAL A 1 39  ? 0.551   17.044  -9.705  1.00 49.62 ? 68  VAL P C   1 
ATOM   303  O O   . VAL A 1 39  ? -0.216  17.662  -8.974  1.00 50.64 ? 68  VAL P O   1 
ATOM   304  C CB  . VAL A 1 39  ? -0.877  15.418  -10.945 1.00 44.99 ? 68  VAL P CB  1 
ATOM   305  C CG1 . VAL A 1 39  ? -1.141  13.948  -11.234 1.00 44.04 ? 68  VAL P CG1 1 
ATOM   306  C CG2 . VAL A 1 39  ? -2.105  16.082  -10.355 1.00 43.96 ? 68  VAL P CG2 1 
ATOM   307  N N   . ASP A 1 40  ? 1.589   17.628  -10.294 1.00 51.76 ? 69  ASP P N   1 
ATOM   308  C CA  . ASP A 1 40  ? 1.872   19.054  -10.101 1.00 54.56 ? 69  ASP P CA  1 
ATOM   309  C C   . ASP A 1 40  ? 1.962   19.741  -11.466 1.00 56.19 ? 69  ASP P C   1 
ATOM   310  O O   . ASP A 1 40  ? 0.952   19.878  -12.150 1.00 55.87 ? 69  ASP P O   1 
ATOM   311  C CB  . ASP A 1 40  ? 3.180   19.204  -9.322  1.00 55.52 ? 69  ASP P CB  1 
ATOM   312  C CG  . ASP A 1 40  ? 4.259   18.256  -9.811  1.00 56.98 ? 69  ASP P CG  1 
ATOM   313  O OD1 . ASP A 1 40  ? 5.143   17.896  -9.004  1.00 57.86 ? 69  ASP P OD1 1 
ATOM   314  O OD2 . ASP A 1 40  ? 4.234   17.879  -11.000 1.00 57.69 ? 69  ASP P OD2 1 
ATOM   315  N N   . SER A 1 41  ? 3.154   20.211  -11.832 1.00 57.89 ? 70  SER P N   1 
ATOM   316  C CA  . SER A 1 41  ? 3.371   20.806  -13.146 1.00 60.23 ? 70  SER P CA  1 
ATOM   317  C C   . SER A 1 41  ? 4.424   20.074  -13.969 1.00 62.26 ? 70  SER P C   1 
ATOM   318  O O   . SER A 1 41  ? 4.508   20.261  -15.187 1.00 62.49 ? 70  SER P O   1 
ATOM   319  C CB  . SER A 1 41  ? 3.734   22.280  -13.001 1.00 60.59 ? 70  SER P CB  1 
ATOM   320  O OG  . SER A 1 41  ? 2.636   23.015  -12.482 1.00 61.13 ? 70  SER P OG  1 
ATOM   321  N N   . LYS A 1 42  ? 5.227   19.239  -13.316 1.00 63.95 ? 71  LYS P N   1 
ATOM   322  C CA  . LYS A 1 42  ? 6.259   18.495  -14.036 1.00 65.54 ? 71  LYS P CA  1 
ATOM   323  C C   . LYS A 1 42  ? 5.972   16.995  -14.000 1.00 65.53 ? 71  LYS P C   1 
ATOM   324  O O   . LYS A 1 42  ? 6.780   16.186  -14.472 1.00 65.86 ? 71  LYS P O   1 
ATOM   325  C CB  . LYS A 1 42  ? 7.649   18.758  -13.445 1.00 66.91 ? 71  LYS P CB  1 
ATOM   326  C CG  . LYS A 1 42  ? 8.794   18.337  -14.370 1.00 69.40 ? 71  LYS P CG  1 
ATOM   327  C CD  . LYS A 1 42  ? 10.174  18.566  -13.759 1.00 71.22 ? 71  LYS P CD  1 
ATOM   328  C CE  . LYS A 1 42  ? 11.289  18.244  -14.756 1.00 71.70 ? 71  LYS P CE  1 
ATOM   329  N NZ  . LYS A 1 42  ? 11.312  16.809  -15.201 1.00 72.45 ? 71  LYS P NZ  1 
ATOM   330  N N   . THR A 1 43  ? 4.822   16.629  -13.437 1.00 64.51 ? 72  THR P N   1 
ATOM   331  C CA  . THR A 1 43  ? 4.403   15.234  -13.349 1.00 63.86 ? 72  THR P CA  1 
ATOM   332  C C   . THR A 1 43  ? 3.108   15.184  -14.127 1.00 62.88 ? 72  THR P C   1 
ATOM   333  O O   . THR A 1 43  ? 2.117   15.799  -13.740 1.00 63.49 ? 72  THR P O   1 
ATOM   334  C CB  . THR A 1 43  ? 4.156   14.831  -11.902 1.00 64.92 ? 72  THR P CB  1 
ATOM   335  O OG1 . THR A 1 43  ? 3.061   15.591  -11.373 1.00 66.77 ? 72  THR P OG1 1 
ATOM   336  C CG2 . THR A 1 43  ? 5.406   15.086  -11.069 1.00 65.58 ? 72  THR P CG2 1 
ATOM   337  N N   . VAL A 1 44  ? 3.132   14.481  -15.254 1.00 61.74 ? 73  VAL P N   1 
ATOM   338  C CA  . VAL A 1 44  ? 1.961   14.393  -16.115 1.00 60.28 ? 73  VAL P CA  1 
ATOM   339  C C   . VAL A 1 44  ? 1.041   13.231  -15.735 1.00 58.51 ? 73  VAL P C   1 
ATOM   340  O O   . VAL A 1 44  ? 1.523   12.136  -15.419 1.00 58.94 ? 73  VAL P O   1 
ATOM   341  C CB  . VAL A 1 44  ? 2.401   14.253  -17.590 1.00 60.82 ? 73  VAL P CB  1 
ATOM   342  C CG1 . VAL A 1 44  ? 1.205   14.407  -18.530 1.00 61.78 ? 73  VAL P CG1 1 
ATOM   343  C CG2 . VAL A 1 44  ? 3.464   15.308  -17.910 1.00 61.01 ? 73  VAL P CG2 1 
ATOM   344  N N   . GLY A 1 45  ? -0.275  13.477  -15.750 1.00 56.79 ? 74  GLY P N   1 
ATOM   345  C CA  . GLY A 1 45  ? -1.260  12.454  -15.406 1.00 53.00 ? 74  GLY P CA  1 
ATOM   346  C C   . GLY A 1 45  ? -2.550  13.012  -14.815 1.00 49.24 ? 74  GLY P C   1 
ATOM   347  O O   . GLY A 1 45  ? -2.640  14.197  -14.506 1.00 47.99 ? 74  GLY P O   1 
ATOM   348  N N   . GLN A 1 46  ? -3.555  12.156  -14.651 1.00 46.40 ? 75  GLN P N   1 
ATOM   349  C CA  . GLN A 1 46  ? -4.846  12.573  -14.086 1.00 43.98 ? 75  GLN P CA  1 
ATOM   350  C C   . GLN A 1 46  ? -4.877  12.325  -12.577 1.00 42.98 ? 75  GLN P C   1 
ATOM   351  O O   . GLN A 1 46  ? -4.143  11.487  -12.069 1.00 43.14 ? 75  GLN P O   1 
ATOM   352  C CB  . GLN A 1 46  ? -5.987  11.779  -14.730 1.00 43.08 ? 75  GLN P CB  1 
ATOM   353  C CG  . GLN A 1 46  ? -6.139  12.019  -16.255 1.00 41.98 ? 75  GLN P CG  1 
ATOM   354  C CD  . GLN A 1 46  ? -6.377  13.474  -16.557 1.00 39.25 ? 75  GLN P CD  1 
ATOM   355  O OE1 . GLN A 1 46  ? -7.441  14.010  -16.248 1.00 36.93 ? 75  GLN P OE1 1 
ATOM   356  N NE2 . GLN A 1 46  ? -5.377  14.133  -17.128 1.00 38.72 ? 75  GLN P NE2 1 
ATOM   357  N N   . TYR A 1 47  ? -5.723  13.044  -11.855 1.00 40.98 ? 76  TYR P N   1 
ATOM   358  C CA  . TYR A 1 47  ? -5.812  12.811  -10.427 1.00 39.90 ? 76  TYR P CA  1 
ATOM   359  C C   . TYR A 1 47  ? -6.149  11.339  -10.183 1.00 37.45 ? 76  TYR P C   1 
ATOM   360  O O   . TYR A 1 47  ? -7.037  10.779  -10.835 1.00 34.52 ? 76  TYR P O   1 
ATOM   361  C CB  . TYR A 1 47  ? -6.904  13.660  -9.800  1.00 41.82 ? 76  TYR P CB  1 
ATOM   362  C CG  . TYR A 1 47  ? -6.580  15.120  -9.621  1.00 43.17 ? 76  TYR P CG  1 
ATOM   363  C CD1 . TYR A 1 47  ? -5.366  15.668  -10.061 1.00 43.17 ? 76  TYR P CD1 1 
ATOM   364  C CD2 . TYR A 1 47  ? -7.473  15.946  -8.949  1.00 42.94 ? 76  TYR P CD2 1 
ATOM   365  C CE1 . TYR A 1 47  ? -5.061  17.011  -9.820  1.00 43.91 ? 76  TYR P CE1 1 
ATOM   366  C CE2 . TYR A 1 47  ? -7.172  17.277  -8.706  1.00 45.23 ? 76  TYR P CE2 1 
ATOM   367  C CZ  . TYR A 1 47  ? -5.965  17.805  -9.140  1.00 45.40 ? 76  TYR P CZ  1 
ATOM   368  O OH  . TYR A 1 47  ? -5.666  19.130  -8.853  1.00 48.32 ? 76  TYR P OH  1 
ATOM   369  N N   . GLU A 1 48  ? -5.415  10.720  -9.254  1.00 33.70 ? 77  GLU P N   1 
ATOM   370  C CA  . GLU A 1 48  ? -5.620  9.336   -8.883  1.00 31.37 ? 77  GLU P CA  1 
ATOM   371  C C   . GLU A 1 48  ? -5.940  9.351   -7.391  1.00 30.97 ? 77  GLU P C   1 
ATOM   372  O O   . GLU A 1 48  ? -5.222  9.981   -6.607  1.00 30.86 ? 77  GLU P O   1 
ATOM   373  C CB  . GLU A 1 48  ? -4.339  8.525   -9.113  1.00 32.45 ? 77  GLU P CB  1 
ATOM   374  C CG  . GLU A 1 48  ? -4.160  7.897   -10.486 1.00 32.50 ? 77  GLU P CG  1 
ATOM   375  C CD  . GLU A 1 48  ? -2.833  7.136   -10.613 1.00 33.81 ? 77  GLU P CD  1 
ATOM   376  O OE1 . GLU A 1 48  ? -1.813  7.766   -10.981 1.00 37.52 ? 77  GLU P OE1 1 
ATOM   377  O OE2 . GLU A 1 48  ? -2.787  5.916   -10.326 1.00 32.23 ? 77  GLU P OE2 1 
ATOM   378  N N   . TYR A 1 49  ? -7.010  8.664   -7.010  1.00 29.54 ? 78  TYR P N   1 
ATOM   379  C CA  . TYR A 1 49  ? -7.442  8.586   -5.631  1.00 28.70 ? 78  TYR P CA  1 
ATOM   380  C C   . TYR A 1 49  ? -7.385  7.147   -5.173  1.00 28.02 ? 78  TYR P C   1 
ATOM   381  O O   . TYR A 1 49  ? -7.883  6.270   -5.883  1.00 26.23 ? 78  TYR P O   1 
ATOM   382  C CB  . TYR A 1 49  ? -8.906  9.013   -5.493  1.00 31.79 ? 78  TYR P CB  1 
ATOM   383  C CG  . TYR A 1 49  ? -9.211  10.431  -5.880  1.00 35.97 ? 78  TYR P CG  1 
ATOM   384  C CD1 . TYR A 1 49  ? -9.329  10.804  -7.225  1.00 37.06 ? 78  TYR P CD1 1 
ATOM   385  C CD2 . TYR A 1 49  ? -9.428  11.403  -4.898  1.00 36.85 ? 78  TYR P CD2 1 
ATOM   386  C CE1 . TYR A 1 49  ? -9.664  12.117  -7.572  1.00 39.66 ? 78  TYR P CE1 1 
ATOM   387  C CE2 . TYR A 1 49  ? -9.757  12.712  -5.233  1.00 39.39 ? 78  TYR P CE2 1 
ATOM   388  C CZ  . TYR A 1 49  ? -9.871  13.061  -6.566  1.00 41.86 ? 78  TYR P CZ  1 
ATOM   389  O OH  . TYR A 1 49  ? -10.162 14.374  -6.887  1.00 44.92 ? 78  TYR P OH  1 
ATOM   390  N N   . TYR A 1 50  ? -6.842  6.900   -3.976  1.00 25.24 ? 79  TYR P N   1 
ATOM   391  C CA  . TYR A 1 50  ? -6.814  5.538   -3.434  1.00 23.91 ? 79  TYR P CA  1 
ATOM   392  C C   . TYR A 1 50  ? -6.850  5.490   -1.923  1.00 25.27 ? 79  TYR P C   1 
ATOM   393  O O   . TYR A 1 50  ? -6.352  6.394   -1.258  1.00 24.12 ? 79  TYR P O   1 
ATOM   394  C CB  . TYR A 1 50  ? -5.516  4.796   -3.800  1.00 24.86 ? 79  TYR P CB  1 
ATOM   395  C CG  . TYR A 1 50  ? -5.200  4.633   -5.256  1.00 25.19 ? 79  TYR P CG  1 
ATOM   396  C CD1 . TYR A 1 50  ? -5.857  3.673   -6.028  1.00 26.86 ? 79  TYR P CD1 1 
ATOM   397  C CD2 . TYR A 1 50  ? -4.248  5.450   -5.877  1.00 22.90 ? 79  TYR P CD2 1 
ATOM   398  C CE1 . TYR A 1 50  ? -5.567  3.542   -7.389  1.00 23.54 ? 79  TYR P CE1 1 
ATOM   399  C CE2 . TYR A 1 50  ? -3.962  5.331   -7.216  1.00 24.05 ? 79  TYR P CE2 1 
ATOM   400  C CZ  . TYR A 1 50  ? -4.630  4.373   -7.970  1.00 23.89 ? 79  TYR P CZ  1 
ATOM   401  O OH  . TYR A 1 50  ? -4.352  4.270   -9.321  1.00 24.44 ? 79  TYR P OH  1 
ATOM   402  N N   . LYS A 1 51  ? -7.436  4.424   -1.395  1.00 25.37 ? 80  LYS P N   1 
ATOM   403  C CA  . LYS A 1 51  ? -7.355  4.168   0.037   1.00 25.23 ? 80  LYS P CA  1 
ATOM   404  C C   . LYS A 1 51  ? -6.541  2.867   0.046   1.00 25.34 ? 80  LYS P C   1 
ATOM   405  O O   . LYS A 1 51  ? -6.870  1.891   -0.649  1.00 22.70 ? 80  LYS P O   1 
ATOM   406  C CB  . LYS A 1 51  ? -8.713  3.988   0.705   1.00 23.40 ? 80  LYS P CB  1 
ATOM   407  C CG  . LYS A 1 51  ? -9.283  5.251   1.318   1.00 23.86 ? 80  LYS P CG  1 
ATOM   408  C CD  . LYS A 1 51  ? -10.481 4.936   2.205   1.00 25.29 ? 80  LYS P CD  1 
ATOM   409  C CE  . LYS A 1 51  ? -10.848 6.139   3.052   1.00 24.51 ? 80  LYS P CE  1 
ATOM   410  N NZ  . LYS A 1 51  ? -10.960 7.340   2.174   1.00 25.25 ? 80  LYS P NZ  1 
ATOM   411  N N   . VAL A 1 52  ? -5.450  2.877   0.807   1.00 24.58 ? 81  VAL P N   1 
ATOM   412  C CA  . VAL A 1 52  ? -4.558  1.730   0.887   1.00 23.75 ? 81  VAL P CA  1 
ATOM   413  C C   . VAL A 1 52  ? -4.685  1.094   2.289   1.00 25.15 ? 81  VAL P C   1 
ATOM   414  O O   . VAL A 1 52  ? -4.617  1.804   3.315   1.00 24.20 ? 81  VAL P O   1 
ATOM   415  C CB  . VAL A 1 52  ? -3.119  2.198   0.601   1.00 23.65 ? 81  VAL P CB  1 
ATOM   416  C CG1 . VAL A 1 52  ? -2.194  1.017   0.534   1.00 25.07 ? 81  VAL P CG1 1 
ATOM   417  C CG2 . VAL A 1 52  ? -3.068  2.998   -0.730  1.00 24.09 ? 81  VAL P CG2 1 
ATOM   418  N N   . TYR A 1 53  ? -4.872  -0.227  2.318   1.00 24.03 ? 82  TYR P N   1 
ATOM   419  C CA  . TYR A 1 53  ? -5.055  -0.966  3.558   1.00 25.51 ? 82  TYR P CA  1 
ATOM   420  C C   . TYR A 1 53  ? -4.076  -2.103  3.798   1.00 26.19 ? 82  TYR P C   1 
ATOM   421  O O   . TYR A 1 53  ? -3.597  -2.727  2.860   1.00 25.13 ? 82  TYR P O   1 
ATOM   422  C CB  . TYR A 1 53  ? -6.453  -1.613  3.599   1.00 25.76 ? 82  TYR P CB  1 
ATOM   423  C CG  . TYR A 1 53  ? -7.634  -0.675  3.578   1.00 28.90 ? 82  TYR P CG  1 
ATOM   424  C CD1 . TYR A 1 53  ? -8.113  -0.132  2.378   1.00 29.41 ? 82  TYR P CD1 1 
ATOM   425  C CD2 . TYR A 1 53  ? -8.288  -0.344  4.766   1.00 29.87 ? 82  TYR P CD2 1 
ATOM   426  C CE1 . TYR A 1 53  ? -9.234  0.718   2.376   1.00 31.36 ? 82  TYR P CE1 1 
ATOM   427  C CE2 . TYR A 1 53  ? -9.384  0.496   4.781   1.00 30.93 ? 82  TYR P CE2 1 
ATOM   428  C CZ  . TYR A 1 53  ? -9.860  1.017   3.594   1.00 31.08 ? 82  TYR P CZ  1 
ATOM   429  O OH  . TYR A 1 53  ? -10.991 1.790   3.646   1.00 33.86 ? 82  TYR P OH  1 
ATOM   430  N N   . MET A 1 54  ? -3.816  -2.387  5.072   1.00 27.40 ? 83  MET P N   1 
ATOM   431  C CA  . MET A 1 54  ? -3.010  -3.555  5.446   1.00 30.54 ? 83  MET P CA  1 
ATOM   432  C C   . MET A 1 54  ? -4.130  -4.593  5.630   1.00 30.11 ? 83  MET P C   1 
ATOM   433  O O   . MET A 1 54  ? -5.132  -4.316  6.321   1.00 30.41 ? 83  MET P O   1 
ATOM   434  C CB  . MET A 1 54  ? -2.299  -3.330  6.786   1.00 32.57 ? 83  MET P CB  1 
ATOM   435  C CG  . MET A 1 54  ? -1.488  -4.524  7.287   1.00 37.34 ? 83  MET P CG  1 
ATOM   436  S SD  . MET A 1 54  ? 0.113   -4.743  6.468   1.00 42.80 ? 83  MET P SD  1 
ATOM   437  C CE  . MET A 1 54  ? 1.161   -3.818  7.509   1.00 40.33 ? 83  MET P CE  1 
ATOM   438  N N   . VAL A 1 55  ? -3.997  -5.764  5.023   1.00 29.07 ? 84  VAL P N   1 
ATOM   439  C CA  . VAL A 1 55  ? -5.028  -6.791  5.155   1.00 29.62 ? 84  VAL P CA  1 
ATOM   440  C C   . VAL A 1 55  ? -4.422  -8.178  5.314   1.00 30.36 ? 84  VAL P C   1 
ATOM   441  O O   . VAL A 1 55  ? -3.202  -8.349  5.209   1.00 28.05 ? 84  VAL P O   1 
ATOM   442  C CB  . VAL A 1 55  ? -5.982  -6.844  3.898   1.00 28.75 ? 84  VAL P CB  1 
ATOM   443  C CG1 . VAL A 1 55  ? -6.526  -5.437  3.568   1.00 24.96 ? 84  VAL P CG1 1 
ATOM   444  C CG2 . VAL A 1 55  ? -5.240  -7.444  2.710   1.00 27.99 ? 84  VAL P CG2 1 
ATOM   445  N N   . ASP A 1 56  ? -5.283  -9.173  5.534   1.00 32.85 ? 85  ASP P N   1 
ATOM   446  C CA  . ASP A 1 56  ? -4.803  -10.545 5.676   1.00 36.29 ? 85  ASP P CA  1 
ATOM   447  C C   . ASP A 1 56  ? -4.723  -11.213 4.298   1.00 37.78 ? 85  ASP P C   1 
ATOM   448  O O   . ASP A 1 56  ? -5.274  -10.705 3.317   1.00 36.62 ? 85  ASP P O   1 
ATOM   449  C CB  . ASP A 1 56  ? -5.708  -11.348 6.626   1.00 39.61 ? 85  ASP P CB  1 
ATOM   450  C CG  . ASP A 1 56  ? -7.128  -11.504 6.103   1.00 42.38 ? 85  ASP P CG  1 
ATOM   451  O OD1 . ASP A 1 56  ? -7.307  -12.103 5.024   1.00 44.02 ? 85  ASP P OD1 1 
ATOM   452  O OD2 . ASP A 1 56  ? -8.070  -11.035 6.782   1.00 46.43 ? 85  ASP P OD2 1 
ATOM   453  N N   . LYS A 1 57  ? -4.014  -12.335 4.233   1.00 38.28 ? 86  LYS P N   1 
ATOM   454  C CA  . LYS A 1 57  ? -3.815  -13.076 2.991   1.00 40.46 ? 86  LYS P CA  1 
ATOM   455  C C   . LYS A 1 57  ? -5.113  -13.280 2.212   1.00 40.96 ? 86  LYS P C   1 
ATOM   456  O O   . LYS A 1 57  ? -5.193  -12.986 1.022   1.00 41.20 ? 86  LYS P O   1 
ATOM   457  C CB  . LYS A 1 57  ? -3.177  -14.429 3.308   1.00 40.29 ? 86  LYS P CB  1 
ATOM   458  C CG  . LYS A 1 57  ? -2.871  -15.291 2.114   1.00 42.05 ? 86  LYS P CG  1 
ATOM   459  C CD  . LYS A 1 57  ? -2.076  -16.517 2.559   1.00 43.82 ? 86  LYS P CD  1 
ATOM   460  C CE  . LYS A 1 57  ? -1.617  -17.346 1.384   1.00 43.96 ? 86  LYS P CE  1 
ATOM   461  N NZ  . LYS A 1 57  ? -2.782  -17.712 0.529   1.00 45.46 ? 86  LYS P NZ  1 
ATOM   462  N N   . ASP A 1 58  ? -6.132  -13.777 2.896   1.00 41.80 ? 87  ASP P N   1 
ATOM   463  C CA  . ASP A 1 58  ? -7.417  -14.026 2.269   1.00 42.94 ? 87  ASP P CA  1 
ATOM   464  C C   . ASP A 1 58  ? -7.992  -12.781 1.575   1.00 42.82 ? 87  ASP P C   1 
ATOM   465  O O   . ASP A 1 58  ? -8.441  -12.841 0.429   1.00 42.89 ? 87  ASP P O   1 
ATOM   466  C CB  . ASP A 1 58  ? -8.400  -14.548 3.320   1.00 45.41 ? 87  ASP P CB  1 
ATOM   467  C CG  . ASP A 1 58  ? -9.804  -14.655 2.787   1.00 48.10 ? 87  ASP P CG  1 
ATOM   468  O OD1 . ASP A 1 58  ? -10.012 -15.452 1.848   1.00 49.21 ? 87  ASP P OD1 1 
ATOM   469  O OD2 . ASP A 1 58  ? -10.692 -13.932 3.297   1.00 50.02 ? 87  ASP P OD2 1 
ATOM   470  N N   . GLN A 1 59  ? -7.980  -11.650 2.268   1.00 42.39 ? 88  GLN P N   1 
ATOM   471  C CA  . GLN A 1 59  ? -8.513  -10.430 1.686   1.00 41.29 ? 88  GLN P CA  1 
ATOM   472  C C   . GLN A 1 59  ? -7.726  -9.996  0.470   1.00 39.62 ? 88  GLN P C   1 
ATOM   473  O O   . GLN A 1 59  ? -8.289  -9.470  -0.484  1.00 39.10 ? 88  GLN P O   1 
ATOM   474  C CB  . GLN A 1 59  ? -8.511  -9.297  2.708   1.00 42.99 ? 88  GLN P CB  1 
ATOM   475  C CG  . GLN A 1 59  ? -9.604  -9.397  3.752   1.00 45.76 ? 88  GLN P CG  1 
ATOM   476  C CD  . GLN A 1 59  ? -9.481  -8.294  4.779   1.00 48.22 ? 88  GLN P CD  1 
ATOM   477  O OE1 . GLN A 1 59  ? -8.591  -8.324  5.634   1.00 50.50 ? 88  GLN P OE1 1 
ATOM   478  N NE2 . GLN A 1 59  ? -10.357 -7.295  4.687   1.00 48.01 ? 88  GLN P NE2 1 
ATOM   479  N N   . ALA A 1 60  ? -6.418  -10.194 0.510   1.00 38.30 ? 89  ALA P N   1 
ATOM   480  C CA  . ALA A 1 60  ? -5.580  -9.789  -0.611  1.00 37.14 ? 89  ALA P CA  1 
ATOM   481  C C   . ALA A 1 60  ? -5.926  -10.634 -1.829  1.00 37.66 ? 89  ALA P C   1 
ATOM   482  O O   . ALA A 1 60  ? -6.104  -10.113 -2.945  1.00 35.51 ? 89  ALA P O   1 
ATOM   483  C CB  . ALA A 1 60  ? -4.097  -9.956  -0.256  1.00 37.07 ? 89  ALA P CB  1 
ATOM   484  N N   . ASP A 1 61  ? -6.004  -11.945 -1.611  1.00 37.87 ? 90  ASP P N   1 
ATOM   485  C CA  . ASP A 1 61  ? -6.323  -12.888 -2.687  1.00 37.67 ? 90  ASP P CA  1 
ATOM   486  C C   . ASP A 1 61  ? -7.656  -12.576 -3.323  1.00 35.64 ? 90  ASP P C   1 
ATOM   487  O O   . ASP A 1 61  ? -7.801  -12.648 -4.529  1.00 36.64 ? 90  ASP P O   1 
ATOM   488  C CB  . ASP A 1 61  ? -6.373  -14.333 -2.169  1.00 39.16 ? 90  ASP P CB  1 
ATOM   489  C CG  . ASP A 1 61  ? -5.014  -14.866 -1.790  1.00 41.15 ? 90  ASP P CG  1 
ATOM   490  O OD1 . ASP A 1 61  ? -4.006  -14.360 -2.339  1.00 41.01 ? 90  ASP P OD1 1 
ATOM   491  O OD2 . ASP A 1 61  ? -4.965  -15.807 -0.957  1.00 42.55 ? 90  ASP P OD2 1 
ATOM   492  N N   . ARG A 1 62  ? -8.634  -12.224 -2.506  1.00 34.77 ? 91  ARG P N   1 
ATOM   493  C CA  . ARG A 1 62  ? -9.958  -11.953 -3.030  1.00 36.17 ? 91  ARG P CA  1 
ATOM   494  C C   . ARG A 1 62  ? -10.189 -10.479 -3.325  1.00 34.31 ? 91  ARG P C   1 
ATOM   495  O O   . ARG A 1 62  ? -11.250 -10.097 -3.784  1.00 33.28 ? 91  ARG P O   1 
ATOM   496  C CB  . ARG A 1 62  ? -11.003 -12.498 -2.046  1.00 40.24 ? 91  ARG P CB  1 
ATOM   497  C CG  . ARG A 1 62  ? -10.727 -13.984 -1.711  1.00 46.41 ? 91  ARG P CG  1 
ATOM   498  C CD  . ARG A 1 62  ? -11.713 -14.567 -0.718  1.00 50.78 ? 91  ARG P CD  1 
ATOM   499  N NE  . ARG A 1 62  ? -12.118 -13.564 0.257   1.00 55.29 ? 91  ARG P NE  1 
ATOM   500  C CZ  . ARG A 1 62  ? -12.596 -13.845 1.463   1.00 57.38 ? 91  ARG P CZ  1 
ATOM   501  N NH1 . ARG A 1 62  ? -12.722 -15.113 1.842   1.00 58.12 ? 91  ARG P NH1 1 
ATOM   502  N NH2 . ARG A 1 62  ? -12.947 -12.860 2.283   1.00 57.90 ? 91  ARG P NH2 1 
ATOM   503  N N   . CYS A 1 63  ? -9.175  -9.657  -3.080  1.00 32.61 ? 92  CYS P N   1 
ATOM   504  C CA  . CYS A 1 63  ? -9.278  -8.213  -3.284  1.00 31.74 ? 92  CYS P CA  1 
ATOM   505  C C   . CYS A 1 63  ? -10.541 -7.637  -2.668  1.00 32.66 ? 92  CYS P C   1 
ATOM   506  O O   . CYS A 1 63  ? -11.398 -7.069  -3.353  1.00 31.61 ? 92  CYS P O   1 
ATOM   507  C CB  . CYS A 1 63  ? -9.228  -7.864  -4.769  1.00 30.34 ? 92  CYS P CB  1 
ATOM   508  S SG  . CYS A 1 63  ? -7.601  -8.099  -5.571  1.00 28.12 ? 92  CYS P SG  1 
ATOM   509  N N   . THR A 1 64  ? -10.644 -7.773  -1.353  1.00 35.48 ? 93  THR P N   1 
ATOM   510  C CA  . THR A 1 64  ? -11.795 -7.246  -0.635  1.00 37.88 ? 93  THR P CA  1 
ATOM   511  C C   . THR A 1 64  ? -11.324 -6.677  0.682   1.00 39.72 ? 93  THR P C   1 
ATOM   512  O O   . THR A 1 64  ? -10.292 -7.081  1.223   1.00 39.84 ? 93  THR P O   1 
ATOM   513  C CB  . THR A 1 64  ? -12.833 -8.345  -0.329  1.00 38.13 ? 93  THR P CB  1 
ATOM   514  O OG1 . THR A 1 64  ? -12.274 -9.278  0.617   1.00 38.35 ? 93  THR P OG1 1 
ATOM   515  C CG2 . THR A 1 64  ? -13.221 -9.073  -1.600  1.00 36.75 ? 93  THR P CG2 1 
ATOM   516  N N   . ILE A 1 65  ? -12.084 -5.732  1.201   1.00 42.25 ? 94  ILE P N   1 
ATOM   517  C CA  . ILE A 1 65  ? -11.753 -5.136  2.473   1.00 45.63 ? 94  ILE P CA  1 
ATOM   518  C C   . ILE A 1 65  ? -13.027 -5.171  3.309   1.00 49.02 ? 94  ILE P C   1 
ATOM   519  O O   . ILE A 1 65  ? -14.131 -4.992  2.784   1.00 48.48 ? 94  ILE P O   1 
ATOM   520  C CB  . ILE A 1 65  ? -11.259 -3.673  2.307   1.00 45.11 ? 94  ILE P CB  1 
ATOM   521  C CG1 . ILE A 1 65  ? -12.304 -2.840  1.584   1.00 44.71 ? 94  ILE P CG1 1 
ATOM   522  C CG2 . ILE A 1 65  ? -9.942  -3.628  1.509   1.00 43.92 ? 94  ILE P CG2 1 
ATOM   523  C CD1 . ILE A 1 65  ? -11.939 -1.369  1.515   1.00 45.51 ? 94  ILE P CD1 1 
ATOM   524  N N   . LYS A 1 66  ? -12.884 -5.438  4.604   1.00 52.41 ? 95  LYS P N   1 
ATOM   525  C CA  . LYS A 1 66  ? -14.043 -5.463  5.492   1.00 54.95 ? 95  LYS P CA  1 
ATOM   526  C C   . LYS A 1 66  ? -14.216 -4.045  6.025   1.00 56.82 ? 95  LYS P C   1 
ATOM   527  O O   . LYS A 1 66  ? -13.245 -3.314  6.206   1.00 57.52 ? 95  LYS P O   1 
ATOM   528  C CB  . LYS A 1 66  ? -13.834 -6.448  6.650   1.00 55.00 ? 95  LYS P CB  1 
ATOM   529  C CG  . LYS A 1 66  ? -13.558 -7.883  6.210   1.00 55.77 ? 95  LYS P CG  1 
ATOM   530  N N   . LYS A 1 67  ? -15.453 -3.653  6.285   1.00 58.78 ? 96  LYS P N   1 
ATOM   531  C CA  . LYS A 1 67  ? -15.729 -2.302  6.756   1.00 59.83 ? 96  LYS P CA  1 
ATOM   532  C C   . LYS A 1 67  ? -15.113 -1.952  8.105   1.00 60.22 ? 96  LYS P C   1 
ATOM   533  O O   . LYS A 1 67  ? -15.193 -0.813  8.554   1.00 61.35 ? 96  LYS P O   1 
ATOM   534  N N   . GLU A 1 68  ? -14.480 -2.928  8.740   1.00 60.60 ? 97  GLU P N   1 
ATOM   535  C CA  . GLU A 1 68  ? -13.824 -2.674  10.010  1.00 59.53 ? 97  GLU P CA  1 
ATOM   536  C C   . GLU A 1 68  ? -12.383 -2.277  9.741   1.00 57.35 ? 97  GLU P C   1 
ATOM   537  O O   . GLU A 1 68  ? -11.700 -1.802  10.638  1.00 56.90 ? 97  GLU P O   1 
ATOM   538  C CB  . GLU A 1 68  ? -13.829 -3.917  10.899  1.00 61.62 ? 97  GLU P CB  1 
ATOM   539  C CG  . GLU A 1 68  ? -13.121 -5.112  10.298  1.00 65.35 ? 97  GLU P CG  1 
ATOM   540  C CD  . GLU A 1 68  ? -13.983 -6.354  10.350  1.00 67.02 ? 97  GLU P CD  1 
ATOM   541  O OE1 . GLU A 1 68  ? -15.097 -6.320  9.771   1.00 67.49 ? 97  GLU P OE1 1 
ATOM   542  O OE2 . GLU A 1 68  ? -13.553 -7.356  10.974  1.00 68.00 ? 97  GLU P OE2 1 
ATOM   543  N N   . ASN A 1 69  ? -11.919 -2.494  8.511   1.00 54.35 ? 98  ASN P N   1 
ATOM   544  C CA  . ASN A 1 69  ? -10.548 -2.150  8.145   1.00 51.90 ? 98  ASN P CA  1 
ATOM   545  C C   . ASN A 1 69  ? -10.430 -0.633  8.091   1.00 49.30 ? 98  ASN P C   1 
ATOM   546  O O   . ASN A 1 69  ? -11.377 0.035   7.701   1.00 48.98 ? 98  ASN P O   1 
ATOM   547  C CB  . ASN A 1 69  ? -10.187 -2.733  6.764   1.00 53.04 ? 98  ASN P CB  1 
ATOM   548  C CG  . ASN A 1 69  ? -9.759  -4.195  6.819   1.00 54.17 ? 98  ASN P CG  1 
ATOM   549  O OD1 . ASN A 1 69  ? -10.597 -5.093  6.903   1.00 55.32 ? 98  ASN P OD1 1 
ATOM   550  N ND2 . ASN A 1 69  ? -8.453  -4.434  6.764   1.00 53.37 ? 98  ASN P ND2 1 
ATOM   551  N N   . THR A 1 70  ? -9.282  -0.089  8.497   1.00 46.95 ? 99  THR P N   1 
ATOM   552  C CA  . THR A 1 70  ? -9.067  1.359   8.451   1.00 43.53 ? 99  THR P CA  1 
ATOM   553  C C   . THR A 1 70  ? -7.829  1.581   7.574   1.00 40.13 ? 99  THR P C   1 
ATOM   554  O O   . THR A 1 70  ? -6.799  0.944   7.777   1.00 39.30 ? 99  THR P O   1 
ATOM   555  C CB  . THR A 1 70  ? -8.861  1.951   9.871   1.00 44.03 ? 99  THR P CB  1 
ATOM   556  O OG1 . THR A 1 70  ? -8.775  3.381   9.785   1.00 46.74 ? 99  THR P OG1 1 
ATOM   557  C CG2 . THR A 1 70  ? -7.598  1.403   10.504  1.00 45.40 ? 99  THR P CG2 1 
ATOM   558  N N   . PRO A 1 71  ? -7.918  2.495   6.593   1.00 37.11 ? 100 PRO P N   1 
ATOM   559  C CA  . PRO A 1 71  ? -6.801  2.770   5.685   1.00 34.84 ? 100 PRO P CA  1 
ATOM   560  C C   . PRO A 1 71  ? -5.507  3.147   6.372   1.00 33.98 ? 100 PRO P C   1 
ATOM   561  O O   . PRO A 1 71  ? -5.541  3.893   7.337   1.00 33.77 ? 100 PRO P O   1 
ATOM   562  C CB  . PRO A 1 71  ? -7.294  3.964   4.849   1.00 35.62 ? 100 PRO P CB  1 
ATOM   563  C CG  . PRO A 1 71  ? -8.766  4.036   5.096   1.00 36.21 ? 100 PRO P CG  1 
ATOM   564  C CD  . PRO A 1 71  ? -8.932  3.559   6.501   1.00 36.15 ? 100 PRO P CD  1 
ATOM   565  N N   . LEU A 1 72  ? -4.367  2.648   5.897   1.00 31.08 ? 101 LEU P N   1 
ATOM   566  C CA  . LEU A 1 72  ? -3.141  3.149   6.487   1.00 31.28 ? 101 LEU P CA  1 
ATOM   567  C C   . LEU A 1 72  ? -2.711  4.345   5.625   1.00 29.90 ? 101 LEU P C   1 
ATOM   568  O O   . LEU A 1 72  ? -1.939  5.209   6.060   1.00 28.56 ? 101 LEU P O   1 
ATOM   569  C CB  . LEU A 1 72  ? -2.051  2.078   6.563   1.00 34.83 ? 101 LEU P CB  1 
ATOM   570  C CG  . LEU A 1 72  ? -1.611  1.206   5.414   1.00 36.94 ? 101 LEU P CG  1 
ATOM   571  C CD1 . LEU A 1 72  ? -1.157  2.070   4.251   1.00 40.43 ? 101 LEU P CD1 1 
ATOM   572  C CD2 . LEU A 1 72  ? -0.464  0.314   5.904   1.00 36.15 ? 101 LEU P CD2 1 
ATOM   573  N N   . LEU A 1 73  ? -3.253  4.421   4.408   1.00 27.50 ? 102 LEU P N   1 
ATOM   574  C CA  . LEU A 1 73  ? -2.942  5.527   3.529   1.00 27.95 ? 102 LEU P CA  1 
ATOM   575  C C   . LEU A 1 73  ? -4.204  5.942   2.759   1.00 29.22 ? 102 LEU P C   1 
ATOM   576  O O   . LEU A 1 73  ? -4.816  5.152   2.037   1.00 27.06 ? 102 LEU P O   1 
ATOM   577  C CB  . LEU A 1 73  ? -1.780  5.159   2.591   1.00 28.48 ? 102 LEU P CB  1 
ATOM   578  C CG  . LEU A 1 73  ? -1.154  6.284   1.749   1.00 31.76 ? 102 LEU P CG  1 
ATOM   579  C CD1 . LEU A 1 73  ? -0.650  7.423   2.630   1.00 33.60 ? 102 LEU P CD1 1 
ATOM   580  C CD2 . LEU A 1 73  ? 0.020   5.744   0.940   1.00 31.83 ? 102 LEU P CD2 1 
ATOM   581  N N   . ASN A 1 74  ? -4.599  7.196   2.950   1.00 29.58 ? 103 ASN P N   1 
ATOM   582  C CA  . ASN A 1 74  ? -5.798  7.753   2.331   1.00 30.96 ? 103 ASN P CA  1 
ATOM   583  C C   . ASN A 1 74  ? -5.304  8.797   1.344   1.00 30.23 ? 103 ASN P C   1 
ATOM   584  O O   . ASN A 1 74  ? -5.044  9.942   1.713   1.00 30.71 ? 103 ASN P O   1 
ATOM   585  C CB  . ASN A 1 74  ? -6.662  8.379   3.447   1.00 34.21 ? 103 ASN P CB  1 
ATOM   586  C CG  . ASN A 1 74  ? -8.063  8.789   2.987   1.00 38.82 ? 103 ASN P CG  1 
ATOM   587  O OD1 . ASN A 1 74  ? -8.947  9.009   3.834   1.00 42.93 ? 103 ASN P OD1 1 
ATOM   588  N ND2 . ASN A 1 74  ? -8.274  8.914   1.672   1.00 36.72 ? 103 ASN P ND2 1 
ATOM   589  N N   . CYS A 1 75  ? -5.121  8.376   0.090   1.00 28.26 ? 104 CYS P N   1 
ATOM   590  C CA  . CYS A 1 75  ? -4.636  9.258   -0.948  1.00 25.38 ? 104 CYS P CA  1 
ATOM   591  C C   . CYS A 1 75  ? -5.822  10.030  -1.534  1.00 28.67 ? 104 CYS P C   1 
ATOM   592  O O   . CYS A 1 75  ? -6.437  9.598   -2.523  1.00 25.51 ? 104 CYS P O   1 
ATOM   593  C CB  . CYS A 1 75  ? -3.949  8.438   -2.039  1.00 27.33 ? 104 CYS P CB  1 
ATOM   594  S SG  . CYS A 1 75  ? -2.482  7.461   -1.512  1.00 25.42 ? 104 CYS P SG  1 
ATOM   595  N N   . ALA A 1 76  ? -6.140  11.168  -0.909  1.00 28.98 ? 105 ALA P N   1 
ATOM   596  C CA  . ALA A 1 76  ? -7.263  12.007  -1.327  1.00 29.55 ? 105 ALA P CA  1 
ATOM   597  C C   . ALA A 1 76  ? -6.881  13.445  -1.693  1.00 30.16 ? 105 ALA P C   1 
ATOM   598  O O   . ALA A 1 76  ? -7.760  14.303  -1.814  1.00 32.27 ? 105 ALA P O   1 
ATOM   599  C CB  . ALA A 1 76  ? -8.318  12.015  -0.225  1.00 31.06 ? 105 ALA P CB  1 
ATOM   600  N N   . ARG A 1 77  ? -5.583  13.716  -1.848  1.00 28.49 ? 106 ARG P N   1 
ATOM   601  C CA  . ARG A 1 77  ? -5.099  15.047  -2.222  1.00 29.09 ? 106 ARG P CA  1 
ATOM   602  C C   . ARG A 1 77  ? -4.124  14.821  -3.348  1.00 28.28 ? 106 ARG P C   1 
ATOM   603  O O   . ARG A 1 77  ? -2.927  15.064  -3.219  1.00 26.64 ? 106 ARG P O   1 
ATOM   604  C CB  . ARG A 1 77  ? -4.370  15.727  -1.059  1.00 30.11 ? 106 ARG P CB  1 
ATOM   605  C CG  . ARG A 1 77  ? -5.207  15.953  0.165   1.00 30.01 ? 106 ARG P CG  1 
ATOM   606  C CD  . ARG A 1 77  ? -4.367  16.619  1.274   1.00 30.33 ? 106 ARG P CD  1 
ATOM   607  N NE  . ARG A 1 77  ? -5.194  17.016  2.408   1.00 28.56 ? 106 ARG P NE  1 
ATOM   608  C CZ  . ARG A 1 77  ? -5.977  18.091  2.421   1.00 28.37 ? 106 ARG P CZ  1 
ATOM   609  N NH1 . ARG A 1 77  ? -6.048  18.887  1.350   1.00 26.46 ? 106 ARG P NH1 1 
ATOM   610  N NH2 . ARG A 1 77  ? -6.676  18.387  3.518   1.00 27.19 ? 106 ARG P NH2 1 
ATOM   611  N N   . PRO A 1 78  ? -4.645  14.396  -4.507  1.00 30.45 ? 107 PRO P N   1 
ATOM   612  C CA  . PRO A 1 78  ? -3.860  14.098  -5.705  1.00 30.56 ? 107 PRO P CA  1 
ATOM   613  C C   . PRO A 1 78  ? -2.924  15.198  -6.143  1.00 31.17 ? 107 PRO P C   1 
ATOM   614  O O   . PRO A 1 78  ? -2.062  14.972  -6.989  1.00 29.93 ? 107 PRO P O   1 
ATOM   615  C CB  . PRO A 1 78  ? -4.943  13.785  -6.748  1.00 31.08 ? 107 PRO P CB  1 
ATOM   616  C CG  . PRO A 1 78  ? -6.011  14.745  -6.366  1.00 32.43 ? 107 PRO P CG  1 
ATOM   617  C CD  . PRO A 1 78  ? -6.071  14.552  -4.852  1.00 29.39 ? 107 PRO P CD  1 
ATOM   618  N N   . ASP A 1 79  ? -3.134  16.386  -5.557  1.00 29.99 ? 108 ASP P N   1 
ATOM   619  C CA  . ASP A 1 79  ? -2.351  17.592  -5.847  1.00 30.33 ? 108 ASP P CA  1 
ATOM   620  C C   . ASP A 1 79  ? -1.347  18.010  -4.763  1.00 31.82 ? 108 ASP P C   1 
ATOM   621  O O   . ASP A 1 79  ? -0.808  19.113  -4.802  1.00 31.65 ? 108 ASP P O   1 
ATOM   622  C CB  . ASP A 1 79  ? -3.299  18.777  -6.159  1.00 27.44 ? 108 ASP P CB  1 
ATOM   623  C CG  . ASP A 1 79  ? -4.201  19.173  -4.982  1.00 25.64 ? 108 ASP P CG  1 
ATOM   624  O OD1 . ASP A 1 79  ? -4.551  18.336  -4.124  1.00 21.36 ? 108 ASP P OD1 1 
ATOM   625  O OD2 . ASP A 1 79  ? -4.591  20.354  -4.936  1.00 25.13 ? 108 ASP P OD2 1 
ATOM   626  N N   . GLN A 1 80  ? -1.095  17.126  -3.805  1.00 33.14 ? 109 GLN P N   1 
ATOM   627  C CA  . GLN A 1 80  ? -0.153  17.402  -2.721  1.00 34.36 ? 109 GLN P CA  1 
ATOM   628  C C   . GLN A 1 80  ? 0.647   16.190  -2.263  1.00 34.02 ? 109 GLN P C   1 
ATOM   629  O O   . GLN A 1 80  ? 0.466   15.079  -2.769  1.00 34.39 ? 109 GLN P O   1 
ATOM   630  C CB  . GLN A 1 80  ? -0.928  17.941  -1.513  1.00 35.45 ? 109 GLN P CB  1 
ATOM   631  C CG  . GLN A 1 80  ? -1.759  19.169  -1.797  1.00 38.91 ? 109 GLN P CG  1 
ATOM   632  C CD  . GLN A 1 80  ? -0.893  20.336  -2.218  1.00 42.63 ? 109 GLN P CD  1 
ATOM   633  O OE1 . GLN A 1 80  ? 0.138   20.605  -1.599  1.00 44.93 ? 109 GLN P OE1 1 
ATOM   634  N NE2 . GLN A 1 80  ? -1.301  21.038  -3.271  1.00 42.85 ? 109 GLN P NE2 1 
ATOM   635  N N   . ASP A 1 81  ? 1.515   16.419  -1.280  1.00 33.30 ? 110 ASP P N   1 
ATOM   636  C CA  . ASP A 1 81  ? 2.334   15.363  -0.707  1.00 32.73 ? 110 ASP P CA  1 
ATOM   637  C C   . ASP A 1 81  ? 1.605   14.661  0.424   1.00 31.09 ? 110 ASP P C   1 
ATOM   638  O O   . ASP A 1 81  ? 1.192   15.278  1.417   1.00 29.99 ? 110 ASP P O   1 
ATOM   639  C CB  . ASP A 1 81  ? 3.646   15.940  -0.193  1.00 35.95 ? 110 ASP P CB  1 
ATOM   640  C CG  . ASP A 1 81  ? 4.430   16.643  -1.284  1.00 39.42 ? 110 ASP P CG  1 
ATOM   641  O OD1 . ASP A 1 81  ? 4.877   15.974  -2.238  1.00 39.79 ? 110 ASP P OD1 1 
ATOM   642  O OD2 . ASP A 1 81  ? 4.593   17.877  -1.191  1.00 43.21 ? 110 ASP P OD2 1 
ATOM   643  N N   . VAL A 1 82  ? 1.399   13.368  0.240   1.00 26.69 ? 111 VAL P N   1 
ATOM   644  C CA  . VAL A 1 82  ? 0.750   12.561  1.237   1.00 26.09 ? 111 VAL P CA  1 
ATOM   645  C C   . VAL A 1 82  ? 1.522   11.253  1.156   1.00 27.48 ? 111 VAL P C   1 
ATOM   646  O O   . VAL A 1 82  ? 1.633   10.665  0.077   1.00 27.85 ? 111 VAL P O   1 
ATOM   647  C CB  . VAL A 1 82  ? -0.737  12.308  0.922   1.00 25.59 ? 111 VAL P CB  1 
ATOM   648  C CG1 . VAL A 1 82  ? -1.344  11.420  2.005   1.00 26.85 ? 111 VAL P CG1 1 
ATOM   649  C CG2 . VAL A 1 82  ? -1.492  13.623  0.841   1.00 25.56 ? 111 VAL P CG2 1 
ATOM   650  N N   . LYS A 1 83  ? 2.127   10.844  2.267   1.00 25.61 ? 112 LYS P N   1 
ATOM   651  C CA  . LYS A 1 83  ? 2.859   9.590   2.296   1.00 25.68 ? 112 LYS P CA  1 
ATOM   652  C C   . LYS A 1 83  ? 2.769   8.949   3.675   1.00 27.13 ? 112 LYS P C   1 
ATOM   653  O O   . LYS A 1 83  ? 2.385   9.607   4.653   1.00 25.94 ? 112 LYS P O   1 
ATOM   654  C CB  . LYS A 1 83  ? 4.316   9.793   1.902   1.00 28.29 ? 112 LYS P CB  1 
ATOM   655  C CG  . LYS A 1 83  ? 5.154   10.576  2.894   1.00 31.96 ? 112 LYS P CG  1 
ATOM   656  C CD  . LYS A 1 83  ? 6.555   10.760  2.320   1.00 35.18 ? 112 LYS P CD  1 
ATOM   657  C CE  . LYS A 1 83  ? 7.519   11.337  3.364   1.00 38.71 ? 112 LYS P CE  1 
ATOM   658  N NZ  . LYS A 1 83  ? 8.850   11.621  2.756   1.00 40.21 ? 112 LYS P NZ  1 
ATOM   659  N N   . PHE A 1 84  ? 3.059   7.654   3.738   1.00 26.63 ? 113 PHE P N   1 
ATOM   660  C CA  . PHE A 1 84  ? 3.040   6.916   5.000   1.00 26.73 ? 113 PHE P CA  1 
ATOM   661  C C   . PHE A 1 84  ? 4.324   6.106   5.106   1.00 27.55 ? 113 PHE P C   1 
ATOM   662  O O   . PHE A 1 84  ? 4.682   5.364   4.170   1.00 25.66 ? 113 PHE P O   1 
ATOM   663  C CB  . PHE A 1 84  ? 1.860   5.956   5.083   1.00 26.05 ? 113 PHE P CB  1 
ATOM   664  C CG  . PHE A 1 84  ? 1.801   5.197   6.385   1.00 29.15 ? 113 PHE P CG  1 
ATOM   665  C CD1 . PHE A 1 84  ? 1.426   5.841   7.570   1.00 29.50 ? 113 PHE P CD1 1 
ATOM   666  C CD2 . PHE A 1 84  ? 2.134   3.850   6.432   1.00 30.29 ? 113 PHE P CD2 1 
ATOM   667  C CE1 . PHE A 1 84  ? 1.387   5.152   8.777   1.00 30.43 ? 113 PHE P CE1 1 
ATOM   668  C CE2 . PHE A 1 84  ? 2.103   3.146   7.627   1.00 31.69 ? 113 PHE P CE2 1 
ATOM   669  C CZ  . PHE A 1 84  ? 1.728   3.798   8.813   1.00 32.01 ? 113 PHE P CZ  1 
ATOM   670  N N   . THR A 1 85  ? 5.012   6.249   6.242   1.00 27.24 ? 114 THR P N   1 
ATOM   671  C CA  . THR A 1 85  ? 6.249   5.513   6.474   1.00 26.47 ? 114 THR P CA  1 
ATOM   672  C C   . THR A 1 85  ? 5.948   4.268   7.277   1.00 27.19 ? 114 THR P C   1 
ATOM   673  O O   . THR A 1 85  ? 5.496   4.349   8.415   1.00 28.14 ? 114 THR P O   1 
ATOM   674  C CB  . THR A 1 85  ? 7.261   6.299   7.313   1.00 27.10 ? 114 THR P CB  1 
ATOM   675  O OG1 . THR A 1 85  ? 7.623   7.503   6.644   1.00 27.23 ? 114 THR P OG1 1 
ATOM   676  C CG2 . THR A 1 85  ? 8.513   5.466   7.529   1.00 28.35 ? 114 THR P CG2 1 
ATOM   677  N N   . ILE A 1 86  ? 6.186   3.111   6.695   1.00 26.80 ? 115 ILE P N   1 
ATOM   678  C CA  . ILE A 1 86  ? 5.969   1.876   7.416   1.00 28.14 ? 115 ILE P CA  1 
ATOM   679  C C   . ILE A 1 86  ? 7.276   1.615   8.170   1.00 29.41 ? 115 ILE P C   1 
ATOM   680  O O   . ILE A 1 86  ? 8.350   1.595   7.558   1.00 29.36 ? 115 ILE P O   1 
ATOM   681  C CB  . ILE A 1 86  ? 5.759   0.696   6.463   1.00 26.19 ? 115 ILE P CB  1 
ATOM   682  C CG1 . ILE A 1 86  ? 4.499   0.917   5.620   1.00 26.71 ? 115 ILE P CG1 1 
ATOM   683  C CG2 . ILE A 1 86  ? 5.674   -0.587  7.231   1.00 26.82 ? 115 ILE P CG2 1 
ATOM   684  C CD1 . ILE A 1 86  ? 4.391   -0.092  4.496   1.00 27.97 ? 115 ILE P CD1 1 
ATOM   685  N N   . LYS A 1 87  ? 7.203   1.466   9.486   1.00 29.02 ? 116 LYS P N   1 
ATOM   686  C CA  . LYS A 1 87  ? 8.413   1.132   10.236  1.00 30.25 ? 116 LYS P CA  1 
ATOM   687  C C   . LYS A 1 87  ? 8.195   -0.311  10.593  1.00 28.74 ? 116 LYS P C   1 
ATOM   688  O O   . LYS A 1 87  ? 7.172   -0.668  11.196  1.00 28.05 ? 116 LYS P O   1 
ATOM   689  C CB  . LYS A 1 87  ? 8.551   1.969   11.513  1.00 33.46 ? 116 LYS P CB  1 
ATOM   690  C CG  . LYS A 1 87  ? 8.869   3.412   11.241  1.00 37.75 ? 116 LYS P CG  1 
ATOM   691  C CD  . LYS A 1 87  ? 8.668   4.268   12.462  1.00 42.63 ? 116 LYS P CD  1 
ATOM   692  C CE  . LYS A 1 87  ? 8.633   5.751   12.072  1.00 45.34 ? 116 LYS P CE  1 
ATOM   693  N NZ  . LYS A 1 87  ? 9.954   6.275   11.596  1.00 47.31 ? 116 LYS P NZ  1 
ATOM   694  N N   . PHE A 1 88  ? 9.129   -1.157  10.193  1.00 28.86 ? 117 PHE P N   1 
ATOM   695  C CA  . PHE A 1 88  ? 9.006   -2.573  10.490  1.00 28.55 ? 117 PHE P CA  1 
ATOM   696  C C   . PHE A 1 88  ? 9.544   -2.817  11.914  1.00 30.07 ? 117 PHE P C   1 
ATOM   697  O O   . PHE A 1 88  ? 10.566  -3.487  12.136  1.00 30.72 ? 117 PHE P O   1 
ATOM   698  C CB  . PHE A 1 88  ? 9.747   -3.364  9.422   1.00 28.08 ? 117 PHE P CB  1 
ATOM   699  C CG  . PHE A 1 88  ? 9.141   -3.213  8.038   1.00 26.78 ? 117 PHE P CG  1 
ATOM   700  C CD1 . PHE A 1 88  ? 8.076   -4.026  7.634   1.00 26.64 ? 117 PHE P CD1 1 
ATOM   701  C CD2 . PHE A 1 88  ? 9.619   -2.242  7.155   1.00 26.97 ? 117 PHE P CD2 1 
ATOM   702  C CE1 . PHE A 1 88  ? 7.478   -3.880  6.348   1.00 26.24 ? 117 PHE P CE1 1 
ATOM   703  C CE2 . PHE A 1 88  ? 9.043   -2.081  5.878   1.00 25.95 ? 117 PHE P CE2 1 
ATOM   704  C CZ  . PHE A 1 88  ? 7.959   -2.921  5.482   1.00 24.16 ? 117 PHE P CZ  1 
ATOM   705  N N   . GLN A 1 89  ? 8.818   -2.228  12.860  1.00 29.62 ? 118 GLN P N   1 
ATOM   706  C CA  . GLN A 1 89  ? 9.112   -2.271  14.292  1.00 29.97 ? 118 GLN P CA  1 
ATOM   707  C C   . GLN A 1 89  ? 8.381   -3.410  15.004  1.00 31.17 ? 118 GLN P C   1 
ATOM   708  O O   . GLN A 1 89  ? 7.248   -3.735  14.659  1.00 31.22 ? 118 GLN P O   1 
ATOM   709  C CB  . GLN A 1 89  ? 8.659   -0.951  14.905  1.00 28.86 ? 118 GLN P CB  1 
ATOM   710  C CG  . GLN A 1 89  ? 7.133   -0.741  14.815  1.00 28.59 ? 118 GLN P CG  1 
ATOM   711  C CD  . GLN A 1 89  ? 6.721   0.706   14.963  1.00 28.70 ? 118 GLN P CD  1 
ATOM   712  O OE1 . GLN A 1 89  ? 7.537   1.554   15.311  1.00 28.84 ? 118 GLN P OE1 1 
ATOM   713  N NE2 . GLN A 1 89  ? 5.449   1.001   14.701  1.00 25.41 ? 118 GLN P NE2 1 
ATOM   714  N N   . GLU A 1 90  ? 9.011   -4.002  16.023  1.00 32.28 ? 119 GLU P N   1 
ATOM   715  C CA  . GLU A 1 90  ? 8.347   -5.068  16.780  1.00 31.73 ? 119 GLU P CA  1 
ATOM   716  C C   . GLU A 1 90  ? 7.287   -4.474  17.717  1.00 31.08 ? 119 GLU P C   1 
ATOM   717  O O   . GLU A 1 90  ? 6.229   -5.077  17.954  1.00 28.45 ? 119 GLU P O   1 
ATOM   718  C CB  . GLU A 1 90  ? 9.362   -5.863  17.602  1.00 35.14 ? 119 GLU P CB  1 
ATOM   719  C CG  . GLU A 1 90  ? 10.331  -6.693  16.783  1.00 43.22 ? 119 GLU P CG  1 
ATOM   720  C CD  . GLU A 1 90  ? 11.250  -7.550  17.654  1.00 47.34 ? 119 GLU P CD  1 
ATOM   721  O OE1 . GLU A 1 90  ? 11.927  -8.453  17.104  1.00 49.94 ? 119 GLU P OE1 1 
ATOM   722  O OE2 . GLU A 1 90  ? 11.297  -7.323  18.888  1.00 49.50 ? 119 GLU P OE2 1 
ATOM   723  N N   . PHE A 1 91  ? 7.545   -3.279  18.243  1.00 28.74 ? 120 PHE P N   1 
ATOM   724  C CA  . PHE A 1 91  ? 6.589   -2.689  19.163  1.00 28.33 ? 120 PHE P CA  1 
ATOM   725  C C   . PHE A 1 91  ? 6.106   -1.327  18.751  1.00 27.41 ? 120 PHE P C   1 
ATOM   726  O O   . PHE A 1 91  ? 6.895   -0.427  18.474  1.00 28.61 ? 120 PHE P O   1 
ATOM   727  C CB  . PHE A 1 91  ? 7.201   -2.618  20.577  1.00 29.10 ? 120 PHE P CB  1 
ATOM   728  C CG  . PHE A 1 91  ? 7.827   -3.905  21.023  1.00 27.92 ? 120 PHE P CG  1 
ATOM   729  C CD1 . PHE A 1 91  ? 7.045   -5.042  21.221  1.00 27.68 ? 120 PHE P CD1 1 
ATOM   730  C CD2 . PHE A 1 91  ? 9.208   -3.993  21.193  1.00 27.90 ? 120 PHE P CD2 1 
ATOM   731  C CE1 . PHE A 1 91  ? 7.643   -6.271  21.579  1.00 28.69 ? 120 PHE P CE1 1 
ATOM   732  C CE2 . PHE A 1 91  ? 9.822   -5.202  21.549  1.00 29.54 ? 120 PHE P CE2 1 
ATOM   733  C CZ  . PHE A 1 91  ? 9.042   -6.348  21.743  1.00 28.80 ? 120 PHE P CZ  1 
ATOM   734  N N   . SER A 1 92  ? 4.793   -1.179  18.749  1.00 27.10 ? 121 SER P N   1 
ATOM   735  C CA  . SER A 1 92  ? 4.139   0.074   18.375  1.00 29.02 ? 121 SER P CA  1 
ATOM   736  C C   . SER A 1 92  ? 4.055   1.117   19.498  1.00 28.76 ? 121 SER P C   1 
ATOM   737  O O   . SER A 1 92  ? 3.713   0.810   20.653  1.00 27.84 ? 121 SER P O   1 
ATOM   738  C CB  . SER A 1 92  ? 2.716   -0.201  17.890  1.00 26.78 ? 121 SER P CB  1 
ATOM   739  O OG  . SER A 1 92  ? 2.014   1.023   17.742  1.00 28.40 ? 121 SER P OG  1 
ATOM   740  N N   . PRO A 1 93  ? 4.306   2.380   19.155  1.00 29.39 ? 122 PRO P N   1 
ATOM   741  C CA  . PRO A 1 93  ? 4.237   3.432   20.176  1.00 29.91 ? 122 PRO P CA  1 
ATOM   742  C C   . PRO A 1 93  ? 2.801   3.715   20.627  1.00 31.50 ? 122 PRO P C   1 
ATOM   743  O O   . PRO A 1 93  ? 2.577   4.305   21.678  1.00 27.12 ? 122 PRO P O   1 
ATOM   744  C CB  . PRO A 1 93  ? 4.844   4.646   19.463  1.00 30.68 ? 122 PRO P CB  1 
ATOM   745  C CG  . PRO A 1 93  ? 4.362   4.433   18.007  1.00 29.42 ? 122 PRO P CG  1 
ATOM   746  C CD  . PRO A 1 93  ? 4.694   2.933   17.839  1.00 29.16 ? 122 PRO P CD  1 
ATOM   747  N N   . ASN A 1 94  ? 1.821   3.333   19.807  1.00 31.49 ? 123 ASN P N   1 
ATOM   748  C CA  . ASN A 1 94  ? 0.441   3.603   20.166  1.00 32.32 ? 123 ASN P CA  1 
ATOM   749  C C   . ASN A 1 94  ? -0.548  2.603   19.607  1.00 33.85 ? 123 ASN P C   1 
ATOM   750  O O   . ASN A 1 94  ? -0.175  1.653   18.903  1.00 31.75 ? 123 ASN P O   1 
ATOM   751  C CB  . ASN A 1 94  ? 0.042   5.031   19.761  1.00 33.05 ? 123 ASN P CB  1 
ATOM   752  C CG  . ASN A 1 94  ? 0.399   5.356   18.314  1.00 35.02 ? 123 ASN P CG  1 
ATOM   753  O OD1 . ASN A 1 94  ? 0.103   4.582   17.406  1.00 31.78 ? 123 ASN P OD1 1 
ATOM   754  N ND2 . ASN A 1 94  ? 1.037   6.519   18.097  1.00 34.26 ? 123 ASN P ND2 1 
ATOM   755  N N   . LEU A 1 95  ? -1.818  2.856   19.913  1.00 35.36 ? 124 LEU P N   1 
ATOM   756  C CA  . LEU A 1 95  ? -2.928  2.005   19.503  1.00 38.16 ? 124 LEU P CA  1 
ATOM   757  C C   . LEU A 1 95  ? -3.022  1.813   18.002  1.00 38.75 ? 124 LEU P C   1 
ATOM   758  O O   . LEU A 1 95  ? -3.381  0.739   17.532  1.00 39.70 ? 124 LEU P O   1 
ATOM   759  C CB  . LEU A 1 95  ? -4.249  2.603   20.009  1.00 38.64 ? 124 LEU P CB  1 
ATOM   760  C CG  . LEU A 1 95  ? -5.048  1.888   21.101  1.00 40.02 ? 124 LEU P CG  1 
ATOM   761  C CD1 . LEU A 1 95  ? -6.173  2.800   21.553  1.00 41.71 ? 124 LEU P CD1 1 
ATOM   762  C CD2 . LEU A 1 95  ? -5.604  0.575   20.591  1.00 40.43 ? 124 LEU P CD2 1 
ATOM   763  N N   . TRP A 1 96  ? -2.689  2.857   17.258  1.00 38.86 ? 125 TRP P N   1 
ATOM   764  C CA  . TRP A 1 96  ? -2.800  2.823   15.810  1.00 40.00 ? 125 TRP P CA  1 
ATOM   765  C C   . TRP A 1 96  ? -1.515  2.448   15.058  1.00 38.88 ? 125 TRP P C   1 
ATOM   766  O O   . TRP A 1 96  ? -1.521  2.358   13.835  1.00 39.29 ? 125 TRP P O   1 
ATOM   767  C CB  . TRP A 1 96  ? -3.327  4.165   15.301  1.00 44.60 ? 125 TRP P CB  1 
ATOM   768  C CG  . TRP A 1 96  ? -2.441  5.339   15.594  1.00 49.77 ? 125 TRP P CG  1 
ATOM   769  C CD1 . TRP A 1 96  ? -1.368  5.769   14.854  1.00 51.12 ? 125 TRP P CD1 1 
ATOM   770  C CD2 . TRP A 1 96  ? -2.564  6.256   16.689  1.00 51.26 ? 125 TRP P CD2 1 
ATOM   771  N NE1 . TRP A 1 96  ? -0.821  6.904   15.423  1.00 52.56 ? 125 TRP P NE1 1 
ATOM   772  C CE2 . TRP A 1 96  ? -1.534  7.221   16.551  1.00 52.18 ? 125 TRP P CE2 1 
ATOM   773  C CE3 . TRP A 1 96  ? -3.439  6.357   17.774  1.00 51.95 ? 125 TRP P CE3 1 
ATOM   774  C CZ2 . TRP A 1 96  ? -1.359  8.268   17.456  1.00 52.80 ? 125 TRP P CZ2 1 
ATOM   775  C CZ3 . TRP A 1 96  ? -3.264  7.401   18.676  1.00 53.60 ? 125 TRP P CZ3 1 
ATOM   776  C CH2 . TRP A 1 96  ? -2.229  8.343   18.509  1.00 53.20 ? 125 TRP P CH2 1 
ATOM   777  N N   . GLY A 1 97  ? -0.425  2.215   15.782  1.00 35.47 ? 126 GLY P N   1 
ATOM   778  C CA  . GLY A 1 97  ? 0.820   1.874   15.129  1.00 32.92 ? 126 GLY P CA  1 
ATOM   779  C C   . GLY A 1 97  ? 0.863   0.436   14.661  1.00 32.70 ? 126 GLY P C   1 
ATOM   780  O O   . GLY A 1 97  ? 0.109   -0.410  15.138  1.00 33.34 ? 126 GLY P O   1 
ATOM   781  N N   . LEU A 1 98  ? 1.761   0.151   13.731  1.00 30.33 ? 127 LEU P N   1 
ATOM   782  C CA  . LEU A 1 98  ? 1.920   -1.189  13.199  1.00 29.65 ? 127 LEU P CA  1 
ATOM   783  C C   . LEU A 1 98  ? 2.998   -1.968  13.966  1.00 30.68 ? 127 LEU P C   1 
ATOM   784  O O   . LEU A 1 98  ? 3.978   -1.391  14.429  1.00 31.00 ? 127 LEU P O   1 
ATOM   785  C CB  . LEU A 1 98  ? 2.336   -1.113  11.716  1.00 28.77 ? 127 LEU P CB  1 
ATOM   786  C CG  . LEU A 1 98  ? 1.369   -0.447  10.720  1.00 29.30 ? 127 LEU P CG  1 
ATOM   787  C CD1 . LEU A 1 98  ? 1.959   -0.526  9.304   1.00 26.76 ? 127 LEU P CD1 1 
ATOM   788  C CD2 . LEU A 1 98  ? 0.010   -1.152  10.760  1.00 28.59 ? 127 LEU P CD2 1 
ATOM   789  N N   . GLU A 1 99  ? 2.808   -3.275  14.094  1.00 30.61 ? 128 GLU P N   1 
ATOM   790  C CA  . GLU A 1 99  ? 3.801   -4.138  14.727  1.00 31.11 ? 128 GLU P CA  1 
ATOM   791  C C   . GLU A 1 99  ? 4.022   -5.307  13.784  1.00 29.86 ? 128 GLU P C   1 
ATOM   792  O O   . GLU A 1 99  ? 3.083   -5.863  13.226  1.00 29.57 ? 128 GLU P O   1 
ATOM   793  C CB  . GLU A 1 99  ? 3.336   -4.660  16.095  1.00 32.74 ? 128 GLU P CB  1 
ATOM   794  C CG  . GLU A 1 99  ? 3.045   -3.574  17.136  1.00 34.90 ? 128 GLU P CG  1 
ATOM   795  C CD  . GLU A 1 99  ? 2.932   -4.120  18.569  1.00 37.41 ? 128 GLU P CD  1 
ATOM   796  O OE1 . GLU A 1 99  ? 2.421   -5.254  18.764  1.00 38.33 ? 128 GLU P OE1 1 
ATOM   797  O OE2 . GLU A 1 99  ? 3.346   -3.407  19.501  1.00 37.05 ? 128 GLU P OE2 1 
ATOM   798  N N   . PHE A 1 100 ? 5.280   -5.657  13.598  1.00 30.84 ? 129 PHE P N   1 
ATOM   799  C CA  . PHE A 1 100 ? 5.660   -6.756  12.732  1.00 33.67 ? 129 PHE P CA  1 
ATOM   800  C C   . PHE A 1 100 ? 6.465   -7.817  13.497  1.00 35.94 ? 129 PHE P C   1 
ATOM   801  O O   . PHE A 1 100 ? 7.112   -7.511  14.506  1.00 35.47 ? 129 PHE P O   1 
ATOM   802  C CB  . PHE A 1 100 ? 6.495   -6.225  11.567  1.00 32.35 ? 129 PHE P CB  1 
ATOM   803  C CG  . PHE A 1 100 ? 5.749   -5.258  10.690  1.00 31.26 ? 129 PHE P CG  1 
ATOM   804  C CD1 . PHE A 1 100 ? 5.691   -3.908  11.010  1.00 30.03 ? 129 PHE P CD1 1 
ATOM   805  C CD2 . PHE A 1 100 ? 5.075   -5.710  9.546   1.00 31.36 ? 129 PHE P CD2 1 
ATOM   806  C CE1 . PHE A 1 100 ? 4.969   -2.999  10.204  1.00 28.71 ? 129 PHE P CE1 1 
ATOM   807  C CE2 . PHE A 1 100 ? 4.349   -4.811  8.734   1.00 29.41 ? 129 PHE P CE2 1 
ATOM   808  C CZ  . PHE A 1 100 ? 4.300   -3.456  9.069   1.00 28.48 ? 129 PHE P CZ  1 
ATOM   809  N N   . GLN A 1 101 ? 6.413   -9.049  12.993  1.00 37.37 ? 130 GLN P N   1 
ATOM   810  C CA  . GLN A 1 101 ? 7.118   -10.194 13.555  1.00 40.48 ? 130 GLN P CA  1 
ATOM   811  C C   . GLN A 1 101 ? 8.002   -10.799 12.454  1.00 41.70 ? 130 GLN P C   1 
ATOM   812  O O   . GLN A 1 101 ? 7.632   -10.804 11.281  1.00 41.56 ? 130 GLN P O   1 
ATOM   813  C CB  . GLN A 1 101 ? 6.102   -11.247 14.025  1.00 43.45 ? 130 GLN P CB  1 
ATOM   814  C CG  . GLN A 1 101 ? 5.188   -10.809 15.178  1.00 46.12 ? 130 GLN P CG  1 
ATOM   815  C CD  . GLN A 1 101 ? 3.997   -11.754 15.385  1.00 48.87 ? 130 GLN P CD  1 
ATOM   816  O OE1 . GLN A 1 101 ? 4.080   -12.963 15.108  1.00 50.54 ? 130 GLN P OE1 1 
ATOM   817  N NE2 . GLN A 1 101 ? 2.889   -11.210 15.889  1.00 49.47 ? 130 GLN P NE2 1 
ATOM   818  N N   . LYS A 1 102 ? 9.171   -11.304 12.831  1.00 42.98 ? 131 LYS P N   1 
ATOM   819  C CA  . LYS A 1 102 ? 10.097  -11.939 11.886  1.00 44.41 ? 131 LYS P CA  1 
ATOM   820  C C   . LYS A 1 102 ? 9.438   -13.209 11.326  1.00 43.44 ? 131 LYS P C   1 
ATOM   821  O O   . LYS A 1 102 ? 8.677   -13.869 12.020  1.00 42.86 ? 131 LYS P O   1 
ATOM   822  C CB  . LYS A 1 102 ? 11.378  -12.334 12.615  1.00 47.62 ? 131 LYS P CB  1 
ATOM   823  C CG  . LYS A 1 102 ? 11.132  -13.445 13.631  1.00 50.98 ? 131 LYS P CG  1 
ATOM   824  C CD  . LYS A 1 102 ? 12.378  -13.848 14.387  1.00 55.12 ? 131 LYS P CD  1 
ATOM   825  C CE  . LYS A 1 102 ? 12.121  -15.121 15.190  1.00 56.44 ? 131 LYS P CE  1 
ATOM   826  N NZ  . LYS A 1 102 ? 10.927  -14.995 16.087  1.00 58.45 ? 131 LYS P NZ  1 
ATOM   827  N N   . ASN A 1 103 ? 9.740   -13.549 10.077  1.00 43.45 ? 132 ASN P N   1 
ATOM   828  C CA  . ASN A 1 103 ? 9.182   -14.739 9.420   1.00 43.17 ? 132 ASN P CA  1 
ATOM   829  C C   . ASN A 1 103 ? 7.654   -14.733 9.427   1.00 42.23 ? 132 ASN P C   1 
ATOM   830  O O   . ASN A 1 103 ? 7.015   -15.735 9.735   1.00 41.28 ? 132 ASN P O   1 
ATOM   831  C CB  . ASN A 1 103 ? 9.697   -16.033 10.084  1.00 45.50 ? 132 ASN P CB  1 
ATOM   832  C CG  . ASN A 1 103 ? 11.217  -16.192 9.991   1.00 47.80 ? 132 ASN P CG  1 
ATOM   833  O OD1 . ASN A 1 103 ? 11.823  -16.894 10.804  1.00 50.92 ? 132 ASN P OD1 1 
ATOM   834  N ND2 . ASN A 1 103 ? 11.837  -15.541 9.004   1.00 49.82 ? 132 ASN P ND2 1 
ATOM   835  N N   . LYS A 1 104 ? 7.073   -13.585 9.087   1.00 41.27 ? 133 LYS P N   1 
ATOM   836  C CA  . LYS A 1 104 ? 5.628   -13.446 9.008   1.00 40.40 ? 133 LYS P CA  1 
ATOM   837  C C   . LYS A 1 104 ? 5.361   -12.699 7.698   1.00 39.22 ? 133 LYS P C   1 
ATOM   838  O O   . LYS A 1 104 ? 6.184   -11.894 7.281   1.00 39.22 ? 133 LYS P O   1 
ATOM   839  C CB  . LYS A 1 104 ? 5.111   -12.622 10.186  1.00 42.86 ? 133 LYS P CB  1 
ATOM   840  C CG  . LYS A 1 104 ? 3.616   -12.750 10.404  1.00 45.11 ? 133 LYS P CG  1 
ATOM   841  C CD  . LYS A 1 104 ? 3.240   -14.203 10.684  1.00 47.78 ? 133 LYS P CD  1 
ATOM   842  N N   . ASP A 1 105 ? 4.229   -12.965 7.055   1.00 36.95 ? 134 ASP P N   1 
ATOM   843  C CA  . ASP A 1 105 ? 3.908   -12.285 5.800   1.00 36.26 ? 134 ASP P CA  1 
ATOM   844  C C   . ASP A 1 105 ? 2.841   -11.221 6.020   1.00 33.93 ? 134 ASP P C   1 
ATOM   845  O O   . ASP A 1 105 ? 1.895   -11.443 6.766   1.00 33.03 ? 134 ASP P O   1 
ATOM   846  C CB  . ASP A 1 105 ? 3.401   -13.294 4.751   1.00 36.32 ? 134 ASP P CB  1 
ATOM   847  C CG  . ASP A 1 105 ? 4.521   -14.134 4.131   1.00 36.83 ? 134 ASP P CG  1 
ATOM   848  O OD1 . ASP A 1 105 ? 4.196   -15.176 3.530   1.00 36.56 ? 134 ASP P OD1 1 
ATOM   849  O OD2 . ASP A 1 105 ? 5.707   -13.760 4.220   1.00 38.31 ? 134 ASP P OD2 1 
ATOM   850  N N   . TYR A 1 106 ? 2.987   -10.071 5.362   1.00 31.59 ? 135 TYR P N   1 
ATOM   851  C CA  . TYR A 1 106 ? 2.009   -8.996  5.486   1.00 31.57 ? 135 TYR P CA  1 
ATOM   852  C C   . TYR A 1 106 ? 1.596   -8.539  4.082   1.00 31.13 ? 135 TYR P C   1 
ATOM   853  O O   . TYR A 1 106 ? 2.399   -8.585  3.139   1.00 29.85 ? 135 TYR P O   1 
ATOM   854  C CB  . TYR A 1 106 ? 2.585   -7.823  6.304   1.00 31.80 ? 135 TYR P CB  1 
ATOM   855  C CG  . TYR A 1 106 ? 2.988   -8.246  7.708   1.00 32.38 ? 135 TYR P CG  1 
ATOM   856  C CD1 . TYR A 1 106 ? 4.207   -8.907  7.939   1.00 33.48 ? 135 TYR P CD1 1 
ATOM   857  C CD2 . TYR A 1 106 ? 2.124   -8.041  8.799   1.00 32.11 ? 135 TYR P CD2 1 
ATOM   858  C CE1 . TYR A 1 106 ? 4.562   -9.360  9.224   1.00 32.52 ? 135 TYR P CE1 1 
ATOM   859  C CE2 . TYR A 1 106 ? 2.470   -8.490  10.092  1.00 32.47 ? 135 TYR P CE2 1 
ATOM   860  C CZ  . TYR A 1 106 ? 3.685   -9.145  10.291  1.00 32.88 ? 135 TYR P CZ  1 
ATOM   861  O OH  . TYR A 1 106 ? 4.023   -9.591  11.550  1.00 35.10 ? 135 TYR P OH  1 
ATOM   862  N N   . TYR A 1 107 ? 0.347   -8.108  3.959   1.00 30.34 ? 136 TYR P N   1 
ATOM   863  C CA  . TYR A 1 107 ? -0.195  -7.705  2.672   1.00 29.67 ? 136 TYR P CA  1 
ATOM   864  C C   . TYR A 1 107 ? -0.787  -6.315  2.680   1.00 29.48 ? 136 TYR P C   1 
ATOM   865  O O   . TYR A 1 107 ? -1.452  -5.897  3.643   1.00 28.42 ? 136 TYR P O   1 
ATOM   866  C CB  . TYR A 1 107 ? -1.311  -8.667  2.240   1.00 32.46 ? 136 TYR P CB  1 
ATOM   867  C CG  . TYR A 1 107 ? -0.949  -10.134 2.315   1.00 36.74 ? 136 TYR P CG  1 
ATOM   868  C CD1 . TYR A 1 107 ? -0.902  -10.799 3.540   1.00 38.53 ? 136 TYR P CD1 1 
ATOM   869  C CD2 . TYR A 1 107 ? -0.615  -10.853 1.158   1.00 37.17 ? 136 TYR P CD2 1 
ATOM   870  C CE1 . TYR A 1 107 ? -0.522  -12.145 3.620   1.00 40.38 ? 136 TYR P CE1 1 
ATOM   871  C CE2 . TYR A 1 107 ? -0.242  -12.195 1.229   1.00 39.97 ? 136 TYR P CE2 1 
ATOM   872  C CZ  . TYR A 1 107 ? -0.196  -12.830 2.466   1.00 41.04 ? 136 TYR P CZ  1 
ATOM   873  O OH  . TYR A 1 107 ? 0.188   -14.151 2.554   1.00 43.36 ? 136 TYR P OH  1 
ATOM   874  N N   . ILE A 1 108 ? -0.597  -5.607  1.573   1.00 26.96 ? 137 ILE P N   1 
ATOM   875  C CA  . ILE A 1 108 ? -1.177  -4.288  1.458   1.00 25.68 ? 137 ILE P CA  1 
ATOM   876  C C   . ILE A 1 108 ? -1.871  -4.236  0.101   1.00 24.69 ? 137 ILE P C   1 
ATOM   877  O O   . ILE A 1 108 ? -1.284  -4.655  -0.904  1.00 25.77 ? 137 ILE P O   1 
ATOM   878  C CB  . ILE A 1 108 ? -0.090  -3.198  1.569   1.00 23.91 ? 137 ILE P CB  1 
ATOM   879  C CG1 . ILE A 1 108 ? 0.357   -3.068  3.044   1.00 23.69 ? 137 ILE P CG1 1 
ATOM   880  C CG2 . ILE A 1 108 ? -0.630  -1.860  1.064   1.00 23.80 ? 137 ILE P CG2 1 
ATOM   881  C CD1 . ILE A 1 108 ? 1.397   -2.002  3.274   1.00 23.30 ? 137 ILE P CD1 1 
ATOM   882  N N   . ILE A 1 109 ? -3.117  -3.763  0.070   1.00 24.38 ? 138 ILE P N   1 
ATOM   883  C CA  . ILE A 1 109 ? -3.845  -3.641  -1.206  1.00 24.80 ? 138 ILE P CA  1 
ATOM   884  C C   . ILE A 1 109 ? -4.684  -2.380  -1.250  1.00 24.55 ? 138 ILE P C   1 
ATOM   885  O O   . ILE A 1 109 ? -4.759  -1.637  -0.273  1.00 24.47 ? 138 ILE P O   1 
ATOM   886  C CB  . ILE A 1 109 ? -4.859  -4.825  -1.438  1.00 26.29 ? 138 ILE P CB  1 
ATOM   887  C CG1 . ILE A 1 109 ? -5.965  -4.785  -0.358  1.00 26.16 ? 138 ILE P CG1 1 
ATOM   888  C CG2 . ILE A 1 109 ? -4.125  -6.157  -1.453  1.00 25.83 ? 138 ILE P CG2 1 
ATOM   889  C CD1 . ILE A 1 109 ? -7.190  -5.737  -0.608  1.00 26.76 ? 138 ILE P CD1 1 
ATOM   890  N N   . SER A 1 110 ? -5.290  -2.124  -2.414  1.00 23.38 ? 139 SER P N   1 
ATOM   891  C CA  . SER A 1 110 ? -6.254  -1.034  -2.556  1.00 23.96 ? 139 SER P CA  1 
ATOM   892  C C   . SER A 1 110 ? -7.393  -1.593  -3.421  1.00 25.44 ? 139 SER P C   1 
ATOM   893  O O   . SER A 1 110 ? -7.136  -2.181  -4.468  1.00 24.34 ? 139 SER P O   1 
ATOM   894  C CB  . SER A 1 110 ? -5.680  0.189   -3.274  1.00 23.78 ? 139 SER P CB  1 
ATOM   895  O OG  . SER A 1 110 ? -6.709  1.170   -3.386  1.00 22.51 ? 139 SER P OG  1 
ATOM   896  N N   . THR A 1 111 ? -8.640  -1.449  -2.982  1.00 25.52 ? 140 THR P N   1 
ATOM   897  C CA  . THR A 1 111 ? -9.753  -1.909  -3.812  1.00 25.30 ? 140 THR P CA  1 
ATOM   898  C C   . THR A 1 111 ? -10.409 -0.688  -4.442  1.00 25.64 ? 140 THR P C   1 
ATOM   899  O O   . THR A 1 111 ? -11.498 -0.777  -5.002  1.00 24.98 ? 140 THR P O   1 
ATOM   900  C CB  . THR A 1 111 ? -10.796 -2.706  -3.027  1.00 25.68 ? 140 THR P CB  1 
ATOM   901  O OG1 . THR A 1 111 ? -11.240 -1.940  -1.894  1.00 25.82 ? 140 THR P OG1 1 
ATOM   902  C CG2 . THR A 1 111 ? -10.204 -4.033  -2.587  1.00 25.77 ? 140 THR P CG2 1 
ATOM   903  N N   . SER A 1 112 ? -9.733  0.458   -4.327  1.00 23.75 ? 141 SER P N   1 
ATOM   904  C CA  . SER A 1 112 ? -10.197 1.697   -4.950  1.00 23.57 ? 141 SER P CA  1 
ATOM   905  C C   . SER A 1 112 ? -9.902  1.474   -6.424  1.00 23.61 ? 141 SER P C   1 
ATOM   906  O O   . SER A 1 112 ? -9.075  0.629   -6.753  1.00 22.98 ? 141 SER P O   1 
ATOM   907  C CB  . SER A 1 112 ? -9.372  2.912   -4.478  1.00 23.89 ? 141 SER P CB  1 
ATOM   908  O OG  . SER A 1 112 ? -9.529  3.146   -3.082  1.00 26.02 ? 141 SER P OG  1 
ATOM   909  N N   . ASN A 1 113 ? -10.533 2.237   -7.316  1.00 24.70 ? 142 ASN P N   1 
ATOM   910  C CA  . ASN A 1 113 ? -10.241 2.056   -8.736  1.00 24.70 ? 142 ASN P CA  1 
ATOM   911  C C   . ASN A 1 113 ? -9.485  3.227   -9.338  1.00 25.53 ? 142 ASN P C   1 
ATOM   912  O O   . ASN A 1 113 ? -9.218  3.249   -10.530 1.00 25.86 ? 142 ASN P O   1 
ATOM   913  C CB  . ASN A 1 113 ? -11.533 1.759   -9.548  1.00 25.57 ? 142 ASN P CB  1 
ATOM   914  C CG  . ASN A 1 113 ? -12.581 2.853   -9.429  1.00 26.06 ? 142 ASN P CG  1 
ATOM   915  O OD1 . ASN A 1 113 ? -12.253 4.054   -9.415  1.00 24.06 ? 142 ASN P OD1 1 
ATOM   916  N ND2 . ASN A 1 113 ? -13.863 2.446   -9.360  1.00 24.34 ? 142 ASN P ND2 1 
ATOM   917  N N   . GLY A 1 114 ? -9.110  4.201   -8.515  1.00 26.19 ? 143 GLY P N   1 
ATOM   918  C CA  . GLY A 1 114 ? -8.365  5.334   -9.035  1.00 27.15 ? 143 GLY P CA  1 
ATOM   919  C C   . GLY A 1 114 ? -9.226  6.566   -9.255  1.00 28.26 ? 143 GLY P C   1 
ATOM   920  O O   . GLY A 1 114 ? -8.719  7.700   -9.245  1.00 29.63 ? 143 GLY P O   1 
ATOM   921  N N   . SER A 1 115 ? -10.528 6.363   -9.443  1.00 28.42 ? 144 SER P N   1 
ATOM   922  C CA  . SER A 1 115 ? -11.423 7.504   -9.663  1.00 27.79 ? 144 SER P CA  1 
ATOM   923  C C   . SER A 1 115 ? -11.967 8.044   -8.342  1.00 26.96 ? 144 SER P C   1 
ATOM   924  O O   . SER A 1 115 ? -12.071 7.309   -7.370  1.00 26.58 ? 144 SER P O   1 
ATOM   925  C CB  . SER A 1 115 ? -12.608 7.083   -10.533 1.00 26.90 ? 144 SER P CB  1 
ATOM   926  O OG  . SER A 1 115 ? -13.470 6.218   -9.815  1.00 26.46 ? 144 SER P OG  1 
ATOM   927  N N   . LEU A 1 116 ? -12.350 9.322   -8.321  1.00 28.31 ? 145 LEU P N   1 
ATOM   928  C CA  . LEU A 1 116 ? -12.928 9.901   -7.116  1.00 28.88 ? 145 LEU P CA  1 
ATOM   929  C C   . LEU A 1 116 ? -14.124 9.084   -6.660  1.00 30.33 ? 145 LEU P C   1 
ATOM   930  O O   . LEU A 1 116 ? -14.238 8.722   -5.477  1.00 28.93 ? 145 LEU P O   1 
ATOM   931  C CB  . LEU A 1 116 ? -13.384 11.342  -7.355  1.00 32.62 ? 145 LEU P CB  1 
ATOM   932  C CG  . LEU A 1 116 ? -14.316 11.866  -6.236  1.00 33.42 ? 145 LEU P CG  1 
ATOM   933  C CD1 . LEU A 1 116 ? -13.483 12.117  -4.971  1.00 35.29 ? 145 LEU P CD1 1 
ATOM   934  C CD2 . LEU A 1 116 ? -15.030 13.161  -6.669  1.00 35.60 ? 145 LEU P CD2 1 
ATOM   935  N N   . GLU A 1 117 ? -15.016 8.748   -7.596  1.00 29.62 ? 146 GLU P N   1 
ATOM   936  C CA  . GLU A 1 117 ? -16.193 7.994   -7.209  1.00 31.24 ? 146 GLU P CA  1 
ATOM   937  C C   . GLU A 1 117 ? -15.951 6.597   -6.631  1.00 30.49 ? 146 GLU P C   1 
ATOM   938  O O   . GLU A 1 117 ? -16.793 6.095   -5.882  1.00 30.23 ? 146 GLU P O   1 
ATOM   939  C CB  . GLU A 1 117 ? -17.179 7.905   -8.382  1.00 33.61 ? 146 GLU P CB  1 
ATOM   940  C CG  . GLU A 1 117 ? -17.719 9.273   -8.809  1.00 37.08 ? 146 GLU P CG  1 
ATOM   941  C CD  . GLU A 1 117 ? -16.699 10.128  -9.567  1.00 38.86 ? 146 GLU P CD  1 
ATOM   942  O OE1 . GLU A 1 117 ? -16.968 11.337  -9.716  1.00 41.29 ? 146 GLU P OE1 1 
ATOM   943  O OE2 . GLU A 1 117 ? -15.645 9.612   -10.021 1.00 37.28 ? 146 GLU P OE2 1 
ATOM   944  N N   . GLY A 1 118 ? -14.813 5.974   -6.956  1.00 29.20 ? 147 GLY P N   1 
ATOM   945  C CA  . GLY A 1 118 ? -14.561 4.636   -6.445  1.00 30.24 ? 147 GLY P CA  1 
ATOM   946  C C   . GLY A 1 118 ? -13.556 4.567   -5.309  1.00 30.60 ? 147 GLY P C   1 
ATOM   947  O O   . GLY A 1 118 ? -13.004 3.502   -5.014  1.00 29.26 ? 147 GLY P O   1 
ATOM   948  N N   . LEU A 1 119 ? -13.329 5.702   -4.652  1.00 30.26 ? 148 LEU P N   1 
ATOM   949  C CA  . LEU A 1 119 ? -12.352 5.768   -3.563  1.00 28.78 ? 148 LEU P CA  1 
ATOM   950  C C   . LEU A 1 119 ? -12.693 4.807   -2.425  1.00 29.54 ? 148 LEU P C   1 
ATOM   951  O O   . LEU A 1 119 ? -11.822 4.104   -1.894  1.00 30.01 ? 148 LEU P O   1 
ATOM   952  C CB  . LEU A 1 119 ? -12.279 7.212   -3.053  1.00 28.88 ? 148 LEU P CB  1 
ATOM   953  C CG  . LEU A 1 119 ? -11.322 7.472   -1.876  1.00 29.61 ? 148 LEU P CG  1 
ATOM   954  C CD1 . LEU A 1 119 ? -9.873  7.257   -2.329  1.00 29.34 ? 148 LEU P CD1 1 
ATOM   955  C CD2 . LEU A 1 119 ? -11.532 8.902   -1.354  1.00 30.30 ? 148 LEU P CD2 1 
ATOM   956  N N   . ASP A 1 120 ? -13.975 4.733   -2.093  1.00 30.99 ? 149 ASP P N   1 
ATOM   957  C CA  . ASP A 1 120 ? -14.448 3.883   -1.006  1.00 33.09 ? 149 ASP P CA  1 
ATOM   958  C C   . ASP A 1 120 ? -14.929 2.488   -1.382  1.00 33.08 ? 149 ASP P C   1 
ATOM   959  O O   . ASP A 1 120 ? -15.457 1.766   -0.532  1.00 33.06 ? 149 ASP P O   1 
ATOM   960  C CB  . ASP A 1 120 ? -15.550 4.624   -0.242  1.00 36.28 ? 149 ASP P CB  1 
ATOM   961  C CG  . ASP A 1 120 ? -15.031 5.889   0.427   1.00 39.67 ? 149 ASP P CG  1 
ATOM   962  O OD1 . ASP A 1 120 ? -14.000 5.798   1.116   1.00 40.55 ? 149 ASP P OD1 1 
ATOM   963  O OD2 . ASP A 1 120 ? -15.636 6.971   0.273   1.00 44.36 ? 149 ASP P OD2 1 
ATOM   964  N N   . ASN A 1 121 ? -14.729 2.099   -2.640  1.00 33.04 ? 150 ASN P N   1 
ATOM   965  C CA  . ASN A 1 121 ? -15.156 0.783   -3.108  1.00 34.47 ? 150 ASN P CA  1 
ATOM   966  C C   . ASN A 1 121 ? -14.443 -0.284  -2.314  1.00 34.26 ? 150 ASN P C   1 
ATOM   967  O O   . ASN A 1 121 ? -13.254 -0.189  -2.089  1.00 32.90 ? 150 ASN P O   1 
ATOM   968  C CB  . ASN A 1 121 ? -14.849 0.603   -4.594  1.00 35.66 ? 150 ASN P CB  1 
ATOM   969  C CG  . ASN A 1 121 ? -15.670 1.529   -5.473  1.00 36.81 ? 150 ASN P CG  1 
ATOM   970  O OD1 . ASN A 1 121 ? -16.453 2.352   -4.971  1.00 36.82 ? 150 ASN P OD1 1 
ATOM   971  N ND2 . ASN A 1 121 ? -15.496 1.408   -6.791  1.00 34.33 ? 150 ASN P ND2 1 
ATOM   972  N N   . GLN A 1 122 ? -15.168 -1.314  -1.914  1.00 35.48 ? 151 GLN P N   1 
ATOM   973  C CA  . GLN A 1 122 ? -14.562 -2.342  -1.092  1.00 38.36 ? 151 GLN P CA  1 
ATOM   974  C C   . GLN A 1 122 ? -14.266 -3.683  -1.718  1.00 37.82 ? 151 GLN P C   1 
ATOM   975  O O   . GLN A 1 122 ? -13.898 -4.629  -1.012  1.00 39.02 ? 151 GLN P O   1 
ATOM   976  C CB  . GLN A 1 122 ? -15.395 -2.493  0.174   1.00 40.73 ? 151 GLN P CB  1 
ATOM   977  C CG  . GLN A 1 122 ? -15.461 -1.161  0.901   1.00 47.08 ? 151 GLN P CG  1 
ATOM   978  C CD  . GLN A 1 122 ? -16.331 -1.191  2.120   1.00 51.68 ? 151 GLN P CD  1 
ATOM   979  O OE1 . GLN A 1 122 ? -17.500 -1.602  2.056   1.00 54.32 ? 151 GLN P OE1 1 
ATOM   980  N NE2 . GLN A 1 122 ? -15.781 -0.745  3.251   1.00 53.15 ? 151 GLN P NE2 1 
ATOM   981  N N   . GLU A 1 123 ? -14.399 -3.764  -3.040  1.00 37.10 ? 152 GLU P N   1 
ATOM   982  C CA  . GLU A 1 123 ? -14.107 -4.997  -3.753  1.00 36.80 ? 152 GLU P CA  1 
ATOM   983  C C   . GLU A 1 123 ? -13.538 -4.718  -5.144  1.00 34.51 ? 152 GLU P C   1 
ATOM   984  O O   . GLU A 1 123 ? -14.032 -3.834  -5.859  1.00 32.48 ? 152 GLU P O   1 
ATOM   985  C CB  . GLU A 1 123 ? -15.362 -5.866  -3.876  1.00 41.26 ? 152 GLU P CB  1 
ATOM   986  C CG  . GLU A 1 123 ? -15.067 -7.205  -4.559  1.00 48.20 ? 152 GLU P CG  1 
ATOM   987  C CD  . GLU A 1 123 ? -16.253 -8.172  -4.566  1.00 52.82 ? 152 GLU P CD  1 
ATOM   988  O OE1 . GLU A 1 123 ? -16.707 -8.563  -3.463  1.00 55.09 ? 152 GLU P OE1 1 
ATOM   989  O OE2 . GLU A 1 123 ? -16.719 -8.548  -5.673  1.00 53.83 ? 152 GLU P OE2 1 
ATOM   990  N N   . GLY A 1 124 ? -12.486 -5.456  -5.499  1.00 31.98 ? 153 GLY P N   1 
ATOM   991  C CA  . GLY A 1 124 ? -11.861 -5.310  -6.804  1.00 29.13 ? 153 GLY P CA  1 
ATOM   992  C C   . GLY A 1 124 ? -10.865 -4.172  -6.890  1.00 29.44 ? 153 GLY P C   1 
ATOM   993  O O   . GLY A 1 124 ? -9.850  -4.154  -6.169  1.00 28.03 ? 153 GLY P O   1 
ATOM   994  N N   . GLY A 1 125 ? -11.143 -3.223  -7.780  1.00 26.45 ? 154 GLY P N   1 
ATOM   995  C CA  . GLY A 1 125 ? -10.276 -2.080  -7.936  1.00 24.60 ? 154 GLY P CA  1 
ATOM   996  C C   . GLY A 1 125 ? -8.909  -2.459  -8.483  1.00 24.83 ? 154 GLY P C   1 
ATOM   997  O O   . GLY A 1 125 ? -8.747  -3.506  -9.107  1.00 21.52 ? 154 GLY P O   1 
ATOM   998  N N   . VAL A 1 126 ? -7.915  -1.608  -8.235  1.00 23.52 ? 155 VAL P N   1 
ATOM   999  C CA  . VAL A 1 126 ? -6.585  -1.872  -8.749  1.00 22.17 ? 155 VAL P CA  1 
ATOM   1000 C C   . VAL A 1 126 ? -5.924  -3.109  -8.179  1.00 23.00 ? 155 VAL P C   1 
ATOM   1001 O O   . VAL A 1 126 ? -4.961  -3.615  -8.763  1.00 23.83 ? 155 VAL P O   1 
ATOM   1002 C CB  . VAL A 1 126 ? -5.633  -0.657  -8.593  1.00 23.47 ? 155 VAL P CB  1 
ATOM   1003 C CG1 . VAL A 1 126 ? -6.110  0.494   -9.474  1.00 23.23 ? 155 VAL P CG1 1 
ATOM   1004 C CG2 . VAL A 1 126 ? -5.530  -0.231  -7.089  1.00 19.89 ? 155 VAL P CG2 1 
ATOM   1005 N N   . CYS A 1 127 ? -6.426  -3.603  -7.048  1.00 21.80 ? 156 CYS P N   1 
ATOM   1006 C CA  . CYS A 1 127 ? -5.887  -4.838  -6.476  1.00 23.81 ? 156 CYS P CA  1 
ATOM   1007 C C   . CYS A 1 127 ? -6.132  -5.944  -7.502  1.00 24.92 ? 156 CYS P C   1 
ATOM   1008 O O   . CYS A 1 127 ? -5.261  -6.759  -7.780  1.00 25.13 ? 156 CYS P O   1 
ATOM   1009 C CB  . CYS A 1 127 ? -6.647  -5.197  -5.213  1.00 22.64 ? 156 CYS P CB  1 
ATOM   1010 S SG  . CYS A 1 127 ? -6.322  -6.854  -4.533  1.00 27.09 ? 156 CYS P SG  1 
ATOM   1011 N N   . GLN A 1 128 ? -7.343  -5.914  -8.068  1.00 26.29 ? 157 GLN P N   1 
ATOM   1012 C CA  . GLN A 1 128 ? -7.856  -6.903  -9.022  1.00 24.78 ? 157 GLN P CA  1 
ATOM   1013 C C   . GLN A 1 128 ? -7.528  -6.670  -10.503 1.00 25.36 ? 157 GLN P C   1 
ATOM   1014 O O   . GLN A 1 128 ? -7.261  -7.634  -11.241 1.00 25.95 ? 157 GLN P O   1 
ATOM   1015 C CB  . GLN A 1 128 ? -9.380  -6.988  -8.822  1.00 26.70 ? 157 GLN P CB  1 
ATOM   1016 C CG  . GLN A 1 128 ? -10.055 -8.249  -9.358  1.00 27.47 ? 157 GLN P CG  1 
ATOM   1017 C CD  . GLN A 1 128 ? -11.477 -8.398  -8.836  1.00 29.51 ? 157 GLN P CD  1 
ATOM   1018 O OE1 . GLN A 1 128 ? -12.410 -7.758  -9.331  1.00 28.16 ? 157 GLN P OE1 1 
ATOM   1019 N NE2 . GLN A 1 128 ? -11.645 -9.233  -7.820  1.00 28.45 ? 157 GLN P NE2 1 
ATOM   1020 N N   . THR A 1 129 ? -7.514  -5.417  -10.943 1.00 24.97 ? 158 THR P N   1 
ATOM   1021 C CA  . THR A 1 129 ? -7.243  -5.144  -12.357 1.00 26.64 ? 158 THR P CA  1 
ATOM   1022 C C   . THR A 1 129 ? -5.808  -4.850  -12.742 1.00 27.84 ? 158 THR P C   1 
ATOM   1023 O O   . THR A 1 129 ? -5.435  -5.069  -13.898 1.00 29.30 ? 158 THR P O   1 
ATOM   1024 C CB  . THR A 1 129 ? -8.058  -3.951  -12.895 1.00 26.83 ? 158 THR P CB  1 
ATOM   1025 O OG1 . THR A 1 129 ? -7.655  -2.756  -12.215 1.00 28.69 ? 158 THR P OG1 1 
ATOM   1026 C CG2 . THR A 1 129 ? -9.560  -4.182  -12.697 1.00 23.08 ? 158 THR P CG2 1 
ATOM   1027 N N   . ARG A 1 130 ? -5.009  -4.361  -11.796 1.00 28.00 ? 159 ARG P N   1 
ATOM   1028 C CA  . ARG A 1 130 ? -3.626  -3.980  -12.072 1.00 27.52 ? 159 ARG P CA  1 
ATOM   1029 C C   . ARG A 1 130 ? -2.642  -4.598  -11.074 1.00 26.38 ? 159 ARG P C   1 
ATOM   1030 O O   . ARG A 1 130 ? -1.479  -4.197  -11.027 1.00 25.95 ? 159 ARG P O   1 
ATOM   1031 C CB  . ARG A 1 130 ? -3.465  -2.445  -11.990 1.00 31.29 ? 159 ARG P CB  1 
ATOM   1032 C CG  . ARG A 1 130 ? -4.374  -1.581  -12.875 1.00 35.78 ? 159 ARG P CG  1 
ATOM   1033 C CD  . ARG A 1 130 ? -3.844  -0.138  -12.808 1.00 36.86 ? 159 ARG P CD  1 
ATOM   1034 N NE  . ARG A 1 130 ? -4.413  0.790   -13.788 1.00 39.74 ? 159 ARG P NE  1 
ATOM   1035 C CZ  . ARG A 1 130 ? -5.566  1.441   -13.647 1.00 39.48 ? 159 ARG P CZ  1 
ATOM   1036 N NH1 . ARG A 1 130 ? -5.988  2.262   -14.600 1.00 38.85 ? 159 ARG P NH1 1 
ATOM   1037 N NH2 . ARG A 1 130 ? -6.296  1.273   -12.558 1.00 39.30 ? 159 ARG P NH2 1 
ATOM   1038 N N   . ALA A 1 131 ? -3.112  -5.541  -10.263 1.00 23.38 ? 160 ALA P N   1 
ATOM   1039 C CA  . ALA A 1 131 ? -2.255  -6.184  -9.262  1.00 24.08 ? 160 ALA P CA  1 
ATOM   1040 C C   . ALA A 1 131 ? -1.561  -5.149  -8.386  1.00 23.54 ? 160 ALA P C   1 
ATOM   1041 O O   . ALA A 1 131 ? -0.377  -5.281  -8.075  1.00 21.74 ? 160 ALA P O   1 
ATOM   1042 C CB  . ALA A 1 131 ? -1.180  -7.095  -9.931  1.00 23.47 ? 160 ALA P CB  1 
ATOM   1043 N N   . MET A 1 132 ? -2.281  -4.094  -8.025  1.00 23.24 ? 161 MET P N   1 
ATOM   1044 C CA  . MET A 1 132 ? -1.668  -3.102  -7.151  1.00 24.48 ? 161 MET P CA  1 
ATOM   1045 C C   . MET A 1 132 ? -1.832  -3.588  -5.712  1.00 24.35 ? 161 MET P C   1 
ATOM   1046 O O   . MET A 1 132 ? -2.787  -3.260  -5.004  1.00 24.00 ? 161 MET P O   1 
ATOM   1047 C CB  . MET A 1 132 ? -2.283  -1.731  -7.396  1.00 22.97 ? 161 MET P CB  1 
ATOM   1048 C CG  . MET A 1 132 ? -1.571  -1.037  -8.567  1.00 24.12 ? 161 MET P CG  1 
ATOM   1049 S SD  . MET A 1 132 ? -2.244  0.576   -8.969  1.00 27.80 ? 161 MET P SD  1 
ATOM   1050 C CE  . MET A 1 132 ? -1.475  1.599   -7.625  1.00 26.67 ? 161 MET P CE  1 
ATOM   1051 N N   . LYS A 1 133 ? -0.884  -4.426  -5.325  1.00 24.69 ? 162 LYS P N   1 
ATOM   1052 C CA  . LYS A 1 133 ? -0.853  -5.042  -4.011  1.00 26.70 ? 162 LYS P CA  1 
ATOM   1053 C C   . LYS A 1 133 ? 0.601   -5.313  -3.646  1.00 28.50 ? 162 LYS P C   1 
ATOM   1054 O O   . LYS A 1 133 ? 1.469   -5.411  -4.525  1.00 27.13 ? 162 LYS P O   1 
ATOM   1055 C CB  . LYS A 1 133 ? -1.636  -6.353  -4.024  1.00 29.90 ? 162 LYS P CB  1 
ATOM   1056 C CG  . LYS A 1 133 ? -1.236  -7.323  -5.118  1.00 33.39 ? 162 LYS P CG  1 
ATOM   1057 C CD  . LYS A 1 133 ? -2.385  -8.285  -5.381  1.00 37.43 ? 162 LYS P CD  1 
ATOM   1058 C CE  . LYS A 1 133 ? -2.148  -9.654  -4.775  1.00 41.97 ? 162 LYS P CE  1 
ATOM   1059 N NZ  . LYS A 1 133 ? -1.501  -10.643 -5.735  1.00 39.14 ? 162 LYS P NZ  1 
ATOM   1060 N N   . ILE A 1 134 ? 0.862   -5.436  -2.344  1.00 27.11 ? 163 ILE P N   1 
ATOM   1061 C CA  . ILE A 1 134 ? 2.221   -5.658  -1.877  1.00 26.35 ? 163 ILE P CA  1 
ATOM   1062 C C   . ILE A 1 134 ? 2.222   -6.813  -0.879  1.00 27.52 ? 163 ILE P C   1 
ATOM   1063 O O   . ILE A 1 134 ? 1.309   -6.924  -0.050  1.00 27.87 ? 163 ILE P O   1 
ATOM   1064 C CB  . ILE A 1 134 ? 2.784   -4.413  -1.130  1.00 27.19 ? 163 ILE P CB  1 
ATOM   1065 C CG1 . ILE A 1 134 ? 2.676   -3.144  -1.985  1.00 25.57 ? 163 ILE P CG1 1 
ATOM   1066 C CG2 . ILE A 1 134 ? 4.263   -4.651  -0.782  1.00 25.18 ? 163 ILE P CG2 1 
ATOM   1067 C CD1 . ILE A 1 134 ? 3.083   -1.882  -1.230  1.00 25.59 ? 163 ILE P CD1 1 
ATOM   1068 N N   . LEU A 1 135 ? 3.219   -7.681  -1.000  1.00 26.97 ? 164 LEU P N   1 
ATOM   1069 C CA  . LEU A 1 135 ? 3.416   -8.808  -0.074  1.00 29.47 ? 164 LEU P CA  1 
ATOM   1070 C C   . LEU A 1 135 ? 4.775   -8.502  0.580   1.00 29.86 ? 164 LEU P C   1 
ATOM   1071 O O   . LEU A 1 135 ? 5.772   -8.336  -0.117  1.00 30.26 ? 164 LEU P O   1 
ATOM   1072 C CB  . LEU A 1 135 ? 3.523   -10.141 -0.842  1.00 32.75 ? 164 LEU P CB  1 
ATOM   1073 C CG  . LEU A 1 135 ? 3.285   -11.487 -0.135  1.00 33.06 ? 164 LEU P CG  1 
ATOM   1074 C CD1 . LEU A 1 135 ? 4.102   -12.555 -0.850  1.00 33.71 ? 164 LEU P CD1 1 
ATOM   1075 C CD2 . LEU A 1 135 ? 3.656   -11.423 1.316   1.00 33.18 ? 164 LEU P CD2 1 
ATOM   1076 N N   . MET A 1 136 ? 4.814   -8.407  1.908   1.00 29.45 ? 165 MET P N   1 
ATOM   1077 C CA  . MET A 1 136 ? 6.054   -8.114  2.611   1.00 29.15 ? 165 MET P CA  1 
ATOM   1078 C C   . MET A 1 136 ? 6.407   -9.358  3.448   1.00 31.63 ? 165 MET P C   1 
ATOM   1079 O O   . MET A 1 136 ? 5.680   -9.735  4.373   1.00 30.21 ? 165 MET P O   1 
ATOM   1080 C CB  . MET A 1 136 ? 5.860   -6.871  3.496   1.00 27.93 ? 165 MET P CB  1 
ATOM   1081 C CG  . MET A 1 136 ? 5.611   -5.587  2.690   1.00 29.11 ? 165 MET P CG  1 
ATOM   1082 S SD  . MET A 1 136 ? 4.822   -4.276  3.675   1.00 30.27 ? 165 MET P SD  1 
ATOM   1083 C CE  . MET A 1 136 ? 3.188   -5.034  3.785   1.00 28.06 ? 165 MET P CE  1 
ATOM   1084 N N   . LYS A 1 137 ? 7.497   -10.018 3.074   1.00 33.24 ? 166 LYS P N   1 
ATOM   1085 C CA  . LYS A 1 137 ? 7.938   -11.227 3.773   1.00 36.62 ? 166 LYS P CA  1 
ATOM   1086 C C   . LYS A 1 137 ? 8.996   -10.768 4.749   1.00 38.09 ? 166 LYS P C   1 
ATOM   1087 O O   . LYS A 1 137 ? 10.196  -10.793 4.460   1.00 37.97 ? 166 LYS P O   1 
ATOM   1088 C CB  . LYS A 1 137 ? 8.497   -12.236 2.758   1.00 37.46 ? 166 LYS P CB  1 
ATOM   1089 C CG  . LYS A 1 137 ? 7.458   -12.607 1.685   1.00 37.50 ? 166 LYS P CG  1 
ATOM   1090 C CD  . LYS A 1 137 ? 7.971   -13.625 0.675   1.00 39.23 ? 166 LYS P CD  1 
ATOM   1091 C CE  . LYS A 1 137 ? 8.106   -15.009 1.276   1.00 39.50 ? 166 LYS P CE  1 
ATOM   1092 N NZ  . LYS A 1 137 ? 6.808   -15.526 1.812   1.00 40.91 ? 166 LYS P NZ  1 
ATOM   1093 N N   . VAL A 1 138 ? 8.511   -10.314 5.903   1.00 39.43 ? 167 VAL P N   1 
ATOM   1094 C CA  . VAL A 1 138 ? 9.357   -9.781  6.951   1.00 41.54 ? 167 VAL P CA  1 
ATOM   1095 C C   . VAL A 1 138 ? 10.329  -10.812 7.506   1.00 44.92 ? 167 VAL P C   1 
ATOM   1096 O O   . VAL A 1 138 ? 9.958   -11.963 7.757   1.00 44.12 ? 167 VAL P O   1 
ATOM   1097 C CB  . VAL A 1 138 ? 8.500   -9.216  8.093   1.00 40.77 ? 167 VAL P CB  1 
ATOM   1098 C CG1 . VAL A 1 138 ? 9.386   -8.605  9.182   1.00 38.33 ? 167 VAL P CG1 1 
ATOM   1099 C CG2 . VAL A 1 138 ? 7.532   -8.177  7.527   1.00 40.06 ? 167 VAL P CG2 1 
ATOM   1100 N N   . GLY A 1 139 ? 11.572  -10.368 7.691   1.00 47.82 ? 168 GLY P N   1 
ATOM   1101 C CA  . GLY A 1 139 ? 12.625  -11.212 8.224   1.00 51.90 ? 168 GLY P CA  1 
ATOM   1102 C C   . GLY A 1 139 ? 12.891  -12.455 7.405   1.00 54.71 ? 168 GLY P C   1 
ATOM   1103 O O   . GLY A 1 139 ? 13.096  -13.525 7.977   1.00 55.85 ? 168 GLY P O   1 
ATOM   1104 N N   . GLN A 1 140 ? 12.896  -12.329 6.077   1.00 56.34 ? 169 GLN P N   1 
ATOM   1105 C CA  . GLN A 1 140 ? 13.126  -13.490 5.214   1.00 58.83 ? 169 GLN P CA  1 
ATOM   1106 C C   . GLN A 1 140 ? 13.840  -13.121 3.918   1.00 61.17 ? 169 GLN P C   1 
ATOM   1107 O O   . GLN A 1 140 ? 14.363  -12.011 3.768   1.00 60.97 ? 169 GLN P O   1 
ATOM   1108 C CB  . GLN A 1 140 ? 11.789  -14.128 4.832   1.00 57.47 ? 169 GLN P CB  1 
ATOM   1109 C CG  . GLN A 1 140 ? 10.849  -14.428 5.977   1.00 57.13 ? 169 GLN P CG  1 
ATOM   1110 C CD  . GLN A 1 140 ? 9.404   -14.533 5.513   1.00 56.99 ? 169 GLN P CD  1 
ATOM   1111 O OE1 . GLN A 1 140 ? 9.090   -15.290 4.592   1.00 56.68 ? 169 GLN P OE1 1 
ATOM   1112 N NE2 . GLN A 1 140 ? 8.520   -13.771 6.149   1.00 55.32 ? 169 GLN P NE2 1 
ATOM   1113 N N   . ASP A 1 141 ? 13.858  -14.096 3.004   1.00 63.89 ? 170 ASP P N   1 
ATOM   1114 C CA  . ASP A 1 141 ? 14.391  -13.971 1.646   1.00 66.51 ? 170 ASP P CA  1 
ATOM   1115 C C   . ASP A 1 141 ? 14.641  -15.316 0.972   1.00 67.56 ? 170 ASP P C   1 
ATOM   1116 O O   . ASP A 1 141 ? 13.673  -15.851 0.377   1.00 67.63 ? 170 ASP P O   1 
ATOM   1117 C CB  . ASP A 1 141 ? 15.662  -13.128 1.591   1.00 67.43 ? 170 ASP P CB  1 
ATOM   1118 C CG  . ASP A 1 141 ? 15.696  -12.242 0.360   1.00 68.93 ? 170 ASP P CG  1 
ATOM   1119 O OD1 . ASP A 1 141 ? 15.564  -12.785 -0.760  1.00 69.67 ? 170 ASP P OD1 1 
ATOM   1120 O OD2 . ASP A 1 141 ? 15.835  -11.009 0.508   1.00 69.92 ? 170 ASP P OD2 1 
HETATM 1121 C C1  . NAG B 2 .   ? 4.003   7.322   -9.995  1.00 30.19 ? 1   NAG A C1  1 
HETATM 1122 C C2  . NAG B 2 .   ? 4.316   8.828   -9.834  1.00 32.55 ? 1   NAG A C2  1 
HETATM 1123 C C3  . NAG B 2 .   ? 5.658   9.191   -10.424 1.00 33.74 ? 1   NAG A C3  1 
HETATM 1124 C C4  . NAG B 2 .   ? 6.724   8.265   -9.905  1.00 35.52 ? 1   NAG A C4  1 
HETATM 1125 C C5  . NAG B 2 .   ? 6.343   6.823   -10.205 1.00 33.99 ? 1   NAG A C5  1 
HETATM 1126 C C6  . NAG B 2 .   ? 7.384   5.872   -9.676  1.00 33.85 ? 1   NAG A C6  1 
HETATM 1127 C C7  . NAG B 2 .   ? 2.398   10.289  -9.917  1.00 36.51 ? 1   NAG A C7  1 
HETATM 1128 C C8  . NAG B 2 .   ? 1.400   11.027  -10.805 1.00 36.44 ? 1   NAG A C8  1 
HETATM 1129 N N2  . NAG B 2 .   ? 3.341   9.612   -10.555 1.00 33.43 ? 1   NAG A N2  1 
HETATM 1130 O O3  . NAG B 2 .   ? 5.959   10.523  -10.061 1.00 35.87 ? 1   NAG A O3  1 
HETATM 1131 O O4  . NAG B 2 .   ? 7.988   8.586   -10.512 1.00 38.77 ? 1   NAG A O4  1 
HETATM 1132 O O5  . NAG B 2 .   ? 5.089   6.504   -9.554  1.00 31.48 ? 1   NAG A O5  1 
HETATM 1133 O O6  . NAG B 2 .   ? 7.275   4.598   -10.286 1.00 36.50 ? 1   NAG A O6  1 
HETATM 1134 O O7  . NAG B 2 .   ? 2.297   10.332  -8.677  1.00 37.54 ? 1   NAG A O7  1 
HETATM 1135 C C1  . NAG B 2 .   ? 8.923   9.096   -9.630  1.00 43.16 ? 2   NAG A C1  1 
HETATM 1136 C C2  . NAG B 2 .   ? 10.284  9.191   -10.302 1.00 44.16 ? 2   NAG A C2  1 
HETATM 1137 C C3  . NAG B 2 .   ? 11.289  9.880   -9.378  1.00 46.27 ? 2   NAG A C3  1 
HETATM 1138 C C4  . NAG B 2 .   ? 10.719  11.204  -8.811  1.00 47.67 ? 2   NAG A C4  1 
HETATM 1139 C C5  . NAG B 2 .   ? 9.335   10.973  -8.231  1.00 45.70 ? 2   NAG A C5  1 
HETATM 1140 C C6  . NAG B 2 .   ? 8.691   12.264  -7.759  1.00 45.65 ? 2   NAG A C6  1 
HETATM 1141 C C7  . NAG B 2 .   ? 10.564  7.355   -11.835 1.00 44.40 ? 2   NAG A C7  1 
HETATM 1142 C C8  . NAG B 2 .   ? 10.856  5.880   -12.023 1.00 43.61 ? 2   NAG A C8  1 
HETATM 1143 N N2  . NAG B 2 .   ? 10.765  7.862   -10.624 1.00 44.12 ? 2   NAG A N2  1 
HETATM 1144 O O3  . NAG B 2 .   ? 12.468  10.142  -10.128 1.00 46.46 ? 2   NAG A O3  1 
HETATM 1145 O O4  . NAG B 2 .   ? 11.558  11.727  -7.757  1.00 51.30 ? 2   NAG A O4  1 
HETATM 1146 O O5  . NAG B 2 .   ? 8.482   10.397  -9.233  1.00 43.66 ? 2   NAG A O5  1 
HETATM 1147 O O6  . NAG B 2 .   ? 8.673   13.244  -8.791  1.00 45.41 ? 2   NAG A O6  1 
HETATM 1148 O O7  . NAG B 2 .   ? 10.149  8.025   -12.781 1.00 45.02 ? 2   NAG A O7  1 
HETATM 1149 C C1  . MAN B 2 .   ? 12.874  12.005  -8.047  0.66 53.65 ? 3   MAN A C1  1 
HETATM 1150 C C2  . MAN B 2 .   ? 13.683  12.164  -6.749  0.66 54.84 ? 3   MAN A C2  1 
HETATM 1151 C C3  . MAN B 2 .   ? 13.433  13.513  -6.079  0.66 55.51 ? 3   MAN A C3  1 
HETATM 1152 C C4  . MAN B 2 .   ? 13.611  14.635  -7.093  0.66 56.05 ? 3   MAN A C4  1 
HETATM 1153 C C5  . MAN B 2 .   ? 12.646  14.412  -8.245  0.66 55.61 ? 3   MAN A C5  1 
HETATM 1154 C C6  . MAN B 2 .   ? 12.746  15.514  -9.287  0.66 56.52 ? 3   MAN A C6  1 
HETATM 1155 O O2  . MAN B 2 .   ? 15.063  12.014  -7.025  0.66 55.96 ? 3   MAN A O2  1 
HETATM 1156 O O3  . MAN B 2 .   ? 14.351  13.686  -5.009  0.66 56.68 ? 3   MAN A O3  1 
HETATM 1157 O O4  . MAN B 2 .   ? 13.361  15.895  -6.487  0.66 56.76 ? 3   MAN A O4  1 
HETATM 1158 O O5  . MAN B 2 .   ? 12.954  13.167  -8.906  0.66 54.43 ? 3   MAN A O5  1 
HETATM 1159 O O6  . MAN B 2 .   ? 14.090  15.711  -9.709  0.66 56.77 ? 3   MAN A O6  1 
HETATM 1160 O O   . HOH C 3 .   ? -9.499  -0.664  -11.207 1.00 24.83 ? 208 HOH P O   1 
HETATM 1161 O O   . HOH C 3 .   ? 11.425  4.582   1.810   1.00 27.81 ? 209 HOH P O   1 
HETATM 1162 O O   . HOH C 3 .   ? -3.308  10.783  -4.687  1.00 25.90 ? 210 HOH P O   1 
HETATM 1163 O O   . HOH C 3 .   ? -3.269  11.879  -2.112  1.00 26.87 ? 211 HOH P O   1 
HETATM 1164 O O   . HOH C 3 .   ? -10.491 5.359   -6.334  1.00 25.00 ? 212 HOH P O   1 
HETATM 1165 O O   . HOH C 3 .   ? -0.745  12.862  -3.056  1.00 29.94 ? 213 HOH P O   1 
HETATM 1166 O O   . HOH C 3 .   ? 8.036   2.851   -6.461  1.00 23.18 ? 214 HOH P O   1 
HETATM 1167 O O   . HOH C 3 .   ? 11.069  -1.225  -1.741  1.00 29.73 ? 215 HOH P O   1 
HETATM 1168 O O   . HOH C 3 .   ? 2.726   7.809   -6.396  1.00 24.06 ? 216 HOH P O   1 
HETATM 1169 O O   . HOH C 3 .   ? 4.775   -1.094  22.409  1.00 25.36 ? 217 HOH P O   1 
HETATM 1170 O O   . HOH C 3 .   ? -11.621 1.679   -0.696  1.00 29.71 ? 218 HOH P O   1 
HETATM 1171 O O   . HOH C 3 .   ? -2.005  10.731  -10.768 1.00 31.70 ? 219 HOH P O   1 
HETATM 1172 O O   . HOH C 3 .   ? 3.782   -11.456 -13.001 1.00 29.97 ? 220 HOH P O   1 
HETATM 1173 O O   . HOH C 3 .   ? 1.955   12.448  -2.597  1.00 25.66 ? 221 HOH P O   1 
HETATM 1174 O O   . HOH C 3 .   ? 3.913   10.461  -6.062  1.00 31.21 ? 222 HOH P O   1 
HETATM 1175 O O   . HOH C 3 .   ? -2.572  -7.589  -13.347 1.00 31.99 ? 223 HOH P O   1 
HETATM 1176 O O   . HOH C 3 .   ? -13.577 -1.201  -6.893  1.00 28.49 ? 224 HOH P O   1 
HETATM 1177 O O   . HOH C 3 .   ? -5.065  19.190  -1.441  1.00 25.93 ? 225 HOH P O   1 
HETATM 1178 O O   . HOH C 3 .   ? 8.618   1.804   18.343  1.00 27.09 ? 226 HOH P O   1 
HETATM 1179 O O   . HOH C 3 .   ? 4.546   13.364  -2.652  1.00 27.81 ? 227 HOH P O   1 
HETATM 1180 O O   . HOH C 3 .   ? 1.424   0.697   22.388  1.00 39.81 ? 228 HOH P O   1 
HETATM 1181 O O   . HOH C 3 .   ? 11.276  5.362   4.810   1.00 34.47 ? 229 HOH P O   1 
HETATM 1182 O O   . HOH C 3 .   ? -2.986  12.217  -8.511  1.00 28.46 ? 230 HOH P O   1 
HETATM 1183 O O   . HOH C 3 .   ? 3.513   -3.413  22.130  1.00 30.31 ? 231 HOH P O   1 
HETATM 1184 O O   . HOH C 3 .   ? -14.301 -0.395  -9.469  1.00 29.74 ? 232 HOH P O   1 
HETATM 1185 O O   . HOH C 3 .   ? 4.260   8.314   8.410   1.00 31.46 ? 233 HOH P O   1 
HETATM 1186 O O   . HOH C 3 .   ? 4.731   1.581   10.689  1.00 36.01 ? 234 HOH P O   1 
HETATM 1187 O O   . HOH C 3 .   ? -1.003  -8.314  6.548   1.00 33.22 ? 235 HOH P O   1 
HETATM 1188 O O   . HOH C 3 .   ? -5.202  -9.657  -7.727  1.00 35.06 ? 236 HOH P O   1 
HETATM 1189 O O   . HOH C 3 .   ? 11.052  -1.891  -4.607  1.00 35.76 ? 237 HOH P O   1 
HETATM 1190 O O   . HOH C 3 .   ? -4.818  -0.771  7.131   1.00 31.00 ? 238 HOH P O   1 
HETATM 1191 O O   . HOH C 3 .   ? -3.817  -10.010 -9.970  1.00 37.36 ? 239 HOH P O   1 
HETATM 1192 O O   . HOH C 3 .   ? 10.078  -1.381  -12.012 1.00 34.99 ? 240 HOH P O   1 
HETATM 1193 O O   . HOH C 3 .   ? 3.124   2.546   12.747  1.00 27.99 ? 241 HOH P O   1 
HETATM 1194 O O   . HOH C 3 .   ? -0.159  -4.214  13.745  1.00 42.56 ? 242 HOH P O   1 
HETATM 1195 O O   . HOH C 3 .   ? -19.128 3.307   -5.854  1.00 39.37 ? 243 HOH P O   1 
HETATM 1196 O O   . HOH C 3 .   ? -9.504  11.725  -11.892 1.00 42.34 ? 244 HOH P O   1 
HETATM 1197 O O   . HOH C 3 .   ? 8.376   -5.954  -8.673  1.00 42.26 ? 245 HOH P O   1 
HETATM 1198 O O   . HOH C 3 .   ? 7.510   -14.150 -10.453 1.00 40.81 ? 246 HOH P O   1 
HETATM 1199 O O   . HOH C 3 .   ? -9.565  -11.139 -6.680  1.00 32.23 ? 247 HOH P O   1 
HETATM 1200 O O   . HOH C 3 .   ? -8.802  1.293   -12.450 1.00 38.44 ? 248 HOH P O   1 
HETATM 1201 O O   . HOH C 3 .   ? 7.539   -8.215  -6.999  1.00 34.61 ? 249 HOH P O   1 
HETATM 1202 O O   . HOH C 3 .   ? -9.148  0.231   -0.758  1.00 30.23 ? 250 HOH P O   1 
HETATM 1203 O O   . HOH C 3 .   ? 11.765  3.929   -5.433  1.00 45.28 ? 251 HOH P O   1 
HETATM 1204 O O   . HOH C 3 .   ? 7.976   -10.927 -7.662  1.00 39.03 ? 252 HOH P O   1 
HETATM 1205 O O   . HOH C 3 .   ? 1.766   5.292   15.313  1.00 34.07 ? 253 HOH P O   1 
HETATM 1206 O O   . HOH C 3 .   ? -7.452  -11.002 -8.731  1.00 33.45 ? 254 HOH P O   1 
HETATM 1207 O O   . HOH C 3 .   ? 9.177   3.239   -8.938  1.00 35.65 ? 255 HOH P O   1 
HETATM 1208 O O   . HOH C 3 .   ? -11.782 10.682  -10.852 1.00 43.05 ? 256 HOH P O   1 
HETATM 1209 O O   . HOH C 3 .   ? 4.178   3.850   14.718  1.00 39.05 ? 257 HOH P O   1 
HETATM 1210 O O   . HOH C 3 .   ? -16.413 8.053   -12.202 1.00 38.82 ? 258 HOH P O   1 
HETATM 1211 O O   . HOH C 3 .   ? -7.372  21.045  -1.108  1.00 32.27 ? 259 HOH P O   1 
HETATM 1212 O O   . HOH C 3 .   ? 2.211   -8.965  -4.208  1.00 31.86 ? 260 HOH P O   1 
HETATM 1213 O O   . HOH C 3 .   ? 3.483   10.374  7.068   1.00 37.42 ? 261 HOH P O   1 
HETATM 1214 O O   . HOH C 3 .   ? 14.467  -9.314  10.664  1.00 37.17 ? 262 HOH P O   1 
HETATM 1215 O O   . HOH C 3 .   ? -5.663  12.528  2.135   1.00 33.10 ? 263 HOH P O   1 
HETATM 1216 O O   . HOH C 3 .   ? -15.730 9.672   -3.315  1.00 49.81 ? 264 HOH P O   1 
HETATM 1217 O O   . HOH C 3 .   ? 0.166   -1.217  -13.007 1.00 38.84 ? 265 HOH P O   1 
HETATM 1218 O O   . HOH C 3 .   ? 5.932   12.441  -4.679  1.00 34.70 ? 266 HOH P O   1 
HETATM 1219 O O   . HOH C 3 .   ? 1.870   19.140  -0.259  1.00 31.54 ? 267 HOH P O   1 
HETATM 1220 O O   . HOH C 3 .   ? 13.380  -2.885  -1.130  1.00 40.03 ? 268 HOH P O   1 
HETATM 1221 O O   . HOH C 3 .   ? 1.284   0.196   -11.163 1.00 36.79 ? 269 HOH P O   1 
HETATM 1222 O O   . HOH C 3 .   ? -12.820 1.673   1.940   1.00 39.98 ? 270 HOH P O   1 
HETATM 1223 O O   . HOH C 3 .   ? -8.467  7.418   6.864   1.00 44.77 ? 271 HOH P O   1 
HETATM 1224 O O   . HOH C 3 .   ? 16.908  -3.659  10.076  1.00 51.75 ? 272 HOH P O   1 
HETATM 1225 O O   . HOH C 3 .   ? 5.536   14.170  1.926   1.00 40.26 ? 273 HOH P O   1 
HETATM 1226 O O   . HOH C 3 .   ? -10.290 14.275  -10.985 1.00 33.94 ? 274 HOH P O   1 
HETATM 1227 O O   . HOH C 3 .   ? -3.037  -8.177  -15.937 1.00 44.77 ? 275 HOH P O   1 
HETATM 1228 O O   . HOH C 3 .   ? 2.216   16.253  3.848   1.00 41.85 ? 276 HOH P O   1 
HETATM 1229 O O   . HOH C 3 .   ? -4.506  -7.939  -11.437 1.00 34.16 ? 277 HOH P O   1 
HETATM 1230 O O   . HOH C 3 .   ? -9.527  5.204   -12.911 1.00 45.35 ? 278 HOH P O   1 
HETATM 1231 O O   . HOH C 3 .   ? -5.507  -13.722 -6.121  1.00 49.63 ? 279 HOH P O   1 
HETATM 1232 O O   . HOH C 3 .   ? 1.572   -7.999  13.994  1.00 43.98 ? 280 HOH P O   1 
HETATM 1233 O O   . HOH C 3 .   ? -16.999 10.104  -13.930 1.00 35.86 ? 281 HOH P O   1 
HETATM 1234 O O   . HOH C 3 .   ? -18.025 -0.811  -1.692  1.00 51.32 ? 282 HOH P O   1 
HETATM 1235 O O   . HOH C 3 .   ? -6.018  3.946   -11.429 1.00 43.91 ? 283 HOH P O   1 
HETATM 1236 O O   . HOH C 3 .   ? 12.726  7.057   1.493   1.00 37.89 ? 284 HOH P O   1 
HETATM 1237 O O   . HOH C 3 .   ? 3.279   9.169   -13.504 1.00 43.23 ? 285 HOH P O   1 
HETATM 1238 O O   . HOH C 3 .   ? -0.917  -1.205  17.645  1.00 49.35 ? 286 HOH P O   1 
HETATM 1239 O O   . HOH C 3 .   ? -18.313 3.117   -2.521  1.00 58.93 ? 287 HOH P O   1 
HETATM 1240 O O   . HOH C 3 .   ? 15.160  6.102   0.113   1.00 53.91 ? 288 HOH P O   1 
HETATM 1241 O O   . HOH C 3 .   ? -0.816  -10.961 7.633   1.00 38.57 ? 289 HOH P O   1 
HETATM 1242 O O   . HOH C 3 .   ? 15.219  -1.138  -1.291  1.00 50.16 ? 290 HOH P O   1 
HETATM 1243 O O   . HOH C 3 .   ? 11.369  5.150   -8.262  1.00 48.24 ? 291 HOH P O   1 
HETATM 1244 O O   . HOH C 3 .   ? 9.104   -15.170 -8.544  1.00 47.21 ? 292 HOH P O   1 
HETATM 1245 O O   . HOH C 3 .   ? 10.402  8.205   9.677   0.50 36.55 ? 293 HOH P O   1 
HETATM 1246 O O   . HOH C 3 .   ? -2.045  -16.043 -1.503  1.00 77.34 ? 294 HOH P O   1 
HETATM 1247 O O   . HOH C 3 .   ? -2.577  -0.003  23.915  1.00 55.17 ? 295 HOH P O   1 
HETATM 1248 O O   . HOH C 3 .   ? 11.337  -2.886  16.674  1.00 41.82 ? 296 HOH P O   1 
HETATM 1249 O O   . HOH C 3 .   ? 12.671  -16.958 -2.816  1.00 56.90 ? 297 HOH P O   1 
HETATM 1250 O O   . HOH C 3 .   ? -14.163 10.873  -11.704 1.00 40.40 ? 298 HOH P O   1 
HETATM 1251 O O   . HOH C 3 .   ? -12.274 -1.306  -11.441 0.50 25.35 ? 299 HOH P O   1 
HETATM 1252 O O   . HOH C 3 .   ? -0.104  -11.710 -2.559  1.00 45.31 ? 300 HOH P O   1 
HETATM 1253 O O   . HOH C 3 .   ? -7.471  8.584   -12.524 1.00 42.68 ? 301 HOH P O   1 
HETATM 1254 O O   . HOH C 3 .   ? 2.727   19.766  2.019   1.00 35.48 ? 302 HOH P O   1 
HETATM 1255 O O   . HOH C 3 .   ? 10.621  -17.286 3.022   1.00 50.65 ? 303 HOH P O   1 
HETATM 1256 O O   . HOH C 3 .   ? -6.861  -14.154 -8.334  1.00 60.51 ? 304 HOH P O   1 
HETATM 1257 O O   . HOH C 3 .   ? -7.480  -2.254  7.714   1.00 56.68 ? 305 HOH P O   1 
HETATM 1258 O O   . HOH C 3 .   ? 2.271   -7.808  17.504  1.00 47.43 ? 306 HOH P O   1 
HETATM 1259 O O   . HOH C 3 .   ? -16.410 5.705   -3.329  1.00 50.47 ? 307 HOH P O   1 
HETATM 1260 O O   . HOH C 3 .   ? 13.126  -20.304 1.493   1.00 58.89 ? 308 HOH P O   1 
HETATM 1261 O O   . HOH C 3 .   ? 19.505  3.162   4.432   1.00 51.45 ? 309 HOH P O   1 
HETATM 1262 O O   . HOH C 3 .   ? -13.834 8.735   1.507   1.00 50.63 ? 310 HOH P O   1 
HETATM 1263 O O   . HOH C 3 .   ? -5.546  -15.542 5.675   1.00 55.59 ? 311 HOH P O   1 
HETATM 1264 O O   . HOH C 3 .   ? 22.566  5.758   5.467   1.00 57.45 ? 312 HOH P O   1 
HETATM 1265 O O   . HOH C 3 .   ? -16.242 0.685   12.105  1.00 58.17 ? 313 HOH P O   1 
HETATM 1266 O O   . HOH C 3 .   ? 9.883   -10.433 15.710  1.00 42.54 ? 314 HOH P O   1 
HETATM 1267 O O   . HOH C 3 .   ? -11.236 6.496   -14.091 1.00 38.53 ? 315 HOH P O   1 
HETATM 1268 O O   . HOH C 3 .   ? -7.564  12.636  3.875   1.00 36.08 ? 316 HOH P O   1 
HETATM 1269 O O   . HOH C 3 .   ? 6.001   12.407  -0.385  1.00 52.01 ? 317 HOH P O   1 
HETATM 1270 O O   . HOH C 3 .   ? -11.781 14.896  -8.808  1.00 47.37 ? 318 HOH P O   1 
HETATM 1271 O O   . HOH C 3 .   ? 0.719   -4.269  -12.874 1.00 42.87 ? 319 HOH P O   1 
HETATM 1272 O O   . HOH C 3 .   ? 11.094  -4.149  -11.029 1.00 40.64 ? 320 HOH P O   1 
HETATM 1273 O O   . HOH C 3 .   ? 18.079  -4.987  6.473   1.00 49.56 ? 321 HOH P O   1 
HETATM 1274 O O   . HOH C 3 .   ? -9.388  12.588  -15.222 1.00 43.07 ? 322 HOH P O   1 
HETATM 1275 O O   . HOH C 3 .   ? 0.910   -14.407 -1.704  1.00 64.85 ? 323 HOH P O   1 
HETATM 1276 O O   . HOH C 3 .   ? 20.405  -7.640  -2.039  1.00 69.55 ? 324 HOH P O   1 
HETATM 1277 O O   . HOH C 3 .   ? 15.410  -15.561 -2.380  1.00 58.61 ? 325 HOH P O   1 
HETATM 1278 O O   . HOH C 3 .   ? -14.766 13.497  -11.881 0.50 56.70 ? 326 HOH P O   1 
HETATM 1279 O O   . HOH C 3 .   ? -3.296  -3.307  10.485  1.00 41.94 ? 327 HOH P O   1 
HETATM 1280 O O   . HOH C 3 .   ? -3.469  -0.925  9.323   1.00 50.49 ? 328 HOH P O   1 
HETATM 1281 O O   . HOH C 3 .   ? 12.953  -6.411  -0.620  1.00 38.75 ? 329 HOH P O   1 
HETATM 1282 O O   . HOH C 3 .   ? 7.860   2.566   -12.900 1.00 48.53 ? 330 HOH P O   1 
HETATM 1283 O O   . HOH C 3 .   ? -6.490  21.259  -11.542 1.00 48.17 ? 331 HOH P O   1 
HETATM 1284 O O   . HOH C 3 .   ? 8.789   12.129  -4.163  1.00 45.93 ? 332 HOH P O   1 
HETATM 1285 O O   . HOH C 3 .   ? -2.719  12.235  -18.514 1.00 49.32 ? 333 HOH P O   1 
HETATM 1286 O O   . HOH C 3 .   ? -1.745  15.375  -17.720 1.00 62.22 ? 334 HOH P O   1 
HETATM 1287 O O   . HOH C 3 .   ? -0.290  6.877   -12.601 1.00 64.23 ? 335 HOH P O   1 
HETATM 1288 O O   . HOH C 3 .   ? -4.826  5.570   -13.550 1.00 49.91 ? 336 HOH P O   1 
HETATM 1289 O O   . HOH C 3 .   ? -6.540  -17.814 4.923   1.00 59.56 ? 337 HOH P O   1 
HETATM 1290 O O   . HOH C 3 .   ? 10.219  9.442   5.133   1.00 60.81 ? 338 HOH P O   1 
HETATM 1291 O O   . HOH C 3 .   ? 0.888   -14.230 7.928   1.00 64.88 ? 339 HOH P O   1 
HETATM 1292 O O   . HOH C 3 .   ? 2.936   -15.623 7.393   1.00 50.80 ? 340 HOH P O   1 
HETATM 1293 O O   . HOH C 3 .   ? 14.812  20.958  -5.710  1.00 60.40 ? 341 HOH P O   1 
HETATM 1294 O O   . HOH C 3 .   ? 8.263   15.463  -2.110  1.00 77.67 ? 342 HOH P O   1 
HETATM 1295 O O   . HOH C 3 .   ? 11.724  13.888  1.332   1.00 67.32 ? 343 HOH P O   1 
HETATM 1296 O O   . HOH C 3 .   ? 19.746  12.899  -8.294  1.00 54.71 ? 344 HOH P O   1 
HETATM 1297 O O   . HOH C 3 .   ? 19.160  15.041  -10.119 1.00 70.01 ? 345 HOH P O   1 
HETATM 1298 O O   . HOH C 3 .   ? 17.455  16.789  -10.992 1.00 68.80 ? 346 HOH P O   1 
HETATM 1299 O O   . HOH C 3 .   ? 19.818  15.165  -8.036  1.00 74.05 ? 347 HOH P O   1 
HETATM 1300 O O   . HOH C 3 .   ? 13.106  2.090   -7.150  1.00 61.98 ? 348 HOH P O   1 
HETATM 1301 O O   . HOH C 3 .   ? 10.314  -4.057  -6.167  1.00 60.36 ? 349 HOH P O   1 
HETATM 1302 O O   . HOH C 3 .   ? 1.478   5.471   12.315  1.00 55.77 ? 350 HOH P O   1 
HETATM 1303 O O   . HOH C 3 .   ? -4.029  -10.013 -14.725 1.00 69.51 ? 351 HOH P O   1 
HETATM 1304 O O   . HOH C 3 .   ? -16.969 -2.293  -4.304  1.00 62.41 ? 352 HOH P O   1 
HETATM 1305 O O   . HOH C 3 .   ? -16.167 4.763   6.119   1.00 58.89 ? 353 HOH P O   1 
HETATM 1306 O O   . HOH C 3 .   ? -14.189 -0.511  16.194  1.00 58.69 ? 354 HOH P O   1 
HETATM 1307 O O   . HOH C 3 .   ? 16.820  -18.240 -1.177  1.00 67.66 ? 355 HOH P O   1 
HETATM 1308 O O   . HOH C 3 .   ? 16.535  -4.903  4.456   1.00 41.80 ? 356 HOH P O   1 
HETATM 1309 O O   . HOH C 3 .   ? -15.611 13.791  -9.651  1.00 67.21 ? 357 HOH P O   1 
HETATM 1310 O O   . HOH C 3 .   ? 10.762  23.552  -16.039 1.00 57.72 ? 358 HOH P O   1 
HETATM 1311 O O   . HOH C 3 .   ? 0.556   -15.011 5.189   1.00 63.60 ? 359 HOH P O   1 
HETATM 1312 O O   . HOH C 3 .   ? -5.363  -11.231 -5.555  1.00 49.95 ? 360 HOH P O   1 
HETATM 1313 O O   . HOH C 3 .   ? 0.291   -9.138  -1.995  1.00 48.30 ? 361 HOH P O   1 
HETATM 1314 O O   . HOH C 3 .   ? -5.459  -5.319  8.997   1.00 59.33 ? 362 HOH P O   1 
HETATM 1315 O O   . HOH C 3 .   ? -6.721  21.496  -3.970  1.00 53.68 ? 363 HOH P O   1 
HETATM 1316 O O   . HOH C 3 .   ? 10.140  0.910   -4.944  1.00 47.25 ? 364 HOH P O   1 
HETATM 1317 O O   . HOH C 3 .   ? 7.960   15.473  -5.433  1.00 54.31 ? 365 HOH P O   1 
HETATM 1318 O O   . HOH C 3 .   ? 15.025  18.015  0.028   1.00 57.53 ? 366 HOH P O   1 
HETATM 1319 O O   . HOH C 3 .   ? 16.822  13.456  -6.529  1.00 52.81 ? 367 HOH P O   1 
HETATM 1320 O O   . HOH C 3 .   ? -0.502  -5.068  10.819  1.00 52.58 ? 368 HOH P O   1 
HETATM 1321 O O   . HOH C 3 .   ? -2.020  19.562  -10.371 1.00 42.65 ? 369 HOH P O   1 
HETATM 1322 O O   . HOH C 3 .   ? 1.462   22.653  -9.750  1.00 67.20 ? 370 HOH P O   1 
HETATM 1323 O O   . HOH C 3 .   ? 4.215   13.782  -8.860  1.00 58.14 ? 371 HOH P O   1 
HETATM 1324 O O   . HOH C 3 .   ? 14.697  -0.070  -7.537  1.00 59.36 ? 372 HOH P O   1 
HETATM 1325 O O   . HOH C 3 .   ? 4.140   28.451  -16.747 1.00 60.12 ? 373 HOH P O   1 
HETATM 1326 O O   . HOH C 3 .   ? 2.798   -13.972 -6.748  1.00 69.52 ? 374 HOH P O   1 
HETATM 1327 O O   . HOH C 3 .   ? 14.802  11.637  -9.410  1.00 59.73 ? 375 HOH P O   1 
HETATM 1328 O O   . HOH C 3 .   ? 21.655  17.983  -7.147  1.00 71.02 ? 376 HOH P O   1 
HETATM 1329 O O   . HOH C 3 .   ? 10.243  13.738  -1.056  1.00 85.17 ? 377 HOH P O   1 
HETATM 1330 O O   . HOH C 3 .   ? 12.208  13.270  -1.839  1.00 53.83 ? 378 HOH P O   1 
HETATM 1331 O O   . HOH C 3 .   ? 14.257  14.265  -2.295  1.00 58.34 ? 379 HOH P O   1 
HETATM 1332 O O   . HOH C 3 .   ? 16.429  -5.220  1.593   1.00 59.87 ? 380 HOH P O   1 
HETATM 1333 O O   . HOH C 3 .   ? 21.065  -2.791  7.741   1.00 72.22 ? 381 HOH P O   1 
HETATM 1334 O O   . HOH C 3 .   ? 10.049  5.776   14.395  1.00 58.31 ? 382 HOH P O   1 
HETATM 1335 O O   . HOH C 3 .   ? -0.779  23.788  -4.836  1.00 63.73 ? 383 HOH P O   1 
HETATM 1336 O O   . HOH C 3 .   ? -13.636 -0.530  5.591   1.00 57.41 ? 384 HOH P O   1 
HETATM 1337 O O   . HOH C 3 .   ? -7.217  1.533   15.448  1.00 63.29 ? 385 HOH P O   1 
HETATM 1338 O O   . HOH C 3 .   ? 12.915  15.642  -4.356  1.00 70.31 ? 386 HOH P O   1 
HETATM 1339 O O   . HOH C 3 .   ? 17.177  15.803  -7.841  1.00 89.14 ? 387 HOH P O   1 
HETATM 1340 O O   . HOH C 3 .   ? -2.498  -13.069 6.811   1.00 57.81 ? 388 HOH P O   1 
HETATM 1341 O O   . HOH C 3 .   ? -7.186  -14.922 9.081   1.00 55.77 ? 389 HOH P O   1 
HETATM 1342 O O   . HOH C 3 .   ? -10.066 -19.006 4.475   1.00 62.92 ? 390 HOH P O   1 
HETATM 1343 O O   . HOH C 3 .   ? 9.863   -12.886 -5.075  1.00 63.25 ? 391 HOH P O   1 
HETATM 1344 O O   . HOH C 3 .   ? 5.564   -15.823 -2.108  1.00 60.26 ? 392 HOH P O   1 
HETATM 1345 O O   . HOH C 3 .   ? 6.780   -14.785 -4.512  1.00 65.13 ? 393 HOH P O   1 
HETATM 1346 O O   . HOH C 3 .   ? -1.844  -0.573  -14.879 1.00 67.07 ? 394 HOH P O   1 
HETATM 1347 O O   . HOH C 3 .   ? -6.071  1.328   -18.556 0.50 58.63 ? 395 HOH P O   1 
HETATM 1348 O O   . HOH C 3 .   ? -19.549 6.245   -5.240  1.00 62.28 ? 396 HOH P O   1 
HETATM 1349 O O   . HOH C 3 .   ? 15.038  -7.997  15.580  1.00 69.57 ? 397 HOH P O   1 
HETATM 1350 O O   . HOH C 3 .   ? 14.081  -13.515 11.775  1.00 57.89 ? 398 HOH P O   1 
HETATM 1351 O O   . HOH C 3 .   ? 9.420   -17.425 14.088  1.00 58.89 ? 399 HOH P O   1 
HETATM 1352 O O   . HOH C 3 .   ? -17.497 -6.223  6.118   1.00 67.38 ? 400 HOH P O   1 
HETATM 1353 O O   . HOH C 3 .   ? 19.099  10.647  -7.690  1.00 72.23 ? 401 HOH P O   1 
HETATM 1354 O O   . HOH C 3 .   ? 20.659  12.016  -6.396  1.00 64.81 ? 402 HOH P O   1 
HETATM 1355 O O   . HOH C 3 .   ? 17.214  16.133  -5.988  1.00 87.78 ? 403 HOH P O   1 
HETATM 1356 O O   . HOH C 3 .   ? 12.034  -19.824 11.439  1.00 59.13 ? 404 HOH P O   1 
HETATM 1357 O O   . HOH C 3 .   ? 13.199  -17.308 13.544  1.00 67.10 ? 405 HOH P O   1 
HETATM 1358 O O   . HOH C 3 .   ? 19.955  -9.026  8.004   1.00 63.38 ? 406 HOH P O   1 
HETATM 1359 O O   . HOH C 3 .   ? -14.003 2.484   8.376   1.00 68.93 ? 407 HOH P O   1 
HETATM 1360 O O   . HOH C 3 .   ? -18.023 1.200   13.127  1.00 70.87 ? 408 HOH P O   1 
# 
